data_3DTY
#
_entry.id   3DTY
#
_cell.length_a   94.281
_cell.length_b   80.930
_cell.length_c   110.544
_cell.angle_alpha   90.0
_cell.angle_beta   93.63
_cell.angle_gamma   90.0
#
_symmetry.space_group_name_H-M   'P 1 21 1'
#
loop_
_entity.id
_entity.type
_entity.pdbx_description
1 polymer 'Oxidoreductase, Gfo/Idh/MocA family'
2 non-polymer 'MAGNESIUM ION'
3 water water
#
_entity_poly.entity_id   1
_entity_poly.type   'polypeptide(L)'
_entity_poly.pdbx_seq_one_letter_code
;(MSE)SLNGSRRIPQPIRWA(MSE)VGGGSQSQIGYIHRCAALRDNTFVLVAGAFDIDPIRGSAFGEQLGVDSERCYADY
LS(MSE)FEQEARRADGIQAVSIATPNGTHYSITKAALEAGLHVVCEKPLCFTVEQAENLRELSHKHNRIVGVTYGYAGH
QLIEQARE(MSE)IAAGELGDVR(MSE)VH(MSE)QFAHGFHSAPVEAQSQATQWRVDPRQAGPSYVLGDVGTHPLYLSE
V(MSE)LPDLKIKRL(MSE)CSRQSFVASRAPLEDNAYTL(MSE)EYEGGA(MSE)G(MSE)VWSSAVNAGS(MSE)HGQ
KIRVIGSRASLEWWDERPNQLSFEVQGQPAQILERG(MSE)GYLHPNALIDDRIGGGHPEGLFEAWANLYYRFALA
(MSE)DATDRSDTQALSAVRYPGIDAGVEGVRWVERCVLSADNDSIWVAYEGHHHHHH
;
_entity_poly.pdbx_strand_id   A,B,D,E
#
loop_
_chem_comp.id
_chem_comp.type
_chem_comp.name
_chem_comp.formula
MG non-polymer 'MAGNESIUM ION' 'Mg 2'
#
# COMPACT_ATOMS: atom_id res chain seq x y z
N ARG A 7 -20.12 -33.12 -10.98
CA ARG A 7 -20.19 -34.17 -9.91
C ARG A 7 -21.48 -34.04 -9.10
N ARG A 8 -21.64 -32.89 -8.44
CA ARG A 8 -22.82 -32.64 -7.62
C ARG A 8 -24.02 -32.07 -8.39
N ILE A 9 -23.74 -31.51 -9.56
CA ILE A 9 -24.79 -30.96 -10.42
C ILE A 9 -24.60 -31.71 -11.73
N PRO A 10 -24.84 -33.03 -11.72
CA PRO A 10 -24.70 -33.93 -12.87
C PRO A 10 -25.31 -33.41 -14.17
N GLN A 11 -26.51 -32.85 -14.08
CA GLN A 11 -27.21 -32.32 -15.24
C GLN A 11 -27.33 -30.81 -15.08
N PRO A 12 -26.84 -30.03 -16.06
CA PRO A 12 -26.94 -28.58 -15.91
C PRO A 12 -28.39 -28.19 -15.65
N ILE A 13 -28.61 -27.26 -14.74
CA ILE A 13 -29.95 -26.82 -14.41
C ILE A 13 -30.56 -25.99 -15.55
N ARG A 14 -31.72 -26.43 -16.03
CA ARG A 14 -32.41 -25.72 -17.12
C ARG A 14 -32.70 -24.33 -16.59
N TRP A 15 -32.05 -23.35 -17.21
CA TRP A 15 -32.09 -21.97 -16.77
C TRP A 15 -32.62 -20.94 -17.76
N ALA A 16 -33.11 -19.83 -17.23
CA ALA A 16 -33.63 -18.73 -18.02
C ALA A 16 -33.34 -17.40 -17.34
N MSE A 17 -33.48 -16.32 -18.10
CA MSE A 17 -33.28 -14.98 -17.59
C MSE A 17 -34.43 -14.08 -18.02
O MSE A 17 -35.02 -14.27 -19.09
CB MSE A 17 -31.95 -14.38 -18.10
CG MSE A 17 -30.73 -14.76 -17.29
SE MSE A 17 -29.22 -13.53 -17.56
CE MSE A 17 -29.62 -12.28 -16.14
N VAL A 18 -34.74 -13.12 -17.17
CA VAL A 18 -35.78 -12.15 -17.45
C VAL A 18 -34.97 -10.87 -17.49
N GLY A 19 -34.93 -10.23 -18.66
CA GLY A 19 -34.14 -9.02 -18.81
C GLY A 19 -32.72 -9.48 -19.11
N GLY A 20 -31.74 -8.63 -18.86
CA GLY A 20 -30.36 -9.01 -19.12
C GLY A 20 -30.08 -9.18 -20.61
N GLY A 21 -30.86 -8.48 -21.43
CA GLY A 21 -30.69 -8.56 -22.87
C GLY A 21 -29.59 -7.68 -23.42
N SER A 22 -29.70 -7.35 -24.70
CA SER A 22 -28.71 -6.53 -25.40
C SER A 22 -28.27 -5.26 -24.65
N GLN A 23 -29.24 -4.51 -24.13
CA GLN A 23 -28.96 -3.28 -23.42
C GLN A 23 -28.59 -3.41 -21.94
N SER A 24 -28.71 -4.62 -21.40
CA SER A 24 -28.40 -4.82 -19.98
C SER A 24 -26.95 -4.64 -19.60
N GLN A 25 -26.72 -4.06 -18.43
CA GLN A 25 -25.38 -3.85 -17.93
C GLN A 25 -24.98 -4.93 -16.93
N ILE A 26 -25.92 -5.80 -16.58
CA ILE A 26 -25.65 -6.86 -15.61
C ILE A 26 -25.92 -8.27 -16.14
N GLY A 27 -26.44 -8.35 -17.36
CA GLY A 27 -26.72 -9.65 -17.94
C GLY A 27 -25.47 -10.47 -18.16
N TYR A 28 -24.36 -9.80 -18.49
CA TYR A 28 -23.12 -10.51 -18.76
C TYR A 28 -22.57 -11.27 -17.55
N ILE A 29 -22.39 -10.60 -16.42
CA ILE A 29 -21.84 -11.31 -15.26
C ILE A 29 -22.77 -12.45 -14.81
N HIS A 30 -24.08 -12.27 -14.95
CA HIS A 30 -25.02 -13.33 -14.59
C HIS A 30 -24.77 -14.57 -15.47
N ARG A 31 -24.64 -14.35 -16.77
CA ARG A 31 -24.40 -15.47 -17.69
C ARG A 31 -23.06 -16.14 -17.46
N CYS A 32 -22.00 -15.35 -17.35
CA CYS A 32 -20.67 -15.89 -17.12
C CYS A 32 -20.66 -16.74 -15.86
N ALA A 33 -21.29 -16.23 -14.81
CA ALA A 33 -21.33 -16.95 -13.54
C ALA A 33 -22.16 -18.22 -13.59
N ALA A 34 -23.36 -18.13 -14.13
CA ALA A 34 -24.25 -19.27 -14.19
C ALA A 34 -23.78 -20.38 -15.13
N LEU A 35 -23.26 -19.99 -16.29
CA LEU A 35 -22.81 -20.97 -17.28
C LEU A 35 -21.44 -21.56 -16.99
N ARG A 36 -20.68 -20.96 -16.08
CA ARG A 36 -19.36 -21.49 -15.78
C ARG A 36 -19.46 -22.91 -15.24
N ASP A 37 -18.57 -23.77 -15.71
CA ASP A 37 -18.54 -25.18 -15.31
C ASP A 37 -19.86 -25.88 -15.66
N ASN A 38 -20.64 -25.28 -16.54
CA ASN A 38 -21.93 -25.83 -16.97
C ASN A 38 -22.87 -26.16 -15.82
N THR A 39 -22.86 -25.31 -14.79
CA THR A 39 -23.73 -25.51 -13.65
C THR A 39 -25.17 -25.26 -14.08
N PHE A 40 -25.33 -24.30 -15.00
CA PHE A 40 -26.64 -23.96 -15.53
C PHE A 40 -26.55 -23.99 -17.05
N VAL A 41 -27.69 -24.10 -17.70
CA VAL A 41 -27.74 -24.06 -19.16
C VAL A 41 -28.91 -23.17 -19.53
N LEU A 42 -28.62 -22.13 -20.30
CA LEU A 42 -29.63 -21.17 -20.72
C LEU A 42 -30.46 -21.72 -21.88
N VAL A 43 -31.73 -22.03 -21.63
CA VAL A 43 -32.58 -22.59 -22.69
C VAL A 43 -33.79 -21.73 -23.04
N ALA A 44 -34.01 -20.68 -22.28
CA ALA A 44 -35.15 -19.81 -22.54
C ALA A 44 -34.90 -18.44 -21.92
N GLY A 45 -35.76 -17.48 -22.26
CA GLY A 45 -35.63 -16.15 -21.71
C GLY A 45 -36.64 -15.13 -22.21
N ALA A 46 -36.79 -14.07 -21.43
CA ALA A 46 -37.67 -12.95 -21.75
C ALA A 46 -36.69 -11.79 -21.62
N PHE A 47 -35.73 -11.78 -22.54
CA PHE A 47 -34.63 -10.83 -22.61
C PHE A 47 -34.90 -9.35 -22.89
N ASP A 48 -35.99 -9.03 -23.59
CA ASP A 48 -36.22 -7.64 -23.95
C ASP A 48 -37.68 -7.25 -24.04
N ILE A 49 -37.97 -5.98 -23.77
CA ILE A 49 -39.33 -5.48 -23.87
C ILE A 49 -39.65 -5.37 -25.36
N ASP A 50 -38.60 -5.33 -26.17
CA ASP A 50 -38.70 -5.26 -27.62
C ASP A 50 -38.51 -6.68 -28.15
N PRO A 51 -39.60 -7.30 -28.63
CA PRO A 51 -39.63 -8.66 -29.18
C PRO A 51 -38.50 -9.02 -30.15
N ILE A 52 -38.36 -8.22 -31.20
CA ILE A 52 -37.34 -8.45 -32.20
C ILE A 52 -35.91 -8.41 -31.66
N ARG A 53 -35.62 -7.41 -30.83
CA ARG A 53 -34.28 -7.27 -30.27
C ARG A 53 -34.01 -8.38 -29.24
N GLY A 54 -35.07 -8.83 -28.59
CA GLY A 54 -34.93 -9.90 -27.62
C GLY A 54 -34.66 -11.20 -28.32
N SER A 55 -35.39 -11.45 -29.41
CA SER A 55 -35.19 -12.67 -30.19
C SER A 55 -33.81 -12.69 -30.82
N ALA A 56 -33.40 -11.56 -31.38
CA ALA A 56 -32.07 -11.47 -31.99
C ALA A 56 -31.03 -11.85 -30.94
N PHE A 57 -31.06 -11.13 -29.81
CA PHE A 57 -30.13 -11.38 -28.70
C PHE A 57 -30.17 -12.85 -28.29
N GLY A 58 -31.36 -13.35 -28.01
CA GLY A 58 -31.52 -14.73 -27.60
C GLY A 58 -30.95 -15.77 -28.54
N GLU A 59 -31.12 -15.56 -29.85
CA GLU A 59 -30.62 -16.51 -30.83
C GLU A 59 -29.09 -16.46 -30.87
N GLN A 60 -28.52 -15.30 -30.58
CA GLN A 60 -27.07 -15.15 -30.56
C GLN A 60 -26.46 -15.93 -29.39
N LEU A 61 -27.32 -16.31 -28.44
CA LEU A 61 -26.88 -17.06 -27.27
C LEU A 61 -27.17 -18.54 -27.47
N GLY A 62 -27.72 -18.88 -28.63
CA GLY A 62 -28.02 -20.28 -28.91
C GLY A 62 -29.32 -20.75 -28.31
N VAL A 63 -30.17 -19.80 -27.94
CA VAL A 63 -31.47 -20.10 -27.34
C VAL A 63 -32.53 -20.37 -28.42
N ASP A 64 -33.30 -21.43 -28.23
CA ASP A 64 -34.38 -21.78 -29.18
C ASP A 64 -35.24 -20.55 -29.45
N SER A 65 -35.36 -20.17 -30.72
CA SER A 65 -36.15 -19.01 -31.10
C SER A 65 -37.56 -19.03 -30.50
N GLU A 66 -38.14 -20.21 -30.40
CA GLU A 66 -39.48 -20.34 -29.84
C GLU A 66 -39.46 -20.22 -28.31
N ARG A 67 -38.28 -20.13 -27.72
CA ARG A 67 -38.17 -20.00 -26.28
C ARG A 67 -37.68 -18.62 -25.86
N CYS A 68 -37.68 -17.70 -26.82
CA CYS A 68 -37.33 -16.31 -26.58
C CYS A 68 -38.68 -15.64 -26.44
N TYR A 69 -39.27 -15.74 -25.26
CA TYR A 69 -40.58 -15.20 -24.96
C TYR A 69 -40.67 -13.68 -24.96
N ALA A 70 -41.88 -13.18 -25.21
CA ALA A 70 -42.11 -11.74 -25.27
C ALA A 70 -42.17 -11.13 -23.88
N ASP A 71 -42.62 -11.92 -22.90
CA ASP A 71 -42.72 -11.44 -21.52
C ASP A 71 -42.52 -12.58 -20.53
N TYR A 72 -42.18 -12.23 -19.29
CA TYR A 72 -41.95 -13.25 -18.28
C TYR A 72 -43.16 -14.14 -18.02
N LEU A 73 -44.37 -13.59 -18.11
CA LEU A 73 -45.58 -14.38 -17.88
C LEU A 73 -45.79 -15.47 -18.94
N SER A 74 -45.71 -15.10 -20.21
CA SER A 74 -45.89 -16.09 -21.26
C SER A 74 -44.81 -17.17 -21.11
N MSE A 75 -43.60 -16.76 -20.72
CA MSE A 75 -42.52 -17.73 -20.54
C MSE A 75 -42.87 -18.71 -19.42
O MSE A 75 -42.81 -19.94 -19.61
CB MSE A 75 -41.19 -17.04 -20.20
CG MSE A 75 -40.09 -18.02 -19.79
SE MSE A 75 -38.28 -17.34 -19.93
CE MSE A 75 -38.16 -16.40 -18.24
N PHE A 76 -43.23 -18.19 -18.25
CA PHE A 76 -43.56 -19.06 -17.12
C PHE A 76 -44.71 -20.02 -17.46
N GLU A 77 -45.76 -19.49 -18.07
CA GLU A 77 -46.92 -20.31 -18.44
C GLU A 77 -46.60 -21.44 -19.42
N GLN A 78 -45.93 -21.10 -20.52
CA GLN A 78 -45.58 -22.06 -21.55
C GLN A 78 -44.47 -23.04 -21.16
N GLU A 79 -43.45 -22.54 -20.46
CA GLU A 79 -42.37 -23.40 -20.03
C GLU A 79 -42.87 -24.46 -19.06
N ALA A 80 -43.87 -24.08 -18.27
CA ALA A 80 -44.44 -25.00 -17.27
C ALA A 80 -45.11 -26.21 -17.92
N ARG A 81 -45.40 -26.10 -19.21
CA ARG A 81 -46.07 -27.19 -19.92
C ARG A 81 -45.08 -28.13 -20.58
N ARG A 82 -43.81 -27.74 -20.57
CA ARG A 82 -42.75 -28.52 -21.18
C ARG A 82 -42.04 -29.45 -20.19
N ALA A 83 -41.66 -30.63 -20.65
CA ALA A 83 -40.97 -31.60 -19.80
C ALA A 83 -39.55 -31.12 -19.57
N ASP A 84 -39.02 -30.41 -20.55
CA ASP A 84 -37.66 -29.89 -20.48
C ASP A 84 -37.76 -28.39 -20.21
N GLY A 85 -38.83 -28.00 -19.51
CA GLY A 85 -39.02 -26.60 -19.19
C GLY A 85 -38.04 -26.09 -18.15
N ILE A 86 -37.81 -24.79 -18.12
CA ILE A 86 -36.88 -24.21 -17.16
C ILE A 86 -37.15 -24.64 -15.72
N GLN A 87 -36.08 -24.77 -14.96
CA GLN A 87 -36.15 -25.15 -13.55
C GLN A 87 -35.85 -23.94 -12.68
N ALA A 88 -35.16 -22.98 -13.26
CA ALA A 88 -34.78 -21.77 -12.53
C ALA A 88 -34.74 -20.53 -13.41
N VAL A 89 -34.86 -19.37 -12.79
CA VAL A 89 -34.83 -18.12 -13.54
C VAL A 89 -34.11 -17.00 -12.78
N SER A 90 -33.34 -16.21 -13.51
CA SER A 90 -32.61 -15.09 -12.93
C SER A 90 -33.28 -13.82 -13.45
N ILE A 91 -33.65 -12.94 -12.52
CA ILE A 91 -34.34 -11.70 -12.84
C ILE A 91 -33.33 -10.56 -12.84
N ALA A 92 -33.17 -9.90 -13.99
CA ALA A 92 -32.22 -8.81 -14.09
C ALA A 92 -32.87 -7.54 -14.63
N THR A 93 -34.18 -7.43 -14.45
CA THR A 93 -34.92 -6.26 -14.89
C THR A 93 -34.81 -5.18 -13.81
N PRO A 94 -35.33 -3.97 -14.10
CA PRO A 94 -35.27 -2.89 -13.11
C PRO A 94 -35.87 -3.26 -11.75
N ASN A 95 -35.25 -2.75 -10.69
CA ASN A 95 -35.64 -3.00 -9.31
C ASN A 95 -37.13 -3.02 -9.00
N GLY A 96 -37.89 -2.13 -9.61
CA GLY A 96 -39.33 -2.09 -9.35
C GLY A 96 -40.10 -3.33 -9.79
N THR A 97 -39.50 -4.14 -10.66
CA THR A 97 -40.21 -5.33 -11.15
C THR A 97 -39.85 -6.60 -10.40
N HIS A 98 -38.80 -6.56 -9.60
CA HIS A 98 -38.34 -7.73 -8.88
C HIS A 98 -39.43 -8.44 -8.06
N TYR A 99 -40.24 -7.68 -7.34
CA TYR A 99 -41.27 -8.29 -6.53
C TYR A 99 -42.28 -9.13 -7.32
N SER A 100 -42.89 -8.53 -8.35
CA SER A 100 -43.91 -9.24 -9.12
C SER A 100 -43.35 -10.42 -9.92
N ILE A 101 -42.17 -10.24 -10.51
CA ILE A 101 -41.60 -11.32 -11.28
C ILE A 101 -41.20 -12.49 -10.37
N THR A 102 -40.58 -12.19 -9.23
CA THR A 102 -40.20 -13.25 -8.30
C THR A 102 -41.44 -14.00 -7.82
N LYS A 103 -42.53 -13.27 -7.59
CA LYS A 103 -43.78 -13.88 -7.14
C LYS A 103 -44.31 -14.84 -8.20
N ALA A 104 -44.40 -14.35 -9.44
CA ALA A 104 -44.90 -15.16 -10.55
C ALA A 104 -44.02 -16.40 -10.74
N ALA A 105 -42.71 -16.22 -10.68
CA ALA A 105 -41.80 -17.34 -10.83
C ALA A 105 -42.03 -18.38 -9.74
N LEU A 106 -42.12 -17.94 -8.49
CA LEU A 106 -42.34 -18.88 -7.39
C LEU A 106 -43.68 -19.61 -7.55
N GLU A 107 -44.73 -18.85 -7.87
CA GLU A 107 -46.05 -19.44 -8.05
C GLU A 107 -46.01 -20.43 -9.20
N ALA A 108 -45.06 -20.26 -10.11
CA ALA A 108 -44.91 -21.14 -11.24
C ALA A 108 -43.95 -22.30 -10.93
N GLY A 109 -43.59 -22.45 -9.66
CA GLY A 109 -42.71 -23.53 -9.25
C GLY A 109 -41.27 -23.40 -9.72
N LEU A 110 -40.79 -22.16 -9.83
CA LEU A 110 -39.42 -21.95 -10.28
C LEU A 110 -38.48 -21.44 -9.20
N HIS A 111 -37.27 -21.97 -9.16
CA HIS A 111 -36.28 -21.48 -8.20
C HIS A 111 -35.89 -20.13 -8.80
N VAL A 112 -35.67 -19.15 -7.93
CA VAL A 112 -35.32 -17.81 -8.39
C VAL A 112 -33.98 -17.29 -7.89
N VAL A 113 -33.33 -16.51 -8.74
CA VAL A 113 -32.09 -15.84 -8.40
C VAL A 113 -32.44 -14.42 -8.80
N CYS A 114 -32.60 -13.55 -7.80
CA CYS A 114 -32.99 -12.18 -8.06
C CYS A 114 -31.87 -11.18 -7.82
N GLU A 115 -31.72 -10.26 -8.76
CA GLU A 115 -30.71 -9.22 -8.65
C GLU A 115 -31.21 -8.39 -7.48
N LYS A 116 -30.34 -8.03 -6.54
CA LYS A 116 -30.82 -7.23 -5.44
C LYS A 116 -31.25 -5.87 -5.99
N PRO A 117 -32.20 -5.22 -5.31
CA PRO A 117 -32.81 -5.74 -4.09
C PRO A 117 -33.91 -6.73 -4.44
N LEU A 118 -34.35 -7.49 -3.45
CA LEU A 118 -35.42 -8.46 -3.63
C LEU A 118 -36.73 -7.73 -3.95
N CYS A 119 -36.93 -6.62 -3.27
CA CYS A 119 -38.13 -5.80 -3.45
C CYS A 119 -37.93 -4.52 -2.65
N PHE A 120 -38.99 -3.72 -2.51
CA PHE A 120 -38.87 -2.45 -1.80
C PHE A 120 -39.40 -2.41 -0.36
N THR A 121 -40.43 -3.20 -0.07
CA THR A 121 -41.01 -3.18 1.26
C THR A 121 -40.88 -4.53 1.99
N VAL A 122 -40.83 -4.46 3.32
CA VAL A 122 -40.73 -5.66 4.14
C VAL A 122 -41.95 -6.56 3.94
N GLU A 123 -43.13 -5.96 3.82
CA GLU A 123 -44.37 -6.72 3.61
C GLU A 123 -44.27 -7.55 2.34
N GLN A 124 -43.76 -6.95 1.26
CA GLN A 124 -43.60 -7.68 0.01
C GLN A 124 -42.57 -8.78 0.24
N ALA A 125 -41.46 -8.43 0.89
CA ALA A 125 -40.41 -9.40 1.19
C ALA A 125 -40.96 -10.62 1.93
N GLU A 126 -41.78 -10.38 2.95
CA GLU A 126 -42.36 -11.47 3.73
C GLU A 126 -43.31 -12.31 2.88
N ASN A 127 -43.91 -11.70 1.86
CA ASN A 127 -44.81 -12.42 0.96
C ASN A 127 -44.01 -13.41 0.11
N LEU A 128 -42.87 -12.96 -0.40
CA LEU A 128 -42.03 -13.81 -1.23
C LEU A 128 -41.49 -14.98 -0.38
N ARG A 129 -41.12 -14.67 0.86
CA ARG A 129 -40.62 -15.70 1.78
C ARG A 129 -41.71 -16.75 2.03
N GLU A 130 -42.94 -16.27 2.24
CA GLU A 130 -44.08 -17.17 2.45
C GLU A 130 -44.24 -18.09 1.23
N LEU A 131 -44.26 -17.49 0.04
CA LEU A 131 -44.41 -18.25 -1.20
C LEU A 131 -43.25 -19.20 -1.44
N SER A 132 -42.05 -18.77 -1.05
CA SER A 132 -40.87 -19.59 -1.21
C SER A 132 -41.01 -20.88 -0.41
N HIS A 133 -41.47 -20.77 0.83
CA HIS A 133 -41.64 -21.95 1.66
C HIS A 133 -42.80 -22.80 1.13
N LYS A 134 -43.88 -22.16 0.73
CA LYS A 134 -45.05 -22.85 0.22
C LYS A 134 -44.75 -23.69 -1.01
N HIS A 135 -44.05 -23.08 -1.96
CA HIS A 135 -43.71 -23.76 -3.21
C HIS A 135 -42.38 -24.48 -3.15
N ASN A 136 -41.73 -24.44 -1.99
CA ASN A 136 -40.46 -25.10 -1.78
C ASN A 136 -39.44 -24.81 -2.90
N ARG A 137 -39.21 -23.53 -3.17
CA ARG A 137 -38.26 -23.09 -4.19
C ARG A 137 -37.40 -22.01 -3.58
N ILE A 138 -36.11 -22.00 -3.92
CA ILE A 138 -35.22 -20.99 -3.34
C ILE A 138 -35.33 -19.64 -4.03
N VAL A 139 -34.83 -18.63 -3.33
CA VAL A 139 -34.79 -17.27 -3.85
C VAL A 139 -33.42 -16.71 -3.49
N GLY A 140 -32.47 -16.85 -4.40
CA GLY A 140 -31.14 -16.35 -4.14
C GLY A 140 -31.11 -14.88 -4.52
N VAL A 141 -30.31 -14.09 -3.81
CA VAL A 141 -30.16 -12.67 -4.08
C VAL A 141 -28.67 -12.45 -4.33
N THR A 142 -28.37 -11.63 -5.33
CA THR A 142 -26.99 -11.39 -5.76
C THR A 142 -26.04 -10.50 -4.96
N TYR A 143 -25.72 -10.91 -3.74
CA TYR A 143 -24.77 -10.18 -2.91
C TYR A 143 -23.48 -10.96 -3.24
N GLY A 144 -23.07 -10.84 -4.50
CA GLY A 144 -21.92 -11.56 -5.02
C GLY A 144 -20.54 -11.36 -4.46
N TYR A 145 -20.33 -10.32 -3.66
CA TYR A 145 -19.01 -10.09 -3.08
C TYR A 145 -18.72 -11.20 -2.08
N ALA A 146 -19.79 -11.80 -1.56
CA ALA A 146 -19.69 -12.90 -0.61
C ALA A 146 -19.10 -14.15 -1.28
N GLY A 147 -18.93 -14.09 -2.60
CA GLY A 147 -18.35 -15.22 -3.31
C GLY A 147 -16.83 -15.28 -3.17
N HIS A 148 -16.23 -14.22 -2.64
CA HIS A 148 -14.78 -14.20 -2.46
C HIS A 148 -14.38 -15.10 -1.29
N GLN A 149 -13.45 -16.03 -1.54
CA GLN A 149 -12.97 -16.99 -0.55
C GLN A 149 -12.57 -16.41 0.81
N LEU A 150 -11.85 -15.30 0.81
CA LEU A 150 -11.41 -14.72 2.07
C LEU A 150 -12.55 -14.31 3.00
N ILE A 151 -13.75 -14.10 2.44
CA ILE A 151 -14.89 -13.77 3.28
C ILE A 151 -15.16 -14.99 4.17
N GLU A 152 -15.02 -16.19 3.61
CA GLU A 152 -15.23 -17.43 4.37
C GLU A 152 -14.13 -17.58 5.40
N GLN A 153 -12.91 -17.19 5.03
CA GLN A 153 -11.78 -17.29 5.95
C GLN A 153 -12.07 -16.47 7.20
N ALA A 154 -12.55 -15.25 6.98
CA ALA A 154 -12.89 -14.35 8.08
C ALA A 154 -13.96 -14.97 8.98
N ARG A 155 -14.98 -15.56 8.35
CA ARG A 155 -16.06 -16.19 9.09
C ARG A 155 -15.49 -17.26 10.02
N GLU A 156 -14.63 -18.11 9.45
CA GLU A 156 -13.99 -19.19 10.20
C GLU A 156 -13.12 -18.66 11.34
N MSE A 157 -12.34 -17.62 11.05
CA MSE A 157 -11.48 -17.04 12.05
C MSE A 157 -12.27 -16.45 13.23
O MSE A 157 -11.92 -16.63 14.40
CB MSE A 157 -10.60 -15.95 11.42
CG MSE A 157 -9.59 -16.50 10.41
SE MSE A 157 -8.64 -15.09 9.51
CE MSE A 157 -7.31 -14.71 10.85
N ILE A 158 -13.36 -15.76 12.91
CA ILE A 158 -14.21 -15.15 13.93
C ILE A 158 -14.86 -16.24 14.77
N ALA A 159 -15.30 -17.31 14.12
CA ALA A 159 -15.95 -18.42 14.82
C ALA A 159 -14.97 -19.16 15.71
N ALA A 160 -13.68 -19.10 15.37
CA ALA A 160 -12.66 -19.76 16.16
C ALA A 160 -12.18 -18.86 17.30
N GLY A 161 -12.78 -17.68 17.41
CA GLY A 161 -12.40 -16.75 18.46
C GLY A 161 -11.08 -16.01 18.24
N GLU A 162 -10.62 -15.96 17.00
CA GLU A 162 -9.36 -15.27 16.67
C GLU A 162 -9.37 -13.79 17.04
N LEU A 163 -10.56 -13.18 17.02
CA LEU A 163 -10.68 -11.77 17.36
C LEU A 163 -11.11 -11.55 18.80
N GLY A 164 -11.31 -12.63 19.54
CA GLY A 164 -11.79 -12.50 20.90
C GLY A 164 -13.25 -12.11 20.79
N ASP A 165 -13.75 -11.31 21.71
CA ASP A 165 -15.14 -10.87 21.64
C ASP A 165 -15.30 -9.73 20.65
N VAL A 166 -16.24 -9.87 19.71
CA VAL A 166 -16.48 -8.83 18.72
C VAL A 166 -17.06 -7.59 19.39
N ARG A 167 -16.50 -6.43 19.09
CA ARG A 167 -16.92 -5.17 19.68
C ARG A 167 -17.50 -4.20 18.67
N MSE A 168 -16.91 -4.18 17.48
CA MSE A 168 -17.38 -3.30 16.42
C MSE A 168 -17.28 -3.91 15.03
O MSE A 168 -16.35 -4.66 14.74
CB MSE A 168 -16.58 -1.98 16.43
CG MSE A 168 -16.85 -1.08 17.60
SE MSE A 168 -15.41 0.17 17.73
CE MSE A 168 -14.26 -0.93 18.82
N VAL A 169 -18.25 -3.57 14.20
CA VAL A 169 -18.28 -4.02 12.83
C VAL A 169 -18.40 -2.73 12.01
N HIS A 170 -17.34 -2.36 11.31
CA HIS A 170 -17.36 -1.15 10.50
C HIS A 170 -17.42 -1.50 9.02
N MSE A 171 -18.46 -0.98 8.37
CA MSE A 171 -18.69 -1.26 6.96
C MSE A 171 -18.82 0.00 6.12
O MSE A 171 -19.21 1.06 6.61
CB MSE A 171 -19.98 -2.07 6.81
CG MSE A 171 -19.90 -3.46 7.37
SE MSE A 171 -21.62 -4.09 7.89
CE MSE A 171 -21.84 -3.13 9.54
N GLN A 172 -18.48 -0.12 4.85
CA GLN A 172 -18.61 0.99 3.94
C GLN A 172 -18.57 0.51 2.50
N PHE A 173 -19.30 1.23 1.66
CA PHE A 173 -19.31 0.99 0.24
C PHE A 173 -19.54 2.40 -0.22
N ALA A 174 -18.43 3.09 -0.47
CA ALA A 174 -18.49 4.48 -0.86
C ALA A 174 -17.63 4.80 -2.08
N HIS A 175 -18.28 4.91 -3.22
CA HIS A 175 -17.58 5.24 -4.45
C HIS A 175 -17.97 6.68 -4.80
N GLY A 176 -17.34 7.25 -5.83
CA GLY A 176 -17.65 8.62 -6.19
C GLY A 176 -18.12 8.84 -7.62
N PHE A 177 -18.55 7.77 -8.29
CA PHE A 177 -19.00 7.88 -9.67
C PHE A 177 -20.14 8.86 -9.88
N HIS A 178 -20.94 9.10 -8.84
CA HIS A 178 -22.06 10.03 -8.99
C HIS A 178 -21.86 11.35 -8.24
N SER A 179 -20.61 11.72 -8.03
CA SER A 179 -20.29 12.96 -7.34
C SER A 179 -20.86 14.16 -8.11
N ALA A 180 -20.96 14.01 -9.44
CA ALA A 180 -21.50 15.09 -10.27
C ALA A 180 -22.96 14.83 -10.62
N GLY A 199 -37.53 3.20 -5.84
CA GLY A 199 -37.79 2.70 -4.50
C GLY A 199 -37.69 3.75 -3.40
N PRO A 200 -37.61 3.34 -2.13
CA PRO A 200 -37.51 4.26 -0.99
C PRO A 200 -36.12 4.88 -0.79
N SER A 201 -35.09 4.31 -1.40
CA SER A 201 -33.75 4.87 -1.22
C SER A 201 -32.89 4.62 -2.44
N TYR A 202 -31.68 5.16 -2.39
CA TYR A 202 -30.74 4.95 -3.48
C TYR A 202 -29.49 4.21 -2.96
N VAL A 203 -28.50 4.91 -2.43
CA VAL A 203 -27.28 4.21 -1.98
C VAL A 203 -27.43 3.18 -0.85
N LEU A 204 -28.39 3.38 0.05
CA LEU A 204 -28.59 2.42 1.13
C LEU A 204 -28.83 1.02 0.58
N GLY A 205 -29.75 0.91 -0.39
CA GLY A 205 -30.03 -0.37 -0.98
C GLY A 205 -29.09 -0.75 -2.11
N ASP A 206 -28.60 0.22 -2.89
CA ASP A 206 -27.71 -0.08 -4.01
C ASP A 206 -26.32 -0.55 -3.60
N VAL A 207 -25.72 0.09 -2.60
CA VAL A 207 -24.39 -0.31 -2.16
C VAL A 207 -24.33 -0.67 -0.67
N GLY A 208 -25.09 0.02 0.15
CA GLY A 208 -25.07 -0.25 1.59
C GLY A 208 -25.29 -1.70 1.99
N THR A 209 -26.25 -2.36 1.35
CA THR A 209 -26.55 -3.74 1.69
C THR A 209 -25.48 -4.77 1.31
N HIS A 210 -24.52 -4.40 0.48
CA HIS A 210 -23.49 -5.37 0.11
C HIS A 210 -22.59 -5.72 1.30
N PRO A 211 -21.97 -4.72 1.93
CA PRO A 211 -21.11 -4.98 3.08
C PRO A 211 -21.96 -5.53 4.21
N LEU A 212 -23.22 -5.10 4.24
CA LEU A 212 -24.13 -5.60 5.28
C LEU A 212 -24.23 -7.11 5.17
N TYR A 213 -24.37 -7.64 3.95
CA TYR A 213 -24.46 -9.09 3.81
C TYR A 213 -23.12 -9.73 4.16
N LEU A 214 -22.03 -9.03 3.90
CA LEU A 214 -20.70 -9.55 4.21
C LEU A 214 -20.62 -9.80 5.72
N SER A 215 -21.16 -8.88 6.52
CA SER A 215 -21.11 -9.03 7.97
C SER A 215 -21.99 -10.21 8.41
N GLU A 216 -23.08 -10.43 7.68
CA GLU A 216 -24.00 -11.52 7.96
C GLU A 216 -23.27 -12.87 7.80
N VAL A 217 -22.41 -12.94 6.79
CA VAL A 217 -21.64 -14.14 6.53
C VAL A 217 -20.58 -14.36 7.61
N MSE A 218 -19.88 -13.29 7.97
CA MSE A 218 -18.81 -13.38 8.98
C MSE A 218 -19.33 -13.51 10.41
O MSE A 218 -18.67 -14.11 11.26
CB MSE A 218 -17.93 -12.13 8.93
CG MSE A 218 -17.37 -11.79 7.56
SE MSE A 218 -16.17 -10.28 7.69
CE MSE A 218 -15.57 -10.26 5.84
N LEU A 219 -20.49 -12.93 10.68
CA LEU A 219 -21.06 -12.94 12.02
C LEU A 219 -22.54 -13.32 11.99
N PRO A 220 -22.83 -14.58 11.65
CA PRO A 220 -24.23 -15.04 11.59
C PRO A 220 -25.06 -14.94 12.86
N ASP A 221 -24.40 -14.97 14.02
CA ASP A 221 -25.13 -14.91 15.28
C ASP A 221 -25.38 -13.51 15.82
N LEU A 222 -24.80 -12.50 15.18
CA LEU A 222 -24.97 -11.11 15.61
C LEU A 222 -26.38 -10.63 15.23
N LYS A 223 -27.10 -10.06 16.18
CA LYS A 223 -28.45 -9.55 15.92
C LYS A 223 -28.55 -8.04 16.18
N ILE A 224 -29.09 -7.31 15.21
CA ILE A 224 -29.25 -5.87 15.36
C ILE A 224 -30.40 -5.59 16.32
N LYS A 225 -30.16 -4.75 17.32
CA LYS A 225 -31.20 -4.40 18.29
C LYS A 225 -31.93 -3.15 17.82
N ARG A 226 -31.17 -2.12 17.49
CA ARG A 226 -31.73 -0.86 17.01
C ARG A 226 -30.68 -0.09 16.23
N LEU A 227 -31.13 0.82 15.38
CA LEU A 227 -30.22 1.61 14.58
C LEU A 227 -30.76 3.00 14.28
N MSE A 228 -29.85 3.89 13.87
CA MSE A 228 -30.22 5.23 13.47
C MSE A 228 -29.52 5.50 12.14
O MSE A 228 -28.47 4.92 11.84
CB MSE A 228 -29.83 6.28 14.52
CG MSE A 228 -28.43 6.19 15.06
SE MSE A 228 -28.03 7.79 16.10
CE MSE A 228 -29.31 7.65 17.50
N CYS A 229 -30.12 6.34 11.33
CA CYS A 229 -29.56 6.66 10.04
C CYS A 229 -29.74 8.13 9.72
N SER A 230 -28.71 8.68 9.11
CA SER A 230 -28.70 10.05 8.67
C SER A 230 -28.36 9.97 7.19
N ARG A 231 -29.28 10.40 6.33
CA ARG A 231 -29.00 10.33 4.90
C ARG A 231 -29.12 11.71 4.24
N GLN A 232 -28.35 11.93 3.18
CA GLN A 232 -28.36 13.21 2.46
C GLN A 232 -28.45 13.02 0.95
N SER A 233 -28.90 14.08 0.28
CA SER A 233 -28.99 14.12 -1.18
C SER A 233 -28.10 15.29 -1.55
N PHE A 234 -26.80 15.04 -1.69
CA PHE A 234 -25.85 16.09 -2.03
C PHE A 234 -26.11 16.67 -3.42
N VAL A 235 -26.59 15.85 -4.33
CA VAL A 235 -26.97 16.34 -5.64
C VAL A 235 -28.46 16.51 -5.36
N ALA A 236 -28.83 17.70 -4.90
CA ALA A 236 -30.21 18.04 -4.52
C ALA A 236 -31.34 17.46 -5.36
N SER A 237 -31.20 17.50 -6.67
CA SER A 237 -32.22 16.99 -7.57
C SER A 237 -32.63 15.54 -7.29
N ARG A 238 -31.81 14.82 -6.55
CA ARG A 238 -32.09 13.42 -6.24
C ARG A 238 -33.03 13.20 -5.05
N ALA A 239 -33.17 14.22 -4.20
CA ALA A 239 -34.03 14.11 -3.04
C ALA A 239 -35.40 13.57 -3.46
N PRO A 240 -36.02 12.73 -2.61
CA PRO A 240 -35.54 12.34 -1.29
C PRO A 240 -34.56 11.16 -1.30
N LEU A 241 -34.26 10.64 -2.50
CA LEU A 241 -33.33 9.51 -2.61
C LEU A 241 -31.92 9.99 -2.25
N GLU A 242 -31.31 9.31 -1.30
CA GLU A 242 -29.99 9.69 -0.81
C GLU A 242 -28.81 9.17 -1.63
N ASP A 243 -27.77 9.99 -1.72
CA ASP A 243 -26.56 9.59 -2.42
C ASP A 243 -25.44 9.45 -1.40
N ASN A 244 -25.81 9.59 -0.12
CA ASN A 244 -24.90 9.43 1.00
C ASN A 244 -25.68 9.13 2.26
N ALA A 245 -25.17 8.23 3.09
CA ALA A 245 -25.85 7.90 4.32
C ALA A 245 -24.93 7.27 5.35
N TYR A 246 -25.21 7.59 6.61
CA TYR A 246 -24.46 7.06 7.74
C TYR A 246 -25.49 6.26 8.54
N THR A 247 -25.13 5.05 8.92
CA THR A 247 -26.02 4.22 9.71
C THR A 247 -25.28 3.70 10.93
N LEU A 248 -25.76 4.06 12.12
CA LEU A 248 -25.15 3.59 13.36
C LEU A 248 -26.08 2.54 13.96
N MSE A 249 -25.52 1.40 14.33
CA MSE A 249 -26.29 0.29 14.88
C MSE A 249 -25.80 -0.24 16.21
O MSE A 249 -24.60 -0.25 16.48
CB MSE A 249 -26.32 -0.87 13.89
CG MSE A 249 -26.95 -0.54 12.57
SE MSE A 249 -26.60 -1.96 11.30
CE MSE A 249 -24.81 -1.45 10.87
N GLU A 250 -26.75 -0.71 17.00
CA GLU A 250 -26.44 -1.32 18.28
C GLU A 250 -26.83 -2.78 18.15
N TYR A 251 -25.86 -3.66 18.32
CA TYR A 251 -26.10 -5.09 18.23
C TYR A 251 -26.51 -5.61 19.61
N GLU A 252 -27.35 -6.64 19.65
CA GLU A 252 -27.74 -7.20 20.92
C GLU A 252 -26.46 -7.80 21.50
N GLY A 253 -26.12 -7.42 22.72
CA GLY A 253 -24.90 -7.93 23.32
C GLY A 253 -23.89 -6.82 23.56
N GLY A 254 -24.14 -5.65 22.99
CA GLY A 254 -23.24 -4.53 23.19
C GLY A 254 -22.39 -4.07 22.03
N ALA A 255 -22.09 -4.96 21.09
CA ALA A 255 -21.27 -4.58 19.95
C ALA A 255 -21.93 -3.43 19.18
N MSE A 256 -21.12 -2.68 18.45
CA MSE A 256 -21.62 -1.55 17.68
C MSE A 256 -21.36 -1.77 16.20
O MSE A 256 -20.44 -2.51 15.83
CB MSE A 256 -20.94 -0.26 18.13
CG MSE A 256 -21.11 0.04 19.60
SE MSE A 256 -22.96 0.45 20.01
CE MSE A 256 -23.21 2.01 18.89
N GLY A 257 -22.17 -1.15 15.36
CA GLY A 257 -22.01 -1.29 13.93
C GLY A 257 -22.20 0.04 13.22
N MSE A 258 -21.44 0.26 12.16
CA MSE A 258 -21.56 1.50 11.40
C MSE A 258 -21.46 1.21 9.91
O MSE A 258 -20.62 0.42 9.48
CB MSE A 258 -20.44 2.47 11.81
CG MSE A 258 -20.42 3.73 10.97
SE MSE A 258 -19.17 5.04 11.66
CE MSE A 258 -17.50 4.25 11.01
N VAL A 259 -22.34 1.82 9.13
CA VAL A 259 -22.32 1.61 7.68
C VAL A 259 -22.35 2.94 6.97
N TRP A 260 -21.32 3.20 6.15
CA TRP A 260 -21.28 4.43 5.37
C TRP A 260 -21.59 4.05 3.93
N SER A 261 -22.70 4.56 3.41
CA SER A 261 -23.09 4.28 2.03
C SER A 261 -22.93 5.56 1.23
N SER A 262 -22.30 5.47 0.06
CA SER A 262 -22.10 6.68 -0.74
C SER A 262 -21.79 6.46 -2.21
N ALA A 263 -22.27 7.40 -3.02
CA ALA A 263 -22.04 7.41 -4.45
C ALA A 263 -21.36 8.74 -4.76
N VAL A 264 -21.06 9.51 -3.70
CA VAL A 264 -20.42 10.80 -3.87
C VAL A 264 -19.07 10.89 -3.14
N ASN A 265 -18.42 9.75 -2.96
CA ASN A 265 -17.12 9.72 -2.32
C ASN A 265 -16.09 9.95 -3.43
N ALA A 266 -15.97 11.21 -3.84
CA ALA A 266 -15.08 11.66 -4.91
C ALA A 266 -13.68 11.06 -4.92
N GLY A 267 -13.33 10.42 -6.03
CA GLY A 267 -12.01 9.83 -6.16
C GLY A 267 -11.98 8.35 -5.81
N SER A 268 -13.04 7.84 -5.18
CA SER A 268 -13.09 6.44 -4.81
C SER A 268 -13.65 5.61 -5.96
N MSE A 269 -12.93 4.56 -6.35
CA MSE A 269 -13.33 3.68 -7.44
C MSE A 269 -14.40 2.65 -7.05
O MSE A 269 -15.05 2.06 -7.92
CB MSE A 269 -12.10 2.93 -7.96
CG MSE A 269 -11.03 3.83 -8.57
SE MSE A 269 -11.60 4.40 -10.30
CE MSE A 269 -11.96 2.66 -11.09
N HIS A 270 -14.56 2.43 -5.75
CA HIS A 270 -15.54 1.46 -5.25
C HIS A 270 -15.60 1.65 -3.74
N GLY A 271 -14.47 1.42 -3.08
CA GLY A 271 -14.41 1.60 -1.65
C GLY A 271 -15.32 0.74 -0.78
N GLN A 272 -15.48 -0.54 -1.11
CA GLN A 272 -16.28 -1.39 -0.25
C GLN A 272 -15.31 -2.06 0.71
N LYS A 273 -15.48 -1.81 2.00
CA LYS A 273 -14.61 -2.39 3.01
C LYS A 273 -15.39 -2.79 4.24
N ILE A 274 -14.84 -3.74 4.96
CA ILE A 274 -15.45 -4.18 6.21
C ILE A 274 -14.32 -4.50 7.17
N ARG A 275 -14.41 -3.94 8.37
CA ARG A 275 -13.43 -4.18 9.40
C ARG A 275 -14.18 -4.68 10.61
N VAL A 276 -13.79 -5.84 11.13
CA VAL A 276 -14.43 -6.40 12.32
C VAL A 276 -13.41 -6.27 13.45
N ILE A 277 -13.79 -5.52 14.47
CA ILE A 277 -12.93 -5.25 15.63
C ILE A 277 -13.32 -6.02 16.89
N GLY A 278 -12.43 -6.87 17.36
CA GLY A 278 -12.69 -7.65 18.57
C GLY A 278 -11.76 -7.25 19.69
N SER A 279 -11.96 -7.83 20.86
CA SER A 279 -11.14 -7.53 22.03
C SER A 279 -9.68 -7.91 21.87
N ARG A 280 -9.41 -8.88 20.99
CA ARG A 280 -8.05 -9.37 20.78
C ARG A 280 -7.40 -8.96 19.47
N ALA A 281 -8.20 -8.84 18.42
CA ALA A 281 -7.67 -8.49 17.12
C ALA A 281 -8.75 -8.00 16.18
N SER A 282 -8.31 -7.50 15.04
CA SER A 282 -9.21 -7.01 14.01
C SER A 282 -8.87 -7.69 12.69
N LEU A 283 -9.83 -7.67 11.77
CA LEU A 283 -9.61 -8.19 10.43
C LEU A 283 -10.32 -7.21 9.48
N GLU A 284 -9.77 -7.03 8.29
CA GLU A 284 -10.33 -6.07 7.34
C GLU A 284 -10.17 -6.53 5.90
N TRP A 285 -11.22 -6.35 5.11
CA TRP A 285 -11.23 -6.75 3.71
C TRP A 285 -11.75 -5.58 2.87
N TRP A 286 -11.17 -5.42 1.68
CA TRP A 286 -11.53 -4.36 0.73
C TRP A 286 -11.78 -4.99 -0.63
N ASP A 287 -12.97 -4.79 -1.19
CA ASP A 287 -13.32 -5.41 -2.46
C ASP A 287 -12.42 -5.13 -3.66
N GLU A 288 -11.64 -4.05 -3.60
CA GLU A 288 -10.73 -3.72 -4.70
C GLU A 288 -9.44 -4.55 -4.61
N ARG A 289 -9.26 -5.22 -3.46
CA ARG A 289 -8.10 -6.07 -3.19
C ARG A 289 -8.71 -7.32 -2.54
N PRO A 290 -9.62 -8.00 -3.25
CA PRO A 290 -10.32 -9.20 -2.79
C PRO A 290 -9.49 -10.41 -2.37
N ASN A 291 -8.26 -10.49 -2.85
CA ASN A 291 -7.39 -11.62 -2.56
C ASN A 291 -6.52 -11.51 -1.30
N GLN A 292 -6.67 -10.40 -0.59
CA GLN A 292 -5.93 -10.22 0.65
C GLN A 292 -6.92 -9.94 1.77
N LEU A 293 -6.51 -10.31 2.97
CA LEU A 293 -7.32 -10.12 4.16
C LEU A 293 -6.35 -9.69 5.26
N SER A 294 -6.58 -8.52 5.84
CA SER A 294 -5.71 -8.03 6.92
C SER A 294 -6.12 -8.63 8.26
N PHE A 295 -5.15 -9.11 9.03
CA PHE A 295 -5.40 -9.71 10.34
C PHE A 295 -4.47 -9.00 11.32
N GLU A 296 -5.05 -8.21 12.22
CA GLU A 296 -4.26 -7.42 13.15
C GLU A 296 -4.47 -7.73 14.63
N VAL A 297 -3.64 -8.60 15.18
CA VAL A 297 -3.71 -8.96 16.58
C VAL A 297 -3.02 -7.86 17.37
N GLN A 298 -3.75 -7.22 18.27
CA GLN A 298 -3.18 -6.15 19.08
C GLN A 298 -1.95 -6.65 19.83
N GLY A 299 -0.84 -5.91 19.70
CA GLY A 299 0.38 -6.30 20.39
C GLY A 299 1.28 -7.22 19.57
N GLN A 300 0.84 -7.56 18.37
CA GLN A 300 1.62 -8.43 17.49
C GLN A 300 1.77 -7.78 16.11
N PRO A 301 2.67 -8.33 15.27
CA PRO A 301 2.88 -7.78 13.93
C PRO A 301 1.62 -8.00 13.07
N ALA A 302 1.19 -6.95 12.36
CA ALA A 302 0.03 -7.08 11.50
C ALA A 302 0.29 -8.22 10.53
N GLN A 303 -0.77 -8.85 10.05
CA GLN A 303 -0.64 -9.94 9.11
C GLN A 303 -1.53 -9.77 7.89
N ILE A 304 -1.07 -10.31 6.76
CA ILE A 304 -1.82 -10.26 5.52
C ILE A 304 -2.01 -11.69 5.02
N LEU A 305 -3.25 -12.15 5.03
CA LEU A 305 -3.58 -13.49 4.53
C LEU A 305 -3.89 -13.39 3.05
N GLU A 306 -3.45 -14.39 2.31
CA GLU A 306 -3.63 -14.43 0.87
C GLU A 306 -4.52 -15.58 0.42
N ARG A 307 -5.39 -15.31 -0.55
CA ARG A 307 -6.28 -16.33 -1.09
C ARG A 307 -5.44 -17.51 -1.56
N GLY A 308 -5.98 -18.71 -1.38
CA GLY A 308 -5.29 -19.91 -1.83
C GLY A 308 -4.09 -20.43 -1.06
N MSE A 309 -3.81 -19.92 0.13
CA MSE A 309 -2.68 -20.43 0.87
C MSE A 309 -3.08 -21.55 1.84
O MSE A 309 -4.18 -21.54 2.38
CB MSE A 309 -2.00 -19.28 1.63
CG MSE A 309 -1.25 -18.33 0.70
SE MSE A 309 0.17 -19.24 -0.27
CE MSE A 309 1.48 -19.36 1.16
N GLY A 310 -2.16 -22.48 2.03
CA GLY A 310 -2.39 -23.63 2.89
C GLY A 310 -2.76 -23.38 4.33
N TYR A 311 -2.49 -22.18 4.83
CA TYR A 311 -2.84 -21.87 6.22
C TYR A 311 -4.30 -21.47 6.35
N LEU A 312 -5.03 -21.41 5.23
CA LEU A 312 -6.45 -21.05 5.25
C LEU A 312 -7.32 -22.25 5.61
N HIS A 313 -8.54 -21.99 6.04
CA HIS A 313 -9.46 -23.08 6.37
C HIS A 313 -9.94 -23.72 5.06
N PRO A 314 -10.19 -25.04 5.06
CA PRO A 314 -10.64 -25.73 3.85
C PRO A 314 -11.87 -25.08 3.20
N ASN A 315 -12.79 -24.57 4.01
CA ASN A 315 -13.99 -23.94 3.46
C ASN A 315 -13.63 -22.68 2.68
N ALA A 316 -12.44 -22.14 2.93
CA ALA A 316 -11.98 -20.94 2.26
C ALA A 316 -11.07 -21.30 1.09
N LEU A 317 -10.80 -22.59 0.93
CA LEU A 317 -9.95 -23.04 -0.18
C LEU A 317 -10.72 -23.80 -1.27
N ILE A 318 -11.83 -24.41 -0.89
CA ILE A 318 -12.62 -25.22 -1.82
C ILE A 318 -13.05 -24.52 -3.12
N ASP A 319 -13.26 -23.21 -3.05
CA ASP A 319 -13.66 -22.45 -4.23
C ASP A 319 -12.52 -22.01 -5.14
N ASP A 320 -11.28 -22.10 -4.66
CA ASP A 320 -10.14 -21.69 -5.49
C ASP A 320 -10.27 -22.30 -6.88
N ARG A 321 -10.00 -21.51 -7.91
CA ARG A 321 -10.06 -21.99 -9.28
C ARG A 321 -8.67 -21.92 -9.94
N ILE A 322 -7.70 -21.42 -9.19
CA ILE A 322 -6.32 -21.31 -9.66
C ILE A 322 -5.44 -21.07 -8.44
N GLY A 323 -4.16 -21.39 -8.55
CA GLY A 323 -3.26 -21.24 -7.42
C GLY A 323 -3.11 -19.84 -6.84
N GLY A 324 -2.71 -19.79 -5.57
CA GLY A 324 -2.52 -18.51 -4.92
C GLY A 324 -1.46 -17.68 -5.63
N GLY A 325 -1.56 -16.37 -5.55
CA GLY A 325 -0.56 -15.56 -6.23
C GLY A 325 -1.13 -15.06 -7.55
N HIS A 326 -1.91 -15.89 -8.23
CA HIS A 326 -2.56 -15.47 -9.47
C HIS A 326 -3.81 -14.78 -8.94
N PRO A 327 -4.08 -13.56 -9.40
CA PRO A 327 -5.29 -12.89 -8.89
C PRO A 327 -6.62 -13.37 -9.48
N GLU A 328 -7.58 -13.63 -8.60
CA GLU A 328 -8.92 -14.01 -9.05
C GLU A 328 -9.71 -12.71 -8.91
N GLY A 329 -10.87 -12.63 -9.56
CA GLY A 329 -11.66 -11.42 -9.50
C GLY A 329 -13.14 -11.61 -9.23
N LEU A 330 -13.92 -10.55 -9.38
CA LEU A 330 -15.35 -10.62 -9.09
C LEU A 330 -16.12 -11.69 -9.88
N PHE A 331 -15.65 -12.01 -11.09
CA PHE A 331 -16.32 -13.03 -11.89
C PHE A 331 -16.23 -14.41 -11.20
N GLU A 332 -15.10 -14.69 -10.57
CA GLU A 332 -14.95 -15.95 -9.86
C GLU A 332 -15.90 -15.94 -8.68
N ALA A 333 -15.93 -14.83 -7.95
CA ALA A 333 -16.82 -14.73 -6.80
C ALA A 333 -18.27 -15.00 -7.21
N TRP A 334 -18.70 -14.42 -8.33
CA TRP A 334 -20.06 -14.61 -8.80
C TRP A 334 -20.32 -16.05 -9.24
N ALA A 335 -19.31 -16.69 -9.82
CA ALA A 335 -19.48 -18.08 -10.24
C ALA A 335 -19.60 -18.93 -8.97
N ASN A 336 -18.84 -18.56 -7.93
CA ASN A 336 -18.88 -19.29 -6.67
C ASN A 336 -20.27 -19.15 -6.05
N LEU A 337 -20.85 -17.97 -6.21
CA LEU A 337 -22.17 -17.70 -5.67
C LEU A 337 -23.20 -18.54 -6.41
N TYR A 338 -23.21 -18.42 -7.74
CA TYR A 338 -24.17 -19.18 -8.54
C TYR A 338 -24.06 -20.68 -8.29
N TYR A 339 -22.85 -21.14 -7.98
CA TYR A 339 -22.65 -22.57 -7.72
C TYR A 339 -23.38 -22.95 -6.45
N ARG A 340 -23.39 -22.07 -5.45
CA ARG A 340 -24.07 -22.34 -4.20
C ARG A 340 -25.57 -22.30 -4.42
N PHE A 341 -26.01 -21.38 -5.28
CA PHE A 341 -27.42 -21.29 -5.60
C PHE A 341 -27.85 -22.67 -6.15
N ALA A 342 -27.02 -23.23 -7.03
CA ALA A 342 -27.31 -24.53 -7.63
C ALA A 342 -27.35 -25.64 -6.58
N LEU A 343 -26.42 -25.58 -5.63
CA LEU A 343 -26.39 -26.57 -4.56
C LEU A 343 -27.65 -26.44 -3.70
N ALA A 344 -28.07 -25.20 -3.44
CA ALA A 344 -29.26 -24.98 -2.64
C ALA A 344 -30.50 -25.50 -3.37
N MSE A 345 -30.54 -25.28 -4.68
CA MSE A 345 -31.68 -25.75 -5.47
C MSE A 345 -31.78 -27.27 -5.42
O MSE A 345 -32.87 -27.82 -5.27
CB MSE A 345 -31.52 -25.30 -6.92
CG MSE A 345 -31.56 -23.79 -7.09
SE MSE A 345 -31.36 -23.27 -8.92
CE MSE A 345 -31.28 -21.34 -8.67
N ASP A 346 -30.64 -27.94 -5.56
CA ASP A 346 -30.59 -29.39 -5.57
C ASP A 346 -30.96 -29.98 -4.22
N ALA A 347 -30.48 -29.37 -3.14
CA ALA A 347 -30.80 -29.88 -1.80
C ALA A 347 -32.29 -29.70 -1.56
N THR A 348 -32.82 -28.57 -1.99
CA THR A 348 -34.24 -28.27 -1.83
C THR A 348 -35.08 -29.26 -2.63
N ASP A 349 -34.66 -29.56 -3.86
CA ASP A 349 -35.39 -30.49 -4.71
C ASP A 349 -35.33 -31.90 -4.14
N ARG A 350 -34.34 -32.13 -3.28
CA ARG A 350 -34.15 -33.43 -2.65
C ARG A 350 -34.89 -33.48 -1.32
N SER A 351 -35.42 -32.34 -0.90
CA SER A 351 -36.14 -32.23 0.37
C SER A 351 -35.17 -32.53 1.52
N ASP A 352 -33.92 -32.12 1.33
CA ASP A 352 -32.86 -32.35 2.31
C ASP A 352 -32.56 -31.09 3.12
N THR A 353 -33.33 -30.85 4.18
CA THR A 353 -33.15 -29.68 5.03
C THR A 353 -31.74 -29.53 5.60
N GLN A 354 -31.24 -30.59 6.23
CA GLN A 354 -29.90 -30.55 6.80
C GLN A 354 -28.87 -30.19 5.73
N ALA A 355 -28.95 -30.84 4.57
CA ALA A 355 -28.01 -30.54 3.49
C ALA A 355 -28.15 -29.07 3.10
N LEU A 356 -29.38 -28.61 2.93
CA LEU A 356 -29.64 -27.23 2.56
C LEU A 356 -29.00 -26.24 3.53
N SER A 357 -29.08 -26.54 4.81
CA SER A 357 -28.52 -25.65 5.83
C SER A 357 -27.00 -25.57 5.76
N ALA A 358 -26.37 -26.59 5.17
CA ALA A 358 -24.92 -26.61 5.05
C ALA A 358 -24.45 -25.72 3.89
N VAL A 359 -25.39 -25.22 3.10
CA VAL A 359 -25.05 -24.35 1.97
C VAL A 359 -25.16 -22.88 2.38
N ARG A 360 -24.01 -22.23 2.52
CA ARG A 360 -23.96 -20.82 2.93
C ARG A 360 -24.14 -19.95 1.69
N TYR A 361 -25.33 -19.37 1.54
CA TYR A 361 -25.60 -18.52 0.39
C TYR A 361 -26.63 -17.48 0.73
N PRO A 362 -26.64 -16.36 0.00
CA PRO A 362 -27.62 -15.30 0.27
C PRO A 362 -28.96 -15.76 -0.29
N GLY A 363 -29.81 -16.29 0.59
CA GLY A 363 -31.13 -16.76 0.17
C GLY A 363 -32.26 -15.84 0.58
N ILE A 364 -33.49 -16.37 0.60
CA ILE A 364 -34.66 -15.56 0.94
C ILE A 364 -34.49 -14.77 2.25
N ASP A 365 -33.90 -15.39 3.26
CA ASP A 365 -33.69 -14.69 4.53
C ASP A 365 -32.83 -13.46 4.36
N ALA A 366 -31.67 -13.62 3.73
CA ALA A 366 -30.77 -12.50 3.49
C ALA A 366 -31.49 -11.46 2.64
N GLY A 367 -32.35 -11.94 1.75
CA GLY A 367 -33.09 -11.04 0.89
C GLY A 367 -34.06 -10.19 1.70
N VAL A 368 -34.77 -10.84 2.61
CA VAL A 368 -35.70 -10.13 3.46
C VAL A 368 -34.96 -9.10 4.31
N GLU A 369 -33.93 -9.55 5.01
CA GLU A 369 -33.16 -8.65 5.87
C GLU A 369 -32.56 -7.46 5.15
N GLY A 370 -32.19 -7.65 3.88
CA GLY A 370 -31.62 -6.55 3.12
C GLY A 370 -32.68 -5.48 2.90
N VAL A 371 -33.91 -5.93 2.69
CA VAL A 371 -35.03 -5.02 2.49
C VAL A 371 -35.36 -4.36 3.84
N ARG A 372 -35.39 -5.17 4.89
CA ARG A 372 -35.71 -4.63 6.22
C ARG A 372 -34.70 -3.56 6.63
N TRP A 373 -33.41 -3.86 6.48
CA TRP A 373 -32.37 -2.91 6.86
C TRP A 373 -32.59 -1.56 6.17
N VAL A 374 -32.85 -1.58 4.88
CA VAL A 374 -33.07 -0.33 4.15
C VAL A 374 -34.32 0.37 4.66
N GLU A 375 -35.39 -0.39 4.90
CA GLU A 375 -36.65 0.18 5.39
C GLU A 375 -36.46 0.85 6.76
N ARG A 376 -35.73 0.21 7.67
CA ARG A 376 -35.50 0.81 8.98
C ARG A 376 -34.62 2.06 8.87
N CYS A 377 -33.56 2.01 8.05
CA CYS A 377 -32.70 3.18 7.88
C CYS A 377 -33.50 4.34 7.33
N VAL A 378 -34.35 4.07 6.34
CA VAL A 378 -35.17 5.12 5.73
C VAL A 378 -36.11 5.73 6.78
N LEU A 379 -36.70 4.88 7.61
CA LEU A 379 -37.62 5.34 8.64
C LEU A 379 -36.85 6.23 9.63
N SER A 380 -35.65 5.80 10.00
CA SER A 380 -34.87 6.60 10.93
C SER A 380 -34.48 7.93 10.28
N ALA A 381 -33.94 7.86 9.07
CA ALA A 381 -33.52 9.04 8.31
C ALA A 381 -34.65 10.04 8.09
N ASP A 382 -35.84 9.55 7.75
CA ASP A 382 -36.98 10.43 7.52
C ASP A 382 -37.43 11.06 8.85
N ASN A 383 -36.98 10.50 9.97
CA ASN A 383 -37.38 11.02 11.27
C ASN A 383 -36.21 11.59 12.06
N ASP A 384 -35.38 12.33 11.34
CA ASP A 384 -34.19 12.99 11.85
C ASP A 384 -33.22 12.15 12.65
N SER A 385 -33.00 10.92 12.19
CA SER A 385 -32.04 10.00 12.80
C SER A 385 -32.35 9.52 14.21
N ILE A 386 -33.63 9.36 14.52
CA ILE A 386 -34.01 8.87 15.84
C ILE A 386 -33.76 7.36 15.83
N TRP A 387 -33.53 6.78 17.01
CA TRP A 387 -33.31 5.33 17.08
C TRP A 387 -34.60 4.60 16.70
N VAL A 388 -34.46 3.52 15.94
CA VAL A 388 -35.62 2.71 15.58
C VAL A 388 -35.26 1.25 15.88
N ALA A 389 -36.24 0.50 16.40
CA ALA A 389 -36.02 -0.89 16.71
C ALA A 389 -35.85 -1.61 15.38
N TYR A 390 -34.85 -2.47 15.28
CA TYR A 390 -34.61 -3.19 14.03
C TYR A 390 -35.82 -4.03 13.69
N GLU A 391 -36.32 -4.75 14.68
CA GLU A 391 -37.50 -5.58 14.52
C GLU A 391 -38.59 -5.02 15.43
N GLY A 392 -39.85 -5.21 15.04
CA GLY A 392 -40.95 -4.69 15.84
C GLY A 392 -41.41 -3.34 15.30
N HIS A 393 -42.36 -2.70 15.99
CA HIS A 393 -42.89 -1.42 15.53
C HIS A 393 -42.34 -0.20 16.26
N HIS A 394 -41.91 0.79 15.48
CA HIS A 394 -41.38 2.02 16.05
C HIS A 394 -42.52 3.05 16.12
N HIS A 395 -42.61 3.77 17.23
CA HIS A 395 -43.66 4.77 17.42
C HIS A 395 -43.14 6.12 17.92
N HIS A 396 -43.84 7.19 17.57
CA HIS A 396 -43.50 8.54 18.00
C HIS A 396 -43.88 8.64 19.47
N HIS A 397 -45.09 8.19 19.77
CA HIS A 397 -45.63 8.21 21.13
C HIS A 397 -46.31 6.86 21.40
N HIS A 398 -46.13 6.33 22.61
CA HIS A 398 -46.74 5.04 22.93
C HIS A 398 -46.56 4.71 24.40
N ILE B 9 12.85 36.21 15.67
CA ILE B 9 13.14 36.42 17.12
C ILE B 9 14.64 36.39 17.36
N PRO B 10 15.26 37.57 17.57
CA PRO B 10 16.70 37.69 17.80
C PRO B 10 17.23 36.90 19.00
N GLN B 11 16.38 36.67 19.98
CA GLN B 11 16.81 35.93 21.17
C GLN B 11 15.81 34.90 21.67
N PRO B 12 16.30 33.78 22.19
CA PRO B 12 15.47 32.69 22.71
C PRO B 12 14.60 33.09 23.89
N ILE B 13 13.36 32.64 23.86
CA ILE B 13 12.40 32.94 24.92
C ILE B 13 12.75 32.17 26.19
N ARG B 14 12.96 32.88 27.29
CA ARG B 14 13.28 32.26 28.57
C ARG B 14 12.08 31.39 28.92
N TRP B 15 12.32 30.08 28.95
CA TRP B 15 11.26 29.10 29.14
C TRP B 15 11.41 28.19 30.37
N ALA B 16 10.30 27.52 30.71
CA ALA B 16 10.27 26.61 31.85
C ALA B 16 9.14 25.60 31.66
N MSE B 17 9.26 24.45 32.32
CA MSE B 17 8.23 23.43 32.25
C MSE B 17 7.69 23.06 33.62
O MSE B 17 8.41 23.11 34.62
CB MSE B 17 8.77 22.16 31.59
CG MSE B 17 8.94 22.24 30.09
SE MSE B 17 8.78 20.47 29.28
CE MSE B 17 6.84 20.35 29.22
N VAL B 18 6.41 22.71 33.66
CA VAL B 18 5.77 22.26 34.89
C VAL B 18 5.47 20.80 34.58
N GLY B 19 6.14 19.89 35.28
CA GLY B 19 5.95 18.47 35.03
C GLY B 19 6.92 18.05 33.94
N GLY B 20 6.61 16.96 33.25
CA GLY B 20 7.49 16.48 32.19
C GLY B 20 8.85 16.09 32.71
N GLY B 21 8.88 15.45 33.88
CA GLY B 21 10.14 15.05 34.48
C GLY B 21 10.71 13.73 33.98
N SER B 22 11.35 13.00 34.88
CA SER B 22 11.97 11.72 34.56
C SER B 22 11.05 10.69 33.91
N GLN B 23 11.51 10.19 32.76
CA GLN B 23 10.79 9.17 31.99
C GLN B 23 9.48 9.64 31.38
N SER B 24 9.34 10.95 31.23
CA SER B 24 8.13 11.51 30.65
C SER B 24 8.32 11.67 29.15
N GLN B 25 7.60 10.85 28.38
CA GLN B 25 7.68 10.90 26.93
C GLN B 25 7.21 12.28 26.49
N ILE B 26 6.09 12.71 27.09
CA ILE B 26 5.51 14.00 26.78
C ILE B 26 6.49 15.14 27.02
N GLY B 27 7.17 15.10 28.16
CA GLY B 27 8.12 16.16 28.46
C GLY B 27 9.26 16.19 27.46
N TYR B 28 9.68 15.01 27.02
CA TYR B 28 10.80 14.95 26.08
C TYR B 28 10.49 15.66 24.77
N ILE B 29 9.35 15.33 24.15
CA ILE B 29 9.01 15.97 22.89
C ILE B 29 8.82 17.47 23.06
N HIS B 30 8.28 17.89 24.20
CA HIS B 30 8.09 19.31 24.48
C HIS B 30 9.45 20.00 24.42
N ARG B 31 10.43 19.43 25.12
CA ARG B 31 11.78 20.00 25.16
C ARG B 31 12.45 20.01 23.79
N CYS B 32 12.34 18.90 23.07
CA CYS B 32 12.94 18.80 21.74
C CYS B 32 12.38 19.90 20.84
N ALA B 33 11.06 20.05 20.87
CA ALA B 33 10.37 21.03 20.04
C ALA B 33 10.74 22.46 20.39
N ALA B 34 10.59 22.80 21.67
CA ALA B 34 10.88 24.15 22.15
C ALA B 34 12.34 24.59 21.99
N LEU B 35 13.26 23.68 22.27
CA LEU B 35 14.68 24.01 22.17
C LEU B 35 15.22 23.91 20.75
N ARG B 36 14.45 23.28 19.86
CA ARG B 36 14.85 23.13 18.45
C ARG B 36 15.16 24.52 17.87
N ASP B 37 16.37 24.69 17.32
CA ASP B 37 16.77 25.97 16.73
C ASP B 37 16.86 27.09 17.78
N ASN B 38 17.01 26.72 19.04
CA ASN B 38 17.11 27.70 20.13
C ASN B 38 15.97 28.73 20.14
N THR B 39 14.76 28.30 19.80
CA THR B 39 13.62 29.20 19.79
C THR B 39 13.29 29.54 21.25
N PHE B 40 13.46 28.54 22.10
CA PHE B 40 13.22 28.67 23.54
C PHE B 40 14.49 28.20 24.24
N VAL B 41 14.63 28.56 25.51
CA VAL B 41 15.76 28.13 26.32
C VAL B 41 15.18 27.76 27.68
N LEU B 42 15.41 26.53 28.10
CA LEU B 42 14.89 26.05 29.38
C LEU B 42 15.83 26.53 30.50
N VAL B 43 15.35 27.48 31.30
CA VAL B 43 16.15 28.04 32.38
C VAL B 43 15.59 27.73 33.76
N ALA B 44 14.40 27.16 33.82
CA ALA B 44 13.77 26.83 35.09
C ALA B 44 12.64 25.84 34.91
N GLY B 45 12.12 25.33 36.04
CA GLY B 45 11.02 24.39 35.97
C GLY B 45 10.69 23.67 37.28
N ALA B 46 9.48 23.12 37.33
CA ALA B 46 8.99 22.36 38.47
C ALA B 46 8.75 21.00 37.84
N PHE B 47 9.80 20.20 37.78
CA PHE B 47 9.77 18.91 37.13
C PHE B 47 9.14 17.70 37.82
N ASP B 48 8.99 17.73 39.14
CA ASP B 48 8.42 16.57 39.83
C ASP B 48 7.80 16.93 41.18
N ILE B 49 6.75 16.21 41.56
CA ILE B 49 6.13 16.44 42.86
C ILE B 49 7.24 16.15 43.86
N ASP B 50 8.03 15.12 43.54
CA ASP B 50 9.15 14.72 44.37
C ASP B 50 10.27 15.73 44.12
N PRO B 51 10.50 16.63 45.09
CA PRO B 51 11.53 17.67 44.99
C PRO B 51 12.97 17.18 44.78
N ILE B 52 13.32 16.07 45.42
CA ILE B 52 14.68 15.55 45.28
C ILE B 52 14.97 15.10 43.86
N ARG B 53 14.10 14.25 43.29
CA ARG B 53 14.34 13.77 41.94
C ARG B 53 13.94 14.81 40.90
N GLY B 54 13.36 15.90 41.36
CA GLY B 54 12.98 16.97 40.44
C GLY B 54 14.23 17.76 40.10
N SER B 55 15.02 18.07 41.13
CA SER B 55 16.26 18.82 40.92
C SER B 55 17.30 17.93 40.28
N ALA B 56 17.26 16.64 40.60
CA ALA B 56 18.20 15.70 40.02
C ALA B 56 17.98 15.63 38.52
N PHE B 57 16.72 15.75 38.11
CA PHE B 57 16.38 15.72 36.70
C PHE B 57 16.73 17.05 36.04
N GLY B 58 16.30 18.14 36.67
CA GLY B 58 16.57 19.46 36.13
C GLY B 58 18.05 19.72 35.92
N GLU B 59 18.88 19.19 36.82
CA GLU B 59 20.30 19.41 36.69
C GLU B 59 20.96 18.63 35.56
N GLN B 60 20.49 17.41 35.29
CA GLN B 60 21.07 16.65 34.20
C GLN B 60 20.79 17.42 32.90
N LEU B 61 19.73 18.23 32.92
CA LEU B 61 19.35 19.03 31.75
C LEU B 61 20.10 20.37 31.73
N GLY B 62 20.90 20.62 32.75
CA GLY B 62 21.66 21.86 32.80
C GLY B 62 20.90 23.03 33.40
N VAL B 63 19.79 22.75 34.06
CA VAL B 63 19.00 23.80 34.68
C VAL B 63 19.60 24.12 36.04
N ASP B 64 19.80 25.40 36.32
CA ASP B 64 20.37 25.80 37.59
C ASP B 64 19.61 25.20 38.78
N SER B 65 20.38 24.72 39.75
CA SER B 65 19.84 24.11 40.96
C SER B 65 18.77 24.94 41.65
N GLU B 66 18.97 26.25 41.72
CA GLU B 66 18.04 27.15 42.37
C GLU B 66 16.79 27.45 41.56
N ARG B 67 16.71 26.91 40.36
CA ARG B 67 15.56 27.15 39.50
C ARG B 67 14.81 25.86 39.18
N CYS B 68 14.99 24.86 40.04
CA CYS B 68 14.31 23.57 39.92
C CYS B 68 13.31 23.52 41.06
N TYR B 69 12.44 24.50 41.08
CA TYR B 69 11.41 24.67 42.09
C TYR B 69 10.61 23.40 42.43
N ALA B 70 10.09 23.35 43.65
CA ALA B 70 9.32 22.20 44.13
C ALA B 70 7.88 22.19 43.61
N ASP B 71 7.39 23.34 43.16
CA ASP B 71 6.05 23.42 42.63
C ASP B 71 5.92 24.65 41.74
N TYR B 72 4.83 24.72 40.99
CA TYR B 72 4.61 25.82 40.06
C TYR B 72 4.35 27.18 40.73
N LEU B 73 3.75 27.15 41.91
CA LEU B 73 3.46 28.38 42.64
C LEU B 73 4.76 29.05 43.06
N SER B 74 5.65 28.28 43.67
CA SER B 74 6.93 28.80 44.13
C SER B 74 7.74 29.26 42.93
N MSE B 75 7.70 28.49 41.85
CA MSE B 75 8.45 28.87 40.66
C MSE B 75 7.96 30.22 40.16
O MSE B 75 8.74 31.14 39.98
CB MSE B 75 8.31 27.83 39.55
CG MSE B 75 8.93 28.32 38.25
SE MSE B 75 9.31 26.92 36.98
CE MSE B 75 7.52 26.62 36.30
N PHE B 76 6.65 30.34 39.92
CA PHE B 76 6.10 31.59 39.42
C PHE B 76 6.44 32.80 40.28
N GLU B 77 6.24 32.69 41.60
CA GLU B 77 6.55 33.83 42.46
C GLU B 77 8.04 34.16 42.47
N GLN B 78 8.88 33.16 42.69
CA GLN B 78 10.31 33.41 42.72
C GLN B 78 10.85 33.94 41.40
N GLU B 79 10.38 33.39 40.28
CA GLU B 79 10.84 33.84 38.97
C GLU B 79 10.47 35.29 38.70
N ALA B 80 9.35 35.74 39.26
CA ALA B 80 8.90 37.11 39.07
C ALA B 80 9.91 38.13 39.63
N ARG B 81 10.75 37.69 40.56
CA ARG B 81 11.75 38.55 41.18
C ARG B 81 13.06 38.63 40.40
N ARG B 82 13.18 37.82 39.36
CA ARG B 82 14.40 37.79 38.55
C ARG B 82 14.27 38.62 37.28
N ALA B 83 15.29 39.41 36.99
CA ALA B 83 15.29 40.21 35.77
C ALA B 83 15.32 39.25 34.60
N ASP B 84 15.93 38.07 34.82
CA ASP B 84 16.05 37.05 33.80
C ASP B 84 15.01 35.94 34.00
N GLY B 85 13.88 36.30 34.61
CA GLY B 85 12.83 35.33 34.86
C GLY B 85 12.16 34.79 33.62
N ILE B 86 11.56 33.61 33.73
CA ILE B 86 10.88 32.99 32.62
C ILE B 86 9.82 33.91 32.01
N GLN B 87 9.57 33.70 30.71
CA GLN B 87 8.60 34.49 29.96
C GLN B 87 7.40 33.63 29.57
N ALA B 88 7.64 32.33 29.52
CA ALA B 88 6.59 31.39 29.13
C ALA B 88 6.81 30.07 29.85
N VAL B 89 5.73 29.33 30.04
CA VAL B 89 5.77 28.05 30.72
C VAL B 89 4.92 26.99 30.01
N SER B 90 5.45 25.78 29.91
CA SER B 90 4.73 24.66 29.29
C SER B 90 4.26 23.71 30.39
N ILE B 91 2.98 23.35 30.34
CA ILE B 91 2.36 22.47 31.34
C ILE B 91 2.18 21.06 30.81
N ALA B 92 2.81 20.08 31.47
CA ALA B 92 2.73 18.68 31.07
C ALA B 92 2.26 17.80 32.21
N THR B 93 1.60 18.41 33.19
CA THR B 93 1.06 17.72 34.36
C THR B 93 -0.27 17.04 34.05
N PRO B 94 -0.86 16.35 35.03
CA PRO B 94 -2.15 15.66 34.83
C PRO B 94 -3.26 16.62 34.38
N ASN B 95 -4.17 16.13 33.55
CA ASN B 95 -5.26 16.94 33.01
C ASN B 95 -6.04 17.82 33.99
N GLY B 96 -6.35 17.27 35.16
CA GLY B 96 -7.10 18.04 36.15
C GLY B 96 -6.36 19.20 36.77
N THR B 97 -5.07 19.31 36.50
CA THR B 97 -4.25 20.39 37.07
C THR B 97 -4.08 21.52 36.07
N HIS B 98 -4.40 21.24 34.81
CA HIS B 98 -4.24 22.21 33.74
C HIS B 98 -4.95 23.53 33.96
N TYR B 99 -6.20 23.49 34.39
CA TYR B 99 -6.94 24.73 34.60
C TYR B 99 -6.29 25.63 35.64
N SER B 100 -6.03 25.10 36.82
CA SER B 100 -5.42 25.87 37.89
C SER B 100 -4.01 26.37 37.58
N ILE B 101 -3.19 25.52 36.94
CA ILE B 101 -1.83 25.92 36.62
C ILE B 101 -1.81 26.98 35.52
N THR B 102 -2.66 26.81 34.50
CA THR B 102 -2.72 27.78 33.42
C THR B 102 -3.25 29.12 33.95
N LYS B 103 -4.18 29.03 34.91
CA LYS B 103 -4.76 30.24 35.50
C LYS B 103 -3.69 31.03 36.25
N ALA B 104 -2.87 30.31 37.02
CA ALA B 104 -1.81 30.95 37.77
C ALA B 104 -0.80 31.61 36.83
N ALA B 105 -0.34 30.85 35.84
CA ALA B 105 0.64 31.35 34.88
C ALA B 105 0.20 32.67 34.26
N LEU B 106 -1.07 32.73 33.87
CA LEU B 106 -1.62 33.94 33.27
C LEU B 106 -1.65 35.09 34.25
N GLU B 107 -2.11 34.81 35.47
CA GLU B 107 -2.17 35.85 36.50
C GLU B 107 -0.75 36.32 36.80
N ALA B 108 0.23 35.46 36.49
CA ALA B 108 1.63 35.79 36.72
C ALA B 108 2.21 36.53 35.52
N GLY B 109 1.39 36.74 34.50
CA GLY B 109 1.83 37.45 33.32
C GLY B 109 2.75 36.62 32.44
N LEU B 110 2.49 35.32 32.38
CA LEU B 110 3.30 34.41 31.57
C LEU B 110 2.53 33.83 30.39
N HIS B 111 3.25 33.63 29.29
CA HIS B 111 2.69 33.01 28.09
C HIS B 111 2.62 31.53 28.44
N VAL B 112 1.57 30.86 27.97
CA VAL B 112 1.39 29.45 28.28
C VAL B 112 1.25 28.53 27.07
N VAL B 113 1.75 27.32 27.24
CA VAL B 113 1.63 26.26 26.24
C VAL B 113 1.15 25.12 27.11
N CYS B 114 -0.10 24.73 26.95
CA CYS B 114 -0.68 23.68 27.76
C CYS B 114 -0.95 22.40 26.99
N GLU B 115 -0.60 21.28 27.60
CA GLU B 115 -0.82 19.97 27.01
C GLU B 115 -2.32 19.70 27.00
N LYS B 116 -2.79 19.09 25.92
CA LYS B 116 -4.20 18.75 25.79
C LYS B 116 -4.64 17.90 26.98
N PRO B 117 -5.81 18.20 27.58
CA PRO B 117 -6.74 19.27 27.21
C PRO B 117 -6.58 20.51 28.08
N LEU B 118 -7.09 21.63 27.60
CA LEU B 118 -7.00 22.90 28.31
C LEU B 118 -7.58 22.80 29.72
N CYS B 119 -8.73 22.16 29.82
CA CYS B 119 -9.43 21.96 31.10
C CYS B 119 -10.61 21.05 30.84
N PHE B 120 -11.49 20.88 31.82
CA PHE B 120 -12.63 19.99 31.66
C PHE B 120 -13.97 20.64 31.27
N THR B 121 -14.24 21.84 31.77
CA THR B 121 -15.51 22.49 31.47
C THR B 121 -15.43 23.76 30.64
N VAL B 122 -16.50 24.02 29.88
CA VAL B 122 -16.58 25.21 29.04
C VAL B 122 -16.41 26.46 29.87
N GLU B 123 -17.05 26.47 31.04
CA GLU B 123 -16.96 27.60 31.95
C GLU B 123 -15.50 27.91 32.23
N GLN B 124 -14.76 26.91 32.71
CA GLN B 124 -13.33 27.09 33.01
C GLN B 124 -12.57 27.63 31.81
N ALA B 125 -12.83 27.05 30.64
CA ALA B 125 -12.16 27.46 29.41
C ALA B 125 -12.43 28.93 29.09
N GLU B 126 -13.66 29.35 29.32
CA GLU B 126 -14.03 30.74 29.03
C GLU B 126 -13.40 31.66 30.07
N ASN B 127 -13.18 31.15 31.27
CA ASN B 127 -12.55 31.94 32.31
C ASN B 127 -11.10 32.15 31.89
N LEU B 128 -10.41 31.07 31.54
CA LEU B 128 -9.01 31.15 31.11
C LEU B 128 -8.86 32.09 29.92
N ARG B 129 -9.81 32.07 29.01
CA ARG B 129 -9.75 32.93 27.84
C ARG B 129 -9.85 34.41 28.22
N GLU B 130 -10.74 34.73 29.16
CA GLU B 130 -10.89 36.12 29.58
C GLU B 130 -9.59 36.61 30.20
N LEU B 131 -8.94 35.74 30.98
CA LEU B 131 -7.67 36.07 31.62
C LEU B 131 -6.54 36.26 30.62
N SER B 132 -6.52 35.46 29.56
CA SER B 132 -5.47 35.56 28.55
C SER B 132 -5.53 36.92 27.88
N HIS B 133 -6.75 37.42 27.67
CA HIS B 133 -6.94 38.73 27.04
C HIS B 133 -6.61 39.81 28.06
N LYS B 134 -7.05 39.58 29.30
CA LYS B 134 -6.82 40.52 30.38
C LYS B 134 -5.32 40.73 30.60
N HIS B 135 -4.57 39.64 30.63
CA HIS B 135 -3.13 39.72 30.84
C HIS B 135 -2.36 39.78 29.52
N ASN B 136 -3.09 39.81 28.41
CA ASN B 136 -2.48 39.86 27.08
C ASN B 136 -1.35 38.84 26.89
N ARG B 137 -1.64 37.58 27.19
CA ARG B 137 -0.68 36.50 27.05
C ARG B 137 -1.31 35.34 26.28
N ILE B 138 -0.55 34.71 25.40
CA ILE B 138 -1.10 33.60 24.62
C ILE B 138 -1.16 32.30 25.41
N VAL B 139 -2.04 31.40 24.96
CA VAL B 139 -2.19 30.10 25.57
C VAL B 139 -2.28 29.10 24.42
N GLY B 140 -1.15 28.46 24.12
CA GLY B 140 -1.14 27.49 23.04
C GLY B 140 -1.55 26.13 23.55
N VAL B 141 -2.16 25.32 22.68
CA VAL B 141 -2.58 23.98 23.06
C VAL B 141 -1.85 23.01 22.15
N THR B 142 -1.39 21.90 22.72
CA THR B 142 -0.61 20.94 21.96
C THR B 142 -1.25 20.03 20.93
N TYR B 143 -1.87 20.63 19.92
CA TYR B 143 -2.45 19.85 18.83
C TYR B 143 -1.27 19.78 17.85
N GLY B 144 -0.22 19.08 18.28
CA GLY B 144 1.02 18.95 17.51
C GLY B 144 0.96 18.44 16.08
N TYR B 145 -0.05 17.65 15.74
CA TYR B 145 -0.16 17.13 14.39
C TYR B 145 -0.30 18.22 13.34
N ALA B 146 -0.82 19.38 13.74
CA ALA B 146 -1.00 20.50 12.81
C ALA B 146 0.34 21.09 12.35
N GLY B 147 1.43 20.64 12.96
CA GLY B 147 2.74 21.14 12.57
C GLY B 147 3.27 20.50 11.29
N HIS B 148 2.63 19.42 10.86
CA HIS B 148 3.05 18.72 9.64
C HIS B 148 2.73 19.60 8.42
N GLN B 149 3.74 19.84 7.60
CA GLN B 149 3.60 20.69 6.42
C GLN B 149 2.40 20.39 5.51
N LEU B 150 2.14 19.11 5.26
CA LEU B 150 1.04 18.75 4.37
C LEU B 150 -0.34 19.20 4.85
N ILE B 151 -0.47 19.47 6.16
CA ILE B 151 -1.75 19.94 6.67
C ILE B 151 -1.99 21.32 6.04
N GLU B 152 -0.89 22.06 5.85
CA GLU B 152 -0.93 23.39 5.24
C GLU B 152 -1.31 23.26 3.78
N GLN B 153 -0.76 22.23 3.14
CA GLN B 153 -1.04 21.98 1.73
C GLN B 153 -2.54 21.77 1.54
N ALA B 154 -3.12 20.92 2.39
CA ALA B 154 -4.54 20.65 2.32
C ALA B 154 -5.33 21.94 2.47
N ARG B 155 -4.97 22.72 3.50
CA ARG B 155 -5.64 23.99 3.77
C ARG B 155 -5.66 24.86 2.52
N GLU B 156 -4.50 25.02 1.89
CA GLU B 156 -4.37 25.84 0.70
C GLU B 156 -5.18 25.31 -0.49
N MSE B 157 -5.16 24.00 -0.68
CA MSE B 157 -5.89 23.40 -1.78
C MSE B 157 -7.41 23.58 -1.61
O MSE B 157 -8.13 23.84 -2.58
CB MSE B 157 -5.57 21.92 -1.89
CG MSE B 157 -4.10 21.64 -2.16
SE MSE B 157 -3.75 19.74 -2.22
CE MSE B 157 -4.25 19.34 -4.03
N ILE B 158 -7.87 23.43 -0.38
CA ILE B 158 -9.29 23.58 -0.12
C ILE B 158 -9.71 25.03 -0.34
N ALA B 159 -8.93 25.96 0.20
CA ALA B 159 -9.23 27.38 0.05
C ALA B 159 -9.19 27.80 -1.42
N ALA B 160 -8.29 27.16 -2.18
CA ALA B 160 -8.15 27.47 -3.60
C ALA B 160 -9.27 26.83 -4.44
N GLY B 161 -10.12 26.04 -3.79
CA GLY B 161 -11.24 25.41 -4.49
C GLY B 161 -10.96 24.13 -5.26
N GLU B 162 -9.81 23.51 -5.01
CA GLU B 162 -9.43 22.28 -5.69
C GLU B 162 -10.31 21.06 -5.42
N LEU B 163 -11.05 21.10 -4.31
CA LEU B 163 -11.94 19.98 -3.98
C LEU B 163 -13.37 20.30 -4.35
N GLY B 164 -13.60 21.52 -4.83
CA GLY B 164 -14.96 21.93 -5.17
C GLY B 164 -15.65 22.25 -3.86
N ASP B 165 -16.97 22.09 -3.80
CA ASP B 165 -17.68 22.37 -2.55
C ASP B 165 -17.50 21.21 -1.59
N VAL B 166 -17.11 21.51 -0.35
CA VAL B 166 -16.92 20.48 0.67
C VAL B 166 -18.25 19.85 1.04
N ARG B 167 -18.28 18.52 1.07
CA ARG B 167 -19.50 17.80 1.41
C ARG B 167 -19.36 17.03 2.71
N MSE B 168 -18.24 16.35 2.89
CA MSE B 168 -18.02 15.59 4.11
C MSE B 168 -16.61 15.74 4.67
O MSE B 168 -15.65 16.01 3.93
CB MSE B 168 -18.32 14.11 3.87
CG MSE B 168 -19.77 13.81 3.54
SE MSE B 168 -19.96 12.12 2.63
CE MSE B 168 -19.69 12.81 0.87
N VAL B 169 -16.50 15.56 5.98
CA VAL B 169 -15.23 15.62 6.68
C VAL B 169 -15.23 14.42 7.61
N HIS B 170 -14.53 13.37 7.20
CA HIS B 170 -14.44 12.14 7.98
C HIS B 170 -13.12 12.10 8.74
N MSE B 171 -13.23 12.04 10.06
CA MSE B 171 -12.05 12.02 10.92
C MSE B 171 -12.06 10.83 11.86
O MSE B 171 -13.11 10.28 12.19
CB MSE B 171 -11.99 13.29 11.76
CG MSE B 171 -11.88 14.58 10.98
SE MSE B 171 -12.68 16.03 11.97
CE MSE B 171 -14.54 15.83 11.39
N GLN B 172 -10.86 10.45 12.31
CA GLN B 172 -10.74 9.35 13.24
C GLN B 172 -9.34 9.33 13.84
N PHE B 173 -9.28 8.90 15.09
CA PHE B 173 -8.02 8.70 15.80
C PHE B 173 -8.40 7.46 16.60
N ALA B 174 -8.12 6.31 16.01
CA ALA B 174 -8.47 5.03 16.61
C ALA B 174 -7.33 4.03 16.65
N HIS B 175 -6.73 3.86 17.82
CA HIS B 175 -5.64 2.92 18.01
C HIS B 175 -6.18 1.80 18.92
N GLY B 176 -5.42 0.72 19.05
CA GLY B 176 -5.88 -0.39 19.88
C GLY B 176 -5.09 -0.66 21.15
N PHE B 177 -4.20 0.26 21.52
CA PHE B 177 -3.36 0.04 22.70
C PHE B 177 -4.08 -0.27 23.99
N HIS B 178 -5.35 0.11 24.10
CA HIS B 178 -6.09 -0.16 25.31
C HIS B 178 -7.24 -1.14 25.09
N SER B 179 -7.02 -2.11 24.20
CA SER B 179 -8.04 -3.12 23.91
C SER B 179 -8.17 -4.05 25.12
N ALA B 180 -7.10 -4.15 25.90
CA ALA B 180 -7.08 -5.01 27.08
C ALA B 180 -6.99 -4.19 28.37
N GLY B 199 -12.19 14.18 34.77
CA GLY B 199 -12.56 14.54 33.41
C GLY B 199 -13.89 13.90 33.00
N PRO B 200 -14.63 14.54 32.08
CA PRO B 200 -15.90 14.01 31.62
C PRO B 200 -15.78 12.87 30.60
N SER B 201 -14.62 12.73 29.97
CA SER B 201 -14.44 11.68 28.98
C SER B 201 -13.01 11.18 28.92
N TYR B 202 -12.79 10.18 28.06
CA TYR B 202 -11.45 9.63 27.87
C TYR B 202 -10.98 9.84 26.43
N VAL B 203 -11.34 8.94 25.53
CA VAL B 203 -10.88 9.06 24.13
C VAL B 203 -11.38 10.31 23.39
N LEU B 204 -12.59 10.75 23.70
CA LEU B 204 -13.11 11.96 23.06
C LEU B 204 -12.16 13.13 23.26
N GLY B 205 -11.69 13.32 24.50
CA GLY B 205 -10.76 14.40 24.76
C GLY B 205 -9.31 14.06 24.47
N ASP B 206 -8.93 12.82 24.77
CA ASP B 206 -7.56 12.39 24.55
C ASP B 206 -7.13 12.29 23.08
N VAL B 207 -8.00 11.77 22.21
CA VAL B 207 -7.64 11.64 20.80
C VAL B 207 -8.59 12.24 19.77
N GLY B 208 -9.90 12.22 20.05
CA GLY B 208 -10.85 12.76 19.11
C GLY B 208 -10.58 14.20 18.70
N THR B 209 -10.19 15.02 19.67
CA THR B 209 -9.92 16.44 19.40
C THR B 209 -8.73 16.71 18.47
N HIS B 210 -7.84 15.74 18.30
CA HIS B 210 -6.71 15.96 17.40
C HIS B 210 -7.15 16.11 15.96
N PRO B 211 -7.85 15.10 15.40
CA PRO B 211 -8.27 15.27 14.01
C PRO B 211 -9.26 16.42 13.88
N LEU B 212 -9.98 16.69 14.96
CA LEU B 212 -10.94 17.78 14.94
C LEU B 212 -10.19 19.10 14.71
N TYR B 213 -9.05 19.26 15.37
CA TYR B 213 -8.30 20.50 15.16
C TYR B 213 -7.70 20.54 13.75
N LEU B 214 -7.32 19.38 13.22
CA LEU B 214 -6.79 19.34 11.86
C LEU B 214 -7.86 19.85 10.91
N SER B 215 -9.13 19.50 11.17
CA SER B 215 -10.19 19.95 10.29
C SER B 215 -10.33 21.47 10.40
N GLU B 216 -10.09 21.98 11.61
CA GLU B 216 -10.15 23.40 11.88
C GLU B 216 -9.12 24.13 11.00
N VAL B 217 -7.91 23.59 10.91
CA VAL B 217 -6.87 24.18 10.11
C VAL B 217 -7.17 24.06 8.62
N MSE B 218 -7.72 22.92 8.21
CA MSE B 218 -8.05 22.68 6.81
C MSE B 218 -9.29 23.42 6.33
O MSE B 218 -9.37 23.85 5.18
CB MSE B 218 -8.25 21.20 6.55
CG MSE B 218 -7.01 20.33 6.77
SE MSE B 218 -7.33 18.54 6.16
CE MSE B 218 -5.72 17.69 6.88
N LEU B 219 -10.27 23.57 7.22
CA LEU B 219 -11.53 24.21 6.88
C LEU B 219 -11.93 25.20 7.97
N PRO B 220 -11.19 26.31 8.09
CA PRO B 220 -11.47 27.32 9.11
C PRO B 220 -12.82 28.02 9.04
N ASP B 221 -13.48 28.00 7.88
CA ASP B 221 -14.77 28.66 7.74
C ASP B 221 -15.97 27.76 8.03
N LEU B 222 -15.71 26.46 8.19
CA LEU B 222 -16.78 25.52 8.45
C LEU B 222 -17.26 25.70 9.89
N LYS B 223 -18.58 25.72 10.09
CA LYS B 223 -19.12 25.88 11.43
C LYS B 223 -20.13 24.79 11.81
N ILE B 224 -19.95 24.23 13.00
CA ILE B 224 -20.81 23.17 13.49
C ILE B 224 -22.16 23.69 13.96
N LYS B 225 -23.24 23.15 13.40
CA LYS B 225 -24.58 23.56 13.79
C LYS B 225 -25.10 22.68 14.93
N ARG B 226 -24.99 21.36 14.77
CA ARG B 226 -25.44 20.44 15.80
C ARG B 226 -24.75 19.09 15.63
N LEU B 227 -24.74 18.29 16.70
CA LEU B 227 -24.10 16.98 16.66
C LEU B 227 -24.72 15.99 17.64
N MSE B 228 -24.42 14.71 17.43
CA MSE B 228 -24.88 13.65 18.31
C MSE B 228 -23.68 12.73 18.48
O MSE B 228 -22.79 12.68 17.63
CB MSE B 228 -26.06 12.89 17.70
CG MSE B 228 -25.81 12.24 16.36
SE MSE B 228 -27.26 11.00 15.87
CE MSE B 228 -28.72 12.21 15.92
N CYS B 229 -23.63 12.02 19.60
CA CYS B 229 -22.53 11.15 19.89
C CYS B 229 -23.00 9.88 20.57
N SER B 230 -22.28 8.79 20.33
CA SER B 230 -22.57 7.49 20.90
C SER B 230 -21.24 6.97 21.45
N ARG B 231 -21.15 6.81 22.77
CA ARG B 231 -19.89 6.35 23.34
C ARG B 231 -20.07 5.05 24.13
N GLN B 232 -19.00 4.25 24.16
CA GLN B 232 -19.03 2.99 24.87
C GLN B 232 -17.80 2.79 25.74
N SER B 233 -17.94 1.94 26.74
CA SER B 233 -16.86 1.58 27.65
C SER B 233 -16.75 0.08 27.46
N PHE B 234 -16.04 -0.34 26.42
CA PHE B 234 -15.88 -1.77 26.13
C PHE B 234 -15.14 -2.47 27.25
N VAL B 235 -14.21 -1.77 27.87
CA VAL B 235 -13.53 -2.29 29.03
C VAL B 235 -14.43 -1.66 30.10
N ALA B 236 -15.42 -2.42 30.52
CA ALA B 236 -16.44 -1.99 31.49
C ALA B 236 -16.00 -1.17 32.69
N SER B 237 -14.91 -1.57 33.33
CA SER B 237 -14.42 -0.86 34.50
C SER B 237 -14.15 0.63 34.23
N ARG B 238 -14.01 0.99 32.96
CA ARG B 238 -13.75 2.38 32.60
C ARG B 238 -14.97 3.29 32.70
N ALA B 239 -16.17 2.70 32.71
CA ALA B 239 -17.39 3.50 32.79
C ALA B 239 -17.29 4.43 34.00
N PRO B 240 -17.82 5.67 33.87
CA PRO B 240 -18.51 6.21 32.70
C PRO B 240 -17.60 6.73 31.57
N LEU B 241 -16.29 6.65 31.74
CA LEU B 241 -15.38 7.13 30.71
C LEU B 241 -15.37 6.19 29.49
N GLU B 242 -15.51 6.75 28.31
CA GLU B 242 -15.56 5.97 27.08
C GLU B 242 -14.22 5.66 26.40
N ASP B 243 -14.04 4.43 25.93
CA ASP B 243 -12.82 4.08 25.19
C ASP B 243 -13.13 3.95 23.69
N ASN B 244 -14.34 4.36 23.32
CA ASN B 244 -14.78 4.35 21.94
C ASN B 244 -15.96 5.31 21.80
N ALA B 245 -16.01 6.04 20.69
CA ALA B 245 -17.08 6.99 20.46
C ALA B 245 -17.29 7.36 18.99
N TYR B 246 -18.54 7.59 18.64
CA TYR B 246 -18.91 8.00 17.30
C TYR B 246 -19.58 9.36 17.46
N THR B 247 -19.11 10.35 16.70
CA THR B 247 -19.69 11.69 16.76
C THR B 247 -20.11 12.11 15.36
N LEU B 248 -21.41 12.28 15.16
CA LEU B 248 -21.92 12.72 13.87
C LEU B 248 -22.26 14.21 13.97
N MSE B 249 -21.80 14.99 13.01
CA MSE B 249 -22.03 16.43 13.02
C MSE B 249 -22.64 16.99 11.75
O MSE B 249 -22.41 16.47 10.65
CB MSE B 249 -20.72 17.18 13.27
CG MSE B 249 -19.92 16.66 14.46
SE MSE B 249 -18.25 17.59 14.65
CE MSE B 249 -17.23 16.71 13.27
N GLU B 250 -23.40 18.05 11.91
CA GLU B 250 -24.01 18.74 10.78
C GLU B 250 -23.38 20.13 10.78
N TYR B 251 -22.76 20.48 9.66
CA TYR B 251 -22.13 21.78 9.51
C TYR B 251 -23.11 22.75 8.90
N GLU B 252 -22.95 24.02 9.22
CA GLU B 252 -23.81 25.04 8.63
C GLU B 252 -23.50 24.99 7.14
N GLY B 253 -24.53 24.96 6.31
CA GLY B 253 -24.26 24.92 4.88
C GLY B 253 -24.55 23.58 4.25
N GLY B 254 -24.75 22.56 5.08
CA GLY B 254 -25.06 21.24 4.55
C GLY B 254 -24.00 20.16 4.65
N ALA B 255 -22.74 20.53 4.86
CA ALA B 255 -21.69 19.50 4.96
C ALA B 255 -21.90 18.64 6.19
N MSE B 256 -21.44 17.40 6.14
CA MSE B 256 -21.57 16.46 7.25
C MSE B 256 -20.20 16.13 7.83
O MSE B 256 -19.19 16.17 7.13
CB MSE B 256 -22.25 15.17 6.81
CG MSE B 256 -23.63 15.36 6.20
SE MSE B 256 -24.93 16.08 7.44
CE MSE B 256 -24.94 14.74 8.84
N GLY B 257 -20.16 15.79 9.12
CA GLY B 257 -18.90 15.46 9.76
C GLY B 257 -19.03 14.24 10.62
N MSE B 258 -17.99 13.42 10.64
CA MSE B 258 -17.99 12.20 11.43
C MSE B 258 -16.65 12.06 12.13
O MSE B 258 -15.60 12.25 11.52
CB MSE B 258 -18.25 10.98 10.56
CG MSE B 258 -18.27 9.66 11.33
SE MSE B 258 -19.79 9.47 12.57
CE MSE B 258 -19.15 7.96 13.60
N VAL B 259 -16.70 11.71 13.41
CA VAL B 259 -15.49 11.53 14.20
C VAL B 259 -15.53 10.22 14.97
N TRP B 260 -14.59 9.33 14.68
CA TRP B 260 -14.50 8.06 15.39
C TRP B 260 -13.30 8.14 16.31
N SER B 261 -13.56 8.12 17.61
CA SER B 261 -12.52 8.17 18.62
C SER B 261 -12.40 6.79 19.26
N SER B 262 -11.18 6.26 19.34
CA SER B 262 -11.03 4.95 19.94
C SER B 262 -9.66 4.60 20.47
N ALA B 263 -9.66 3.78 21.52
CA ALA B 263 -8.45 3.29 22.15
C ALA B 263 -8.56 1.77 22.15
N VAL B 264 -9.60 1.25 21.50
CA VAL B 264 -9.79 -0.19 21.42
C VAL B 264 -9.91 -0.73 19.99
N ASN B 265 -9.34 0.00 19.06
CA ASN B 265 -9.34 -0.46 17.68
C ASN B 265 -8.14 -1.41 17.57
N ALA B 266 -8.34 -2.63 18.05
CA ALA B 266 -7.32 -3.67 18.07
C ALA B 266 -6.49 -3.79 16.79
N GLY B 267 -5.17 -3.80 16.96
CA GLY B 267 -4.29 -3.92 15.81
C GLY B 267 -3.84 -2.60 15.23
N SER B 268 -4.52 -1.51 15.56
CA SER B 268 -4.16 -0.20 15.06
C SER B 268 -3.04 0.42 15.88
N MSE B 269 -1.99 0.88 15.21
CA MSE B 269 -0.84 1.50 15.87
C MSE B 269 -1.09 2.95 16.26
O MSE B 269 -0.37 3.51 17.09
CB MSE B 269 0.38 1.45 14.93
CG MSE B 269 0.93 0.07 14.70
SE MSE B 269 1.64 -0.64 16.34
CE MSE B 269 3.07 0.63 16.63
N HIS B 270 -2.11 3.56 15.66
CA HIS B 270 -2.45 4.96 15.94
C HIS B 270 -3.75 5.24 15.18
N GLY B 271 -3.70 5.10 13.86
CA GLY B 271 -4.88 5.30 13.03
C GLY B 271 -5.59 6.65 13.05
N GLN B 272 -4.80 7.72 13.02
CA GLN B 272 -5.38 9.05 12.98
C GLN B 272 -5.43 9.42 11.52
N LYS B 273 -6.64 9.66 11.01
CA LYS B 273 -6.83 10.00 9.61
C LYS B 273 -7.92 11.04 9.42
N ILE B 274 -7.80 11.82 8.36
CA ILE B 274 -8.82 12.80 8.04
C ILE B 274 -9.01 12.79 6.54
N ARG B 275 -10.26 12.61 6.11
CA ARG B 275 -10.57 12.61 4.69
C ARG B 275 -11.58 13.73 4.44
N VAL B 276 -11.22 14.69 3.60
CA VAL B 276 -12.12 15.77 3.27
C VAL B 276 -12.66 15.48 1.88
N ILE B 277 -13.98 15.38 1.76
CA ILE B 277 -14.60 15.06 0.49
C ILE B 277 -15.38 16.23 -0.12
N GLY B 278 -15.03 16.59 -1.35
CA GLY B 278 -15.70 17.68 -2.03
C GLY B 278 -16.47 17.21 -3.24
N SER B 279 -17.19 18.13 -3.88
CA SER B 279 -17.96 17.79 -5.07
C SER B 279 -17.06 17.40 -6.24
N ARG B 280 -15.81 17.86 -6.20
CA ARG B 280 -14.87 17.58 -7.28
C ARG B 280 -13.75 16.59 -6.97
N ALA B 281 -13.34 16.54 -5.71
CA ALA B 281 -12.27 15.64 -5.33
C ALA B 281 -12.16 15.49 -3.83
N SER B 282 -11.33 14.54 -3.40
CA SER B 282 -11.11 14.30 -1.98
C SER B 282 -9.62 14.40 -1.62
N LEU B 283 -9.35 14.65 -0.35
CA LEU B 283 -7.99 14.71 0.19
C LEU B 283 -8.00 13.79 1.40
N GLU B 284 -6.90 13.09 1.64
CA GLU B 284 -6.82 12.20 2.80
C GLU B 284 -5.40 12.16 3.33
N TRP B 285 -5.29 12.32 4.65
CA TRP B 285 -4.00 12.33 5.34
C TRP B 285 -4.06 11.34 6.51
N TRP B 286 -2.93 10.67 6.75
CA TRP B 286 -2.82 9.65 7.81
C TRP B 286 -1.57 9.97 8.63
N ASP B 287 -1.75 10.14 9.94
CA ASP B 287 -0.63 10.50 10.81
C ASP B 287 0.55 9.52 10.84
N GLU B 288 0.32 8.27 10.47
CA GLU B 288 1.41 7.30 10.44
C GLU B 288 2.23 7.41 9.14
N ARG B 289 1.73 8.19 8.18
CA ARG B 289 2.41 8.42 6.90
C ARG B 289 2.26 9.92 6.71
N PRO B 290 2.85 10.69 7.64
CA PRO B 290 2.78 12.15 7.63
C PRO B 290 3.28 12.89 6.40
N ASN B 291 4.24 12.30 5.69
CA ASN B 291 4.85 12.92 4.52
C ASN B 291 4.16 12.75 3.17
N GLN B 292 3.01 12.08 3.16
CA GLN B 292 2.23 11.89 1.94
C GLN B 292 0.81 12.40 2.15
N LEU B 293 0.24 12.97 1.10
CA LEU B 293 -1.12 13.49 1.15
C LEU B 293 -1.84 13.00 -0.10
N SER B 294 -2.91 12.23 0.09
CA SER B 294 -3.68 11.72 -1.04
C SER B 294 -4.59 12.79 -1.64
N PHE B 295 -4.58 12.90 -2.96
CA PHE B 295 -5.43 13.85 -3.67
C PHE B 295 -6.16 13.06 -4.74
N GLU B 296 -7.47 12.94 -4.58
CA GLU B 296 -8.29 12.14 -5.49
C GLU B 296 -9.37 12.89 -6.27
N VAL B 297 -9.02 13.31 -7.48
CA VAL B 297 -9.99 14.01 -8.34
C VAL B 297 -10.88 12.98 -9.04
N GLN B 298 -12.18 13.06 -8.82
CA GLN B 298 -13.13 12.13 -9.43
C GLN B 298 -13.01 12.11 -10.95
N GLY B 299 -12.82 10.91 -11.49
CA GLY B 299 -12.72 10.79 -12.93
C GLY B 299 -11.29 10.97 -13.41
N GLN B 300 -10.35 11.13 -12.47
CA GLN B 300 -8.94 11.28 -12.79
C GLN B 300 -8.08 10.31 -11.97
N PRO B 301 -6.82 10.10 -12.39
CA PRO B 301 -5.98 9.18 -11.62
C PRO B 301 -5.71 9.77 -10.23
N ALA B 302 -5.73 8.91 -9.22
CA ALA B 302 -5.45 9.37 -7.86
C ALA B 302 -4.01 9.90 -7.83
N GLN B 303 -3.74 10.84 -6.93
CA GLN B 303 -2.40 11.39 -6.81
C GLN B 303 -1.90 11.34 -5.38
N ILE B 304 -0.58 11.26 -5.24
CA ILE B 304 0.04 11.27 -3.92
C ILE B 304 0.99 12.47 -3.88
N LEU B 305 0.69 13.44 -3.02
CA LEU B 305 1.54 14.60 -2.89
C LEU B 305 2.58 14.31 -1.82
N GLU B 306 3.83 14.65 -2.11
CA GLU B 306 4.95 14.44 -1.20
C GLU B 306 5.46 15.72 -0.55
N ARG B 307 5.80 15.63 0.72
CA ARG B 307 6.33 16.76 1.46
C ARG B 307 7.62 17.23 0.77
N GLY B 308 7.80 18.54 0.74
CA GLY B 308 9.00 19.11 0.16
C GLY B 308 9.08 19.22 -1.35
N MSE B 309 7.99 18.94 -2.08
CA MSE B 309 8.05 19.04 -3.52
C MSE B 309 7.65 20.42 -4.04
O MSE B 309 6.79 21.09 -3.47
CB MSE B 309 7.22 17.94 -4.17
CG MSE B 309 7.80 16.54 -3.97
SE MSE B 309 9.62 16.46 -4.66
CE MSE B 309 9.29 16.06 -6.53
N GLY B 310 8.29 20.83 -5.13
CA GLY B 310 8.05 22.12 -5.74
C GLY B 310 6.64 22.46 -6.17
N TYR B 311 5.79 21.46 -6.30
CA TYR B 311 4.41 21.70 -6.70
C TYR B 311 3.53 22.08 -5.51
N LEU B 312 4.10 22.02 -4.31
CA LEU B 312 3.36 22.38 -3.09
C LEU B 312 3.22 23.90 -2.97
N HIS B 313 2.16 24.33 -2.29
CA HIS B 313 1.94 25.76 -2.07
C HIS B 313 3.11 26.25 -1.21
N PRO B 314 3.59 27.48 -1.46
CA PRO B 314 4.70 28.03 -0.68
C PRO B 314 4.57 27.87 0.83
N ASN B 315 3.37 28.05 1.37
CA ASN B 315 3.15 27.94 2.82
C ASN B 315 3.42 26.53 3.36
N ALA B 316 3.32 25.54 2.47
CA ALA B 316 3.55 24.16 2.88
C ALA B 316 5.01 23.77 2.76
N LEU B 317 5.83 24.69 2.25
CA LEU B 317 7.25 24.42 2.07
C LEU B 317 8.17 25.14 3.06
N ILE B 318 7.76 26.30 3.52
CA ILE B 318 8.56 27.10 4.44
C ILE B 318 9.15 26.36 5.64
N ASP B 319 8.42 25.41 6.20
CA ASP B 319 8.93 24.68 7.36
C ASP B 319 9.81 23.45 7.09
N ASP B 320 10.10 23.14 5.83
CA ASP B 320 10.93 21.98 5.53
C ASP B 320 12.29 22.11 6.17
N ARG B 321 12.74 21.05 6.83
CA ARG B 321 14.04 21.05 7.49
C ARG B 321 15.01 20.13 6.76
N ILE B 322 14.51 19.44 5.74
CA ILE B 322 15.35 18.55 4.96
C ILE B 322 14.66 18.26 3.63
N GLY B 323 15.44 17.84 2.64
CA GLY B 323 14.89 17.55 1.32
C GLY B 323 13.81 16.49 1.28
N GLY B 324 12.89 16.63 0.32
CA GLY B 324 11.83 15.65 0.18
C GLY B 324 12.42 14.28 -0.06
N GLY B 325 11.71 13.24 0.36
CA GLY B 325 12.22 11.90 0.20
C GLY B 325 12.80 11.45 1.53
N HIS B 326 13.47 12.37 2.21
CA HIS B 326 14.02 12.07 3.53
C HIS B 326 12.78 12.19 4.42
N PRO B 327 12.45 11.14 5.19
CA PRO B 327 11.26 11.21 6.04
C PRO B 327 11.38 12.05 7.31
N GLU B 328 10.53 13.06 7.43
CA GLU B 328 10.52 13.88 8.64
C GLU B 328 9.48 13.19 9.53
N GLY B 329 9.39 13.60 10.79
CA GLY B 329 8.45 12.97 11.70
C GLY B 329 7.72 13.91 12.64
N LEU B 330 7.05 13.33 13.63
CA LEU B 330 6.28 14.11 14.60
C LEU B 330 7.11 15.13 15.36
N PHE B 331 8.38 14.81 15.61
CA PHE B 331 9.26 15.75 16.30
C PHE B 331 9.41 17.03 15.48
N GLU B 332 9.46 16.92 14.15
CA GLU B 332 9.58 18.12 13.31
C GLU B 332 8.30 18.93 13.41
N ALA B 333 7.16 18.24 13.35
CA ALA B 333 5.87 18.88 13.44
C ALA B 333 5.74 19.71 14.72
N TRP B 334 6.16 19.14 15.84
CA TRP B 334 6.09 19.86 17.12
C TRP B 334 7.02 21.07 17.13
N ALA B 335 8.17 20.96 16.48
CA ALA B 335 9.10 22.08 16.41
C ALA B 335 8.43 23.20 15.61
N ASN B 336 7.79 22.82 14.51
CA ASN B 336 7.11 23.81 13.69
C ASN B 336 6.01 24.47 14.54
N LEU B 337 5.31 23.66 15.33
CA LEU B 337 4.25 24.18 16.17
C LEU B 337 4.80 25.15 17.22
N TYR B 338 5.82 24.70 17.95
CA TYR B 338 6.40 25.56 18.97
C TYR B 338 6.93 26.84 18.37
N TYR B 339 7.40 26.76 17.13
CA TYR B 339 7.91 27.95 16.49
C TYR B 339 6.80 28.98 16.33
N ARG B 340 5.63 28.52 15.90
CA ARG B 340 4.51 29.42 15.72
C ARG B 340 4.12 30.02 17.08
N PHE B 341 4.14 29.20 18.13
CA PHE B 341 3.84 29.71 19.47
C PHE B 341 4.78 30.89 19.76
N ALA B 342 6.07 30.67 19.51
CA ALA B 342 7.07 31.71 19.73
C ALA B 342 6.75 32.97 18.95
N LEU B 343 6.36 32.79 17.68
CA LEU B 343 6.02 33.94 16.85
C LEU B 343 4.82 34.69 17.42
N ALA B 344 3.84 33.95 17.95
CA ALA B 344 2.66 34.56 18.52
C ALA B 344 2.99 35.36 19.77
N MSE B 345 3.79 34.78 20.65
CA MSE B 345 4.20 35.45 21.89
C MSE B 345 4.93 36.74 21.55
O MSE B 345 4.59 37.82 22.06
CB MSE B 345 5.13 34.55 22.70
CG MSE B 345 4.51 33.23 23.11
SE MSE B 345 5.78 32.05 23.97
CE MSE B 345 4.58 30.66 24.56
N ASP B 346 5.94 36.63 20.69
CA ASP B 346 6.74 37.77 20.29
C ASP B 346 5.89 38.91 19.72
N ALA B 347 4.98 38.57 18.82
CA ALA B 347 4.11 39.58 18.21
C ALA B 347 3.21 40.21 19.27
N THR B 348 2.80 39.38 20.24
CA THR B 348 1.94 39.86 21.31
C THR B 348 2.72 40.81 22.21
N ASP B 349 4.03 40.54 22.37
CA ASP B 349 4.88 41.37 23.19
C ASP B 349 5.24 42.70 22.54
N ARG B 350 5.62 42.66 21.27
CA ARG B 350 5.99 43.86 20.53
C ARG B 350 4.75 44.64 20.10
N SER B 351 3.58 44.15 20.51
CA SER B 351 2.33 44.79 20.15
C SER B 351 2.27 44.98 18.64
N ASP B 352 2.83 44.02 17.91
CA ASP B 352 2.85 44.06 16.45
C ASP B 352 1.59 43.36 15.94
N THR B 353 0.48 44.09 15.93
CA THR B 353 -0.80 43.56 15.48
C THR B 353 -0.68 42.80 14.16
N GLN B 354 0.02 43.40 13.19
CA GLN B 354 0.18 42.76 11.89
C GLN B 354 0.85 41.39 11.96
N ALA B 355 1.91 41.28 12.74
CA ALA B 355 2.65 40.03 12.87
C ALA B 355 1.85 38.93 13.55
N LEU B 356 1.00 39.30 14.50
CA LEU B 356 0.20 38.31 15.22
C LEU B 356 -0.88 37.73 14.33
N SER B 357 -1.46 38.56 13.47
CA SER B 357 -2.53 38.13 12.58
C SER B 357 -2.04 37.16 11.51
N ALA B 358 -0.75 37.23 11.18
CA ALA B 358 -0.17 36.38 10.16
C ALA B 358 0.25 35.01 10.70
N VAL B 359 0.20 34.85 12.02
CA VAL B 359 0.59 33.58 12.62
C VAL B 359 -0.64 32.75 13.00
N ARG B 360 -0.74 31.55 12.43
CA ARG B 360 -1.85 30.68 12.75
C ARG B 360 -1.32 29.62 13.71
N TYR B 361 -1.96 29.47 14.86
CA TYR B 361 -1.51 28.48 15.83
C TYR B 361 -2.66 28.02 16.71
N PRO B 362 -2.53 26.85 17.35
CA PRO B 362 -3.59 26.35 18.23
C PRO B 362 -3.53 27.20 19.49
N GLY B 363 -4.41 28.19 19.58
CA GLY B 363 -4.43 29.07 20.72
C GLY B 363 -5.56 28.84 21.70
N ILE B 364 -5.89 29.89 22.46
CA ILE B 364 -6.95 29.80 23.45
C ILE B 364 -8.31 29.42 22.85
N ASP B 365 -8.63 29.98 21.68
CA ASP B 365 -9.91 29.66 21.05
C ASP B 365 -9.96 28.18 20.69
N ALA B 366 -8.87 27.66 20.13
CA ALA B 366 -8.82 26.25 19.78
C ALA B 366 -8.97 25.42 21.06
N GLY B 367 -8.41 25.92 22.15
CA GLY B 367 -8.50 25.23 23.42
C GLY B 367 -9.95 25.21 23.89
N VAL B 368 -10.59 26.36 23.83
CA VAL B 368 -11.98 26.48 24.24
C VAL B 368 -12.85 25.53 23.43
N GLU B 369 -12.66 25.53 22.12
CA GLU B 369 -13.43 24.69 21.24
C GLU B 369 -13.22 23.19 21.49
N GLY B 370 -12.01 22.84 21.90
CA GLY B 370 -11.71 21.44 22.18
C GLY B 370 -12.54 20.98 23.36
N VAL B 371 -12.60 21.84 24.38
CA VAL B 371 -13.35 21.53 25.58
C VAL B 371 -14.86 21.51 25.30
N ARG B 372 -15.33 22.45 24.47
CA ARG B 372 -16.75 22.52 24.13
C ARG B 372 -17.24 21.32 23.33
N TRP B 373 -16.44 20.91 22.35
CA TRP B 373 -16.80 19.77 21.52
C TRP B 373 -16.99 18.54 22.41
N VAL B 374 -16.04 18.30 23.31
CA VAL B 374 -16.14 17.14 24.20
C VAL B 374 -17.40 17.26 25.07
N GLU B 375 -17.64 18.46 25.57
CA GLU B 375 -18.79 18.69 26.42
C GLU B 375 -20.10 18.41 25.70
N ARG B 376 -20.23 18.90 24.46
CA ARG B 376 -21.43 18.68 23.68
C ARG B 376 -21.58 17.18 23.40
N CYS B 377 -20.47 16.53 23.08
CA CYS B 377 -20.49 15.09 22.81
C CYS B 377 -20.98 14.26 24.00
N VAL B 378 -20.50 14.61 25.19
CA VAL B 378 -20.88 13.90 26.40
C VAL B 378 -22.36 14.10 26.71
N LEU B 379 -22.83 15.33 26.49
CA LEU B 379 -24.23 15.65 26.74
C LEU B 379 -25.14 14.79 25.87
N SER B 380 -24.79 14.70 24.59
CA SER B 380 -25.57 13.89 23.67
C SER B 380 -25.52 12.41 24.06
N ALA B 381 -24.33 11.91 24.31
CA ALA B 381 -24.12 10.51 24.67
C ALA B 381 -24.79 10.12 25.97
N ASP B 382 -24.80 11.02 26.95
CA ASP B 382 -25.45 10.72 28.22
C ASP B 382 -26.95 10.71 28.05
N ASN B 383 -27.43 11.27 26.95
CA ASN B 383 -28.86 11.35 26.66
C ASN B 383 -29.29 10.49 25.48
N ASP B 384 -28.63 9.35 25.33
CA ASP B 384 -28.93 8.40 24.27
C ASP B 384 -28.75 8.91 22.84
N SER B 385 -27.71 9.71 22.64
CA SER B 385 -27.36 10.25 21.32
C SER B 385 -28.35 11.22 20.67
N ILE B 386 -28.94 12.11 21.47
CA ILE B 386 -29.87 13.09 20.91
C ILE B 386 -29.02 14.16 20.21
N TRP B 387 -29.64 14.92 19.31
CA TRP B 387 -28.91 15.99 18.65
C TRP B 387 -28.78 17.10 19.69
N VAL B 388 -27.65 17.80 19.68
CA VAL B 388 -27.48 18.91 20.61
C VAL B 388 -26.86 20.07 19.85
N ALA B 389 -27.41 21.27 20.04
CA ALA B 389 -26.90 22.45 19.37
C ALA B 389 -25.47 22.63 19.83
N TYR B 390 -24.61 23.11 18.94
CA TYR B 390 -23.21 23.30 19.28
C TYR B 390 -22.99 24.54 20.14
N ILE C 9 27.81 9.49 29.07
CA ILE C 9 28.67 10.71 28.93
C ILE C 9 28.10 11.85 29.76
N PRO C 10 28.63 12.03 30.98
CA PRO C 10 28.24 13.07 31.94
C PRO C 10 28.40 14.50 31.42
N GLN C 11 29.45 14.72 30.64
CA GLN C 11 29.75 16.03 30.08
C GLN C 11 29.69 16.00 28.56
N PRO C 12 29.05 17.01 27.95
CA PRO C 12 28.99 17.02 26.48
C PRO C 12 30.38 17.13 25.87
N ILE C 13 30.57 16.50 24.73
CA ILE C 13 31.84 16.52 24.03
C ILE C 13 31.99 17.87 23.31
N ARG C 14 33.10 18.56 23.54
CA ARG C 14 33.34 19.85 22.90
C ARG C 14 33.54 19.58 21.42
N TRP C 15 32.61 20.07 20.63
CA TRP C 15 32.55 19.80 19.19
C TRP C 15 32.64 21.03 18.27
N ALA C 16 33.08 20.77 17.04
CA ALA C 16 33.21 21.82 16.02
C ALA C 16 32.75 21.28 14.67
N MSE C 17 32.45 22.19 13.76
CA MSE C 17 32.01 21.80 12.42
C MSE C 17 32.84 22.52 11.36
O MSE C 17 33.16 23.71 11.49
CB MSE C 17 30.51 22.13 12.26
CG MSE C 17 29.87 21.69 10.95
SE MSE C 17 28.09 20.86 11.24
CE MSE C 17 28.69 19.05 11.43
N VAL C 18 33.24 21.77 10.33
CA VAL C 18 34.00 22.34 9.22
C VAL C 18 33.01 22.41 8.05
N GLY C 19 32.70 23.62 7.62
CA GLY C 19 31.74 23.78 6.55
C GLY C 19 30.34 23.66 7.12
N GLY C 20 29.37 23.29 6.28
CA GLY C 20 28.00 23.14 6.76
C GLY C 20 27.38 24.42 7.29
N GLY C 21 27.65 25.53 6.61
CA GLY C 21 27.13 26.81 7.04
C GLY C 21 25.79 27.17 6.43
N SER C 22 25.55 28.46 6.22
CA SER C 22 24.31 28.93 5.64
C SER C 22 23.93 28.17 4.37
N SER C 24 22.75 25.02 4.18
CA SER C 24 23.28 23.66 4.15
C SER C 24 22.44 22.72 5.01
N GLN C 25 21.56 21.96 4.37
CA GLN C 25 20.70 21.03 5.10
C GLN C 25 21.55 19.93 5.73
N ILE C 26 22.69 19.64 5.08
CA ILE C 26 23.60 18.63 5.58
C ILE C 26 24.13 19.11 6.92
N GLY C 27 24.55 20.37 6.96
CA GLY C 27 25.04 20.92 8.21
C GLY C 27 23.94 20.89 9.25
N TYR C 28 22.72 21.18 8.82
CA TYR C 28 21.60 21.20 9.75
C TYR C 28 21.36 19.87 10.45
N ILE C 29 21.23 18.79 9.68
CA ILE C 29 20.98 17.49 10.33
C ILE C 29 22.17 17.06 11.19
N HIS C 30 23.38 17.45 10.82
CA HIS C 30 24.54 17.12 11.63
C HIS C 30 24.38 17.75 13.01
N ARG C 31 24.14 19.06 13.01
CA ARG C 31 23.96 19.81 14.24
C ARG C 31 22.79 19.31 15.08
N CYS C 32 21.65 19.05 14.43
CA CYS C 32 20.49 18.56 15.14
C CYS C 32 20.82 17.25 15.84
N ALA C 33 21.54 16.39 15.13
CA ALA C 33 21.91 15.08 15.67
C ALA C 33 22.91 15.17 16.81
N ALA C 34 24.00 15.89 16.61
CA ALA C 34 25.04 16.01 17.63
C ALA C 34 24.60 16.71 18.91
N LEU C 35 23.84 17.79 18.76
CA LEU C 35 23.40 18.58 19.90
C LEU C 35 22.21 17.99 20.67
N ARG C 36 21.55 17.00 20.11
CA ARG C 36 20.40 16.41 20.78
C ARG C 36 20.79 15.74 22.09
N ASP C 37 20.02 16.00 23.14
CA ASP C 37 20.28 15.44 24.45
C ASP C 37 21.65 15.88 24.95
N ASN C 38 22.15 16.97 24.37
CA ASN C 38 23.45 17.53 24.74
C ASN C 38 24.59 16.52 24.71
N THR C 39 24.60 15.67 23.69
CA THR C 39 25.66 14.68 23.53
C THR C 39 26.94 15.45 23.21
N PHE C 40 26.79 16.45 22.35
CA PHE C 40 27.90 17.31 21.96
C PHE C 40 27.47 18.74 22.22
N VAL C 41 28.45 19.64 22.24
CA VAL C 41 28.18 21.06 22.43
C VAL C 41 29.03 21.73 21.34
N LEU C 42 28.43 22.64 20.58
CA LEU C 42 29.16 23.31 19.50
C LEU C 42 29.85 24.55 20.06
N VAL C 43 31.18 24.52 20.07
CA VAL C 43 31.96 25.63 20.62
C VAL C 43 32.85 26.34 19.62
N ALA C 44 32.99 25.79 18.43
CA ALA C 44 33.83 26.41 17.41
C ALA C 44 33.48 25.88 16.02
N GLY C 45 34.01 26.54 14.99
CA GLY C 45 33.73 26.10 13.63
C GLY C 45 34.37 26.93 12.54
N ALA C 46 34.50 26.30 11.38
CA ALA C 46 35.04 26.93 10.18
C ALA C 46 33.86 26.74 9.23
N PHE C 47 32.83 27.56 9.44
CA PHE C 47 31.58 27.46 8.69
C PHE C 47 31.52 27.91 7.23
N ASP C 48 32.43 28.77 6.80
CA ASP C 48 32.36 29.24 5.43
C ASP C 48 33.65 29.79 4.83
N ILE C 49 33.74 29.75 3.51
CA ILE C 49 34.90 30.28 2.83
C ILE C 49 34.94 31.77 3.15
N ASP C 50 33.75 32.38 3.26
CA ASP C 50 33.62 33.80 3.56
C ASP C 50 33.53 34.05 5.06
N PRO C 51 34.63 34.53 5.67
CA PRO C 51 34.66 34.81 7.11
C PRO C 51 33.47 35.62 7.59
N ILE C 52 33.09 36.64 6.82
CA ILE C 52 31.94 37.46 7.20
C ILE C 52 30.70 36.60 7.31
N ARG C 53 30.52 35.70 6.35
CA ARG C 53 29.36 34.83 6.36
C ARG C 53 29.55 33.73 7.40
N GLY C 54 30.79 33.32 7.61
CA GLY C 54 31.08 32.29 8.59
C GLY C 54 30.81 32.79 9.99
N SER C 55 31.33 33.98 10.29
CA SER C 55 31.14 34.57 11.61
C SER C 55 29.68 34.83 11.88
N ALA C 56 28.99 35.40 10.90
CA ALA C 56 27.57 35.69 11.04
C ALA C 56 26.83 34.40 11.36
N PHE C 57 27.11 33.36 10.59
CA PHE C 57 26.46 32.07 10.80
C PHE C 57 26.78 31.52 12.19
N GLY C 58 28.07 31.36 12.47
CA GLY C 58 28.48 30.84 13.77
C GLY C 58 27.88 31.62 14.92
N GLU C 59 27.89 32.94 14.81
CA GLU C 59 27.32 33.77 15.87
C GLU C 59 25.83 33.55 16.05
N GLN C 60 25.12 33.33 14.95
CA GLN C 60 23.69 33.08 15.03
C GLN C 60 23.49 31.81 15.87
N LEU C 61 24.45 30.91 15.78
CA LEU C 61 24.41 29.64 16.50
C LEU C 61 24.97 29.79 17.92
N GLY C 62 25.32 31.01 18.31
CA GLY C 62 25.84 31.24 19.65
C GLY C 62 27.29 30.87 19.85
N VAL C 63 28.05 30.76 18.77
CA VAL C 63 29.46 30.42 18.88
C VAL C 63 30.25 31.72 19.01
N ASP C 64 31.19 31.76 19.95
CA ASP C 64 32.02 32.94 20.15
C ASP C 64 32.57 33.36 18.80
N SER C 65 32.71 34.67 18.60
CA SER C 65 33.22 35.17 17.33
C SER C 65 34.69 34.81 17.12
N GLU C 66 35.45 34.75 18.22
CA GLU C 66 36.87 34.41 18.10
C GLU C 66 37.04 32.92 17.87
N ARG C 67 35.94 32.18 17.93
CA ARG C 67 36.01 30.74 17.70
C ARG C 67 35.33 30.33 16.40
N CYS C 68 35.03 31.33 15.57
CA CYS C 68 34.44 31.13 14.25
C CYS C 68 35.64 31.38 13.33
N TYR C 69 36.49 30.36 13.20
CA TYR C 69 37.72 30.43 12.43
C TYR C 69 37.56 30.56 10.91
N ALA C 70 38.57 31.17 10.28
CA ALA C 70 38.58 31.40 8.85
C ALA C 70 38.77 30.12 8.04
N ASP C 71 39.51 29.17 8.60
CA ASP C 71 39.78 27.90 7.92
C ASP C 71 39.95 26.80 8.95
N TYR C 72 39.97 25.55 8.48
CA TYR C 72 40.10 24.41 9.39
C TYR C 72 41.46 24.30 10.07
N LEU C 73 42.52 24.61 9.36
CA LEU C 73 43.86 24.54 9.97
C LEU C 73 44.00 25.55 11.11
N SER C 74 43.54 26.78 10.88
CA SER C 74 43.62 27.82 11.89
C SER C 74 42.83 27.37 13.12
N MSE C 75 41.68 26.76 12.90
CA MSE C 75 40.87 26.29 14.00
C MSE C 75 41.62 25.23 14.78
O MSE C 75 41.77 25.33 16.00
CB MSE C 75 39.55 25.70 13.50
CG MSE C 75 38.75 25.02 14.61
SE MSE C 75 36.87 24.84 14.18
CE MSE C 75 36.94 23.38 12.94
N PHE C 76 42.11 24.21 14.09
CA PHE C 76 42.85 23.14 14.75
C PHE C 76 44.05 23.69 15.52
N GLU C 77 44.74 24.69 14.95
CA GLU C 77 45.91 25.30 15.58
C GLU C 77 45.62 26.05 16.87
N GLN C 78 44.70 27.01 16.80
CA GLN C 78 44.37 27.83 17.96
C GLN C 78 43.59 27.07 19.04
N GLU C 79 42.73 26.15 18.63
CA GLU C 79 41.94 25.38 19.58
C GLU C 79 42.83 24.48 20.45
N ALA C 80 43.95 24.04 19.89
CA ALA C 80 44.87 23.17 20.63
C ALA C 80 45.43 23.89 21.86
N ARG C 81 45.37 25.22 21.83
CA ARG C 81 45.89 26.03 22.92
C ARG C 81 44.83 26.32 23.99
N ARG C 82 43.64 25.78 23.81
CA ARG C 82 42.55 26.02 24.74
C ARG C 82 42.20 24.81 25.60
N ALA C 83 42.02 25.05 26.90
CA ALA C 83 41.66 23.99 27.83
C ALA C 83 40.26 23.54 27.45
N ASP C 84 39.50 24.45 26.87
CA ASP C 84 38.13 24.16 26.44
C ASP C 84 38.10 23.93 24.93
N GLY C 85 39.24 23.50 24.39
CA GLY C 85 39.33 23.26 22.96
C GLY C 85 38.48 22.10 22.49
N ILE C 86 38.11 22.12 21.22
CA ILE C 86 37.30 21.06 20.65
C ILE C 86 37.96 19.70 20.83
N GLN C 87 37.15 18.67 21.01
CA GLN C 87 37.65 17.31 21.16
C GLN C 87 37.33 16.53 19.90
N ALA C 88 36.33 17.01 19.15
CA ALA C 88 35.90 16.33 17.93
C ALA C 88 35.44 17.33 16.88
N VAL C 89 35.54 16.93 15.61
CA VAL C 89 35.14 17.79 14.50
C VAL C 89 34.39 17.00 13.42
N SER C 90 33.32 17.57 12.90
CA SER C 90 32.54 16.94 11.83
C SER C 90 32.81 17.69 10.52
N ILE C 91 33.10 16.96 9.45
CA ILE C 91 33.38 17.59 8.15
C ILE C 91 32.19 17.50 7.18
N ALA C 92 31.76 18.65 6.67
CA ALA C 92 30.64 18.69 5.72
C ALA C 92 30.99 19.53 4.50
N THR C 93 32.27 19.55 4.15
CA THR C 93 32.77 20.29 3.00
C THR C 93 32.72 19.39 1.75
N PRO C 94 33.02 19.94 0.56
CA PRO C 94 32.99 19.13 -0.66
C PRO C 94 33.76 17.82 -0.49
N ASN C 95 33.29 16.75 -1.13
CA ASN C 95 33.94 15.45 -1.01
C ASN C 95 35.44 15.49 -1.31
N GLY C 96 35.85 16.43 -2.16
CA GLY C 96 37.25 16.53 -2.52
C GLY C 96 38.18 16.99 -1.40
N THR C 97 37.60 17.49 -0.31
CA THR C 97 38.41 17.98 0.80
C THR C 97 38.35 17.10 2.04
N HIS C 98 37.57 16.02 1.98
CA HIS C 98 37.42 15.13 3.13
C HIS C 98 38.72 14.50 3.59
N TYR C 99 39.48 13.99 2.63
CA TYR C 99 40.75 13.35 2.96
C TYR C 99 41.72 14.28 3.68
N SER C 100 42.05 15.39 3.05
CA SER C 100 43.00 16.32 3.67
C SER C 100 42.52 16.91 4.99
N ILE C 101 41.22 17.13 5.13
CA ILE C 101 40.71 17.69 6.39
C ILE C 101 40.70 16.64 7.49
N THR C 102 40.32 15.41 7.16
CA THR C 102 40.30 14.33 8.14
C THR C 102 41.73 14.06 8.59
N LYS C 103 42.64 14.04 7.63
CA LYS C 103 44.06 13.80 7.93
C LYS C 103 44.54 14.82 8.95
N ALA C 104 44.25 16.09 8.68
CA ALA C 104 44.65 17.19 9.55
C ALA C 104 44.02 17.05 10.95
N ALA C 105 42.73 16.72 10.98
CA ALA C 105 42.04 16.55 12.25
C ALA C 105 42.71 15.49 13.12
N LEU C 106 42.97 14.32 12.53
CA LEU C 106 43.60 13.23 13.26
C LEU C 106 44.98 13.61 13.79
N GLU C 107 45.80 14.20 12.93
CA GLU C 107 47.14 14.60 13.34
C GLU C 107 47.02 15.59 14.50
N ALA C 108 45.91 16.33 14.52
CA ALA C 108 45.66 17.31 15.57
C ALA C 108 45.13 16.60 16.83
N GLY C 109 44.98 15.29 16.75
CA GLY C 109 44.48 14.52 17.89
C GLY C 109 42.99 14.70 18.17
N LEU C 110 42.23 15.00 17.12
CA LEU C 110 40.79 15.22 17.24
C LEU C 110 39.98 14.06 16.67
N HIS C 111 38.88 13.71 17.35
CA HIS C 111 38.02 12.64 16.84
C HIS C 111 37.34 13.26 15.62
N VAL C 112 36.99 12.42 14.64
CA VAL C 112 36.38 12.92 13.43
C VAL C 112 35.09 12.22 13.00
N VAL C 113 34.20 13.01 12.43
CA VAL C 113 32.96 12.53 11.86
C VAL C 113 32.96 13.15 10.48
N CYS C 114 33.15 12.33 9.47
CA CYS C 114 33.20 12.81 8.09
C CYS C 114 31.98 12.40 7.30
N GLU C 115 31.50 13.34 6.48
CA GLU C 115 30.34 13.11 5.62
C GLU C 115 30.65 12.02 4.60
N LYS C 116 29.65 11.13 4.48
CA LYS C 116 29.62 9.95 3.64
C LYS C 116 30.89 9.45 2.93
N PRO C 117 31.45 10.22 1.97
CA PRO C 117 32.66 9.62 1.37
C PRO C 117 33.94 10.02 2.11
N LEU C 118 34.55 9.04 2.78
CA LEU C 118 35.79 9.27 3.52
C LEU C 118 36.84 9.94 2.64
N CYS C 119 36.94 9.47 1.40
CA CYS C 119 37.89 10.02 0.44
C CYS C 119 37.61 9.43 -0.93
N PHE C 120 38.58 9.54 -1.85
CA PHE C 120 38.38 9.01 -3.19
C PHE C 120 39.11 7.69 -3.49
N THR C 121 40.33 7.52 -2.99
CA THR C 121 41.07 6.29 -3.27
C THR C 121 41.30 5.39 -2.07
N VAL C 122 41.56 4.11 -2.35
CA VAL C 122 41.82 3.13 -1.31
C VAL C 122 43.11 3.51 -0.58
N GLU C 123 44.09 3.99 -1.33
CA GLU C 123 45.35 4.43 -0.75
C GLU C 123 45.04 5.42 0.37
N GLN C 124 44.33 6.50 0.01
CA GLN C 124 43.97 7.55 0.96
C GLN C 124 43.25 6.97 2.18
N ALA C 125 42.30 6.05 1.94
CA ALA C 125 41.55 5.44 3.03
C ALA C 125 42.48 4.67 3.96
N GLU C 126 43.41 3.93 3.36
CA GLU C 126 44.36 3.14 4.13
C GLU C 126 45.22 4.05 5.00
N ASN C 127 45.59 5.21 4.45
CA ASN C 127 46.41 6.19 5.17
C ASN C 127 45.65 6.75 6.38
N LEU C 128 44.40 7.15 6.17
CA LEU C 128 43.59 7.69 7.25
C LEU C 128 43.44 6.66 8.37
N ARG C 129 43.17 5.41 8.00
CA ARG C 129 43.04 4.35 9.01
C ARG C 129 44.35 4.26 9.77
N GLU C 130 45.45 4.37 9.05
CA GLU C 130 46.77 4.32 9.66
C GLU C 130 46.81 5.38 10.75
N LEU C 131 46.46 6.61 10.37
CA LEU C 131 46.47 7.73 11.30
C LEU C 131 45.49 7.59 12.45
N SER C 132 44.29 7.05 12.20
CA SER C 132 43.31 6.90 13.27
C SER C 132 43.89 6.00 14.36
N HIS C 133 44.53 4.90 13.96
CA HIS C 133 45.14 3.99 14.93
C HIS C 133 46.31 4.66 15.65
N LYS C 134 47.14 5.36 14.87
CA LYS C 134 48.30 6.04 15.41
C LYS C 134 47.93 7.09 16.46
N HIS C 135 46.97 7.94 16.15
CA HIS C 135 46.56 8.97 17.10
C HIS C 135 45.42 8.50 17.98
N ASN C 136 45.06 7.23 17.85
CA ASN C 136 43.98 6.65 18.64
C ASN C 136 42.76 7.56 18.69
N ARG C 137 42.21 7.86 17.52
CA ARG C 137 41.01 8.69 17.40
C ARG C 137 40.05 7.99 16.45
N ILE C 138 38.75 8.17 16.67
CA ILE C 138 37.77 7.52 15.82
C ILE C 138 37.43 8.39 14.61
N VAL C 139 37.01 7.73 13.53
CA VAL C 139 36.61 8.43 12.32
C VAL C 139 35.27 7.85 11.92
N GLY C 140 34.19 8.47 12.37
CA GLY C 140 32.87 7.98 12.02
C GLY C 140 32.50 8.46 10.64
N VAL C 141 31.66 7.70 9.95
CA VAL C 141 31.21 8.07 8.61
C VAL C 141 29.69 8.15 8.68
N THR C 142 29.11 9.15 8.02
CA THR C 142 27.68 9.36 8.08
C THR C 142 26.72 8.46 7.30
N TYR C 143 26.72 7.17 7.62
CA TYR C 143 25.78 6.23 7.01
C TYR C 143 24.63 6.28 8.01
N GLY C 144 24.00 7.45 8.09
CA GLY C 144 22.91 7.69 9.03
C GLY C 144 21.70 6.78 9.05
N TYR C 145 21.37 6.16 7.92
CA TYR C 145 20.20 5.29 7.89
C TYR C 145 20.32 4.13 8.88
N ALA C 146 21.56 3.78 9.22
CA ALA C 146 21.79 2.68 10.17
C ALA C 146 21.34 3.13 11.56
N GLY C 147 20.91 4.38 11.67
CA GLY C 147 20.44 4.88 12.94
C GLY C 147 19.02 4.43 13.27
N HIS C 148 18.25 4.06 12.25
CA HIS C 148 16.88 3.60 12.45
C HIS C 148 16.83 2.29 13.24
N GLN C 149 15.98 2.27 14.27
CA GLN C 149 15.85 1.09 15.14
C GLN C 149 15.61 -0.24 14.43
N LEU C 150 14.70 -0.26 13.45
CA LEU C 150 14.39 -1.52 12.77
C LEU C 150 15.58 -2.18 12.07
N ILE C 151 16.61 -1.41 11.76
CA ILE C 151 17.79 -1.98 11.15
C ILE C 151 18.39 -2.96 12.16
N GLU C 152 18.31 -2.59 13.45
CA GLU C 152 18.81 -3.41 14.55
C GLU C 152 17.98 -4.68 14.66
N GLN C 153 16.69 -4.51 14.45
CA GLN C 153 15.75 -5.62 14.50
C GLN C 153 16.13 -6.65 13.45
N ALA C 154 16.41 -6.17 12.24
CA ALA C 154 16.77 -7.07 11.16
C ALA C 154 18.04 -7.83 11.53
N ARG C 155 19.05 -7.07 12.00
CA ARG C 155 20.32 -7.66 12.40
C ARG C 155 20.11 -8.81 13.39
N GLU C 156 19.29 -8.57 14.42
CA GLU C 156 19.03 -9.59 15.42
C GLU C 156 18.25 -10.78 14.87
N MSE C 157 17.24 -10.51 14.05
CA MSE C 157 16.45 -11.60 13.49
C MSE C 157 17.33 -12.48 12.60
O MSE C 157 17.27 -13.71 12.69
CB MSE C 157 15.30 -11.03 12.66
CG MSE C 157 14.26 -10.29 13.49
SE MSE C 157 12.84 -9.63 12.36
CE MSE C 157 13.84 -8.38 11.33
N ILE C 158 18.15 -11.85 11.78
CA ILE C 158 19.04 -12.60 10.90
C ILE C 158 20.01 -13.43 11.73
N ALA C 159 20.54 -12.86 12.81
CA ALA C 159 21.48 -13.57 13.66
C ALA C 159 20.86 -14.75 14.41
N ALA C 160 19.57 -14.64 14.72
CA ALA C 160 18.86 -15.70 15.42
C ALA C 160 18.37 -16.77 14.44
N GLY C 161 18.69 -16.60 13.15
CA GLY C 161 18.30 -17.56 12.14
C GLY C 161 16.86 -17.54 11.64
N GLU C 162 16.14 -16.45 11.93
CA GLU C 162 14.74 -16.34 11.51
C GLU C 162 14.53 -16.39 10.00
N LEU C 163 15.57 -16.08 9.22
CA LEU C 163 15.47 -16.12 7.77
C LEU C 163 16.04 -17.42 7.20
N GLY C 164 16.60 -18.26 8.08
CA GLY C 164 17.20 -19.50 7.63
C GLY C 164 18.54 -19.11 7.04
N ASP C 165 19.05 -19.85 6.05
CA ASP C 165 20.33 -19.49 5.44
C ASP C 165 20.12 -18.35 4.45
N VAL C 166 20.94 -17.31 4.54
CA VAL C 166 20.83 -16.18 3.64
C VAL C 166 21.20 -16.59 2.22
N ARG C 167 20.37 -16.23 1.26
CA ARG C 167 20.65 -16.58 -0.13
C ARG C 167 20.91 -15.36 -1.00
N MSE C 168 20.15 -14.29 -0.75
CA MSE C 168 20.33 -13.07 -1.54
C MSE C 168 20.17 -11.78 -0.72
O MSE C 168 19.43 -11.74 0.27
CB MSE C 168 19.33 -13.03 -2.70
CG MSE C 168 19.59 -14.08 -3.77
SE MSE C 168 17.97 -14.42 -4.76
CE MSE C 168 17.22 -15.68 -3.50
N VAL C 169 20.88 -10.75 -1.16
CA VAL C 169 20.82 -9.44 -0.54
C VAL C 169 20.63 -8.44 -1.67
N HIS C 170 19.41 -7.96 -1.82
CA HIS C 170 19.09 -7.00 -2.87
C HIS C 170 18.97 -5.61 -2.29
N MSE C 171 19.77 -4.70 -2.82
CA MSE C 171 19.78 -3.33 -2.33
C MSE C 171 19.60 -2.34 -3.46
O MSE C 171 19.94 -2.62 -4.62
CB MSE C 171 21.10 -3.05 -1.62
CG MSE C 171 21.43 -3.98 -0.46
SE MSE C 171 23.35 -4.12 -0.23
CE MSE C 171 23.74 -5.62 -1.41
N GLN C 172 19.09 -1.17 -3.13
CA GLN C 172 18.92 -0.13 -4.12
C GLN C 172 18.72 1.20 -3.44
N PHE C 173 19.16 2.25 -4.12
CA PHE C 173 18.99 3.61 -3.66
C PHE C 173 18.91 4.34 -5.00
N ALA C 174 17.69 4.35 -5.54
CA ALA C 174 17.42 4.92 -6.83
C ALA C 174 16.30 5.96 -6.78
N HIS C 175 16.68 7.23 -6.83
CA HIS C 175 15.73 8.33 -6.83
C HIS C 175 15.81 8.95 -8.23
N GLY C 176 14.92 9.89 -8.53
CA GLY C 176 14.94 10.49 -9.86
C GLY C 176 15.20 11.99 -9.95
N PHE C 177 15.65 12.60 -8.87
CA PHE C 177 15.87 14.03 -8.86
C PHE C 177 16.81 14.56 -9.93
N HIS C 178 17.65 13.71 -10.48
CA HIS C 178 18.57 14.16 -11.51
C HIS C 178 18.29 13.55 -12.87
N SER C 179 17.03 13.22 -13.11
CA SER C 179 16.64 12.63 -14.39
C SER C 179 16.87 13.67 -15.48
N ALA C 180 16.84 14.94 -15.09
CA ALA C 180 17.05 16.03 -16.05
C ALA C 180 18.42 16.65 -15.87
N GLY C 199 35.63 13.02 -7.78
CA GLY C 199 35.79 11.62 -7.42
C GLY C 199 35.73 10.67 -8.61
N PRO C 200 35.88 9.35 -8.38
CA PRO C 200 35.85 8.34 -9.44
C PRO C 200 34.42 8.03 -9.92
N SER C 201 33.44 8.38 -9.12
CA SER C 201 32.06 8.11 -9.49
C SER C 201 31.10 9.15 -8.93
N TYR C 202 29.81 8.88 -9.10
CA TYR C 202 28.78 9.76 -8.59
C TYR C 202 27.80 8.99 -7.73
N VAL C 203 26.79 8.35 -8.34
CA VAL C 203 25.80 7.61 -7.55
C VAL C 203 26.35 6.40 -6.79
N LEU C 204 27.38 5.75 -7.33
CA LEU C 204 27.97 4.61 -6.64
C LEU C 204 28.41 5.04 -5.25
N GLY C 205 29.13 6.16 -5.17
CA GLY C 205 29.58 6.65 -3.88
C GLY C 205 28.57 7.49 -3.12
N ASP C 206 27.75 8.24 -3.85
CA ASP C 206 26.75 9.10 -3.22
C ASP C 206 25.53 8.36 -2.67
N VAL C 207 25.10 7.29 -3.32
CA VAL C 207 23.92 6.56 -2.85
C VAL C 207 24.04 5.03 -2.72
N GLY C 208 24.89 4.43 -3.55
CA GLY C 208 25.05 2.99 -3.48
C GLY C 208 25.60 2.49 -2.15
N THR C 209 26.57 3.20 -1.60
CA THR C 209 27.18 2.81 -0.34
C THR C 209 26.25 2.85 0.87
N HIS C 210 25.16 3.60 0.79
CA HIS C 210 24.22 3.66 1.92
C HIS C 210 23.58 2.30 2.20
N PRO C 211 22.87 1.72 1.22
CA PRO C 211 22.28 0.41 1.52
C PRO C 211 23.33 -0.67 1.69
N LEU C 212 24.52 -0.43 1.15
CA LEU C 212 25.61 -1.39 1.28
C LEU C 212 25.98 -1.45 2.76
N TYR C 213 26.03 -0.30 3.43
CA TYR C 213 26.35 -0.30 4.85
C TYR C 213 25.22 -0.94 5.65
N LEU C 214 23.97 -0.73 5.22
CA LEU C 214 22.85 -1.35 5.93
C LEU C 214 23.03 -2.87 5.90
N SER C 215 23.52 -3.41 4.78
CA SER C 215 23.71 -4.85 4.70
C SER C 215 24.85 -5.27 5.62
N GLU C 216 25.81 -4.38 5.80
CA GLU C 216 26.94 -4.64 6.68
C GLU C 216 26.44 -4.80 8.10
N VAL C 217 25.50 -3.93 8.51
CA VAL C 217 24.95 -4.00 9.86
C VAL C 217 24.04 -5.22 10.01
N MSE C 218 23.28 -5.54 8.96
CA MSE C 218 22.36 -6.67 9.00
C MSE C 218 23.07 -8.03 8.91
O MSE C 218 22.66 -9.00 9.54
CB MSE C 218 21.34 -6.58 7.88
CG MSE C 218 20.38 -5.40 8.00
SE MSE C 218 18.98 -5.54 6.70
CE MSE C 218 18.04 -3.84 6.97
N LEU C 219 24.14 -8.08 8.11
CA LEU C 219 24.88 -9.31 7.87
C LEU C 219 26.39 -9.11 8.04
N PRO C 220 26.85 -8.87 9.27
CA PRO C 220 28.28 -8.65 9.50
C PRO C 220 29.23 -9.76 9.07
N ASP C 221 28.78 -11.01 9.09
CA ASP C 221 29.66 -12.11 8.72
C ASP C 221 29.80 -12.36 7.22
N LEU C 222 29.03 -11.62 6.42
CA LEU C 222 29.08 -11.82 4.97
C LEU C 222 30.35 -11.22 4.38
N LYS C 223 31.00 -11.98 3.50
CA LYS C 223 32.24 -11.52 2.86
C LYS C 223 32.14 -11.57 1.34
N ILE C 224 32.43 -10.44 0.70
CA ILE C 224 32.38 -10.34 -0.76
C ILE C 224 33.58 -11.04 -1.39
N LYS C 225 33.32 -11.97 -2.30
CA LYS C 225 34.38 -12.71 -2.98
C LYS C 225 34.79 -11.96 -4.25
N ARG C 226 33.80 -11.58 -5.06
CA ARG C 226 34.07 -10.86 -6.29
C ARG C 226 32.79 -10.18 -6.75
N LEU C 227 32.92 -9.21 -7.66
CA LEU C 227 31.75 -8.51 -8.16
C LEU C 227 32.00 -7.91 -9.52
N MSE C 228 30.92 -7.50 -10.18
CA MSE C 228 31.02 -6.84 -11.48
C MSE C 228 30.07 -5.65 -11.44
O MSE C 228 29.12 -5.63 -10.67
CB MSE C 228 30.67 -7.78 -12.64
CG MSE C 228 29.36 -8.52 -12.50
SE MSE C 228 28.90 -9.36 -14.22
CE MSE C 228 30.38 -10.57 -14.41
N CYS C 229 30.33 -4.65 -12.28
CA CYS C 229 29.48 -3.48 -12.30
C CYS C 229 29.29 -2.93 -13.71
N SER C 230 28.09 -2.40 -13.95
CA SER C 230 27.75 -1.80 -15.22
C SER C 230 27.19 -0.42 -14.88
N ARG C 231 27.85 0.63 -15.38
CA ARG C 231 27.38 1.98 -15.07
C ARG C 231 27.13 2.80 -16.33
N GLN C 232 26.19 3.73 -16.23
CA GLN C 232 25.83 4.56 -17.36
C GLN C 232 25.74 6.04 -16.98
N SER C 233 25.90 6.90 -17.98
CA SER C 233 25.78 8.34 -17.83
C SER C 233 24.63 8.68 -18.77
N PHE C 234 23.40 8.52 -18.29
CA PHE C 234 22.24 8.80 -19.13
C PHE C 234 22.21 10.28 -19.49
N VAL C 235 22.62 11.12 -18.56
CA VAL C 235 22.73 12.53 -18.85
C VAL C 235 24.18 12.59 -19.32
N ALA C 236 24.34 12.47 -20.64
CA ALA C 236 25.65 12.44 -21.31
C ALA C 236 26.78 13.30 -20.75
N SER C 237 26.48 14.57 -20.49
CA SER C 237 27.49 15.49 -19.97
C SER C 237 28.17 15.04 -18.66
N ARG C 238 27.54 14.14 -17.93
CA ARG C 238 28.10 13.69 -16.67
C ARG C 238 29.26 12.70 -16.84
N ALA C 239 29.42 12.17 -18.04
CA ALA C 239 30.51 11.22 -18.29
C ALA C 239 31.85 11.86 -17.89
N PRO C 240 32.78 11.07 -17.34
CA PRO C 240 32.64 9.63 -17.09
C PRO C 240 31.93 9.24 -15.78
N LEU C 241 31.38 10.21 -15.07
CA LEU C 241 30.68 9.88 -13.82
C LEU C 241 29.30 9.33 -14.14
N GLU C 242 28.93 8.24 -13.46
CA GLU C 242 27.66 7.59 -13.71
C GLU C 242 26.51 8.11 -12.87
N ASP C 243 25.32 8.16 -13.47
CA ASP C 243 24.11 8.56 -12.74
C ASP C 243 23.22 7.33 -12.57
N ASN C 244 23.76 6.17 -12.96
CA ASN C 244 23.07 4.90 -12.83
C ASN C 244 24.09 3.79 -12.87
N ALA C 245 23.87 2.75 -12.05
CA ALA C 245 24.79 1.62 -12.01
C ALA C 245 24.19 0.36 -11.36
N TYR C 246 24.58 -0.79 -11.89
CA TYR C 246 24.15 -2.09 -11.39
C TYR C 246 25.41 -2.82 -10.96
N THR C 247 25.41 -3.33 -9.73
CA THR C 247 26.54 -4.06 -9.18
C THR C 247 26.10 -5.44 -8.72
N LEU C 248 26.63 -6.48 -9.34
CA LEU C 248 26.30 -7.87 -8.98
C LEU C 248 27.47 -8.44 -8.18
N MSE C 249 27.18 -9.03 -7.02
CA MSE C 249 28.22 -9.56 -6.16
C MSE C 249 28.03 -11.03 -5.76
O MSE C 249 26.92 -11.52 -5.62
CB MSE C 249 28.32 -8.73 -4.87
CG MSE C 249 28.45 -7.22 -5.09
SE MSE C 249 28.43 -6.22 -3.41
CE MSE C 249 26.57 -6.37 -2.96
N GLU C 250 29.16 -11.70 -5.58
CA GLU C 250 29.16 -13.09 -5.15
C GLU C 250 29.80 -13.06 -3.76
N TYR C 251 29.08 -13.57 -2.77
CA TYR C 251 29.58 -13.61 -1.41
C TYR C 251 30.21 -14.97 -1.15
N GLU C 252 31.16 -15.00 -0.22
CA GLU C 252 31.76 -16.28 0.15
C GLU C 252 30.59 -17.08 0.68
N GLY C 253 30.50 -18.36 0.36
CA GLY C 253 29.40 -19.16 0.87
C GLY C 253 28.28 -19.41 -0.12
N GLY C 254 28.27 -18.69 -1.23
CA GLY C 254 27.24 -18.90 -2.23
C GLY C 254 26.13 -17.86 -2.35
N ALA C 255 26.00 -16.97 -1.36
CA ALA C 255 24.95 -15.96 -1.44
C ALA C 255 25.25 -14.95 -2.54
N MSE C 256 24.20 -14.36 -3.11
CA MSE C 256 24.36 -13.38 -4.16
C MSE C 256 23.92 -12.01 -3.66
O MSE C 256 23.09 -11.91 -2.77
CB MSE C 256 23.55 -13.76 -5.40
CG MSE C 256 23.87 -15.11 -5.97
SE MSE C 256 25.67 -15.25 -6.66
CE MSE C 256 25.73 -13.72 -7.85
N GLY C 257 24.49 -10.97 -4.24
CA GLY C 257 24.14 -9.62 -3.85
C GLY C 257 23.99 -8.72 -5.07
N MSE C 258 23.02 -7.81 -5.02
CA MSE C 258 22.78 -6.90 -6.13
C MSE C 258 22.55 -5.49 -5.61
O MSE C 258 21.83 -5.28 -4.62
CB MSE C 258 21.56 -7.37 -6.94
CG MSE C 258 21.19 -6.45 -8.11
SE MSE C 258 22.43 -6.53 -9.62
CE MSE C 258 21.78 -8.19 -10.43
N VAL C 259 23.17 -4.52 -6.26
CA VAL C 259 23.04 -3.12 -5.86
C VAL C 259 22.72 -2.23 -7.07
N TRP C 260 21.57 -1.56 -7.01
CA TRP C 260 21.18 -0.65 -8.07
C TRP C 260 21.27 0.76 -7.53
N SER C 261 22.20 1.53 -8.08
CA SER C 261 22.38 2.93 -7.67
C SER C 261 21.83 3.82 -8.77
N SER C 262 21.04 4.83 -8.42
CA SER C 262 20.51 5.72 -9.44
C SER C 262 20.03 7.08 -8.94
N ALA C 263 20.16 8.06 -9.83
CA ALA C 263 19.72 9.42 -9.56
C ALA C 263 18.78 9.77 -10.72
N VAL C 264 18.51 8.77 -11.56
CA VAL C 264 17.64 8.97 -12.71
C VAL C 264 16.43 8.05 -12.74
N ASN C 265 16.07 7.52 -11.57
CA ASN C 265 14.90 6.67 -11.47
C ASN C 265 13.72 7.62 -11.35
N ALA C 266 13.30 8.18 -12.48
CA ALA C 266 12.22 9.16 -12.55
C ALA C 266 10.96 8.77 -11.79
N GLY C 267 10.47 9.70 -10.99
CA GLY C 267 9.27 9.46 -10.21
C GLY C 267 9.59 9.03 -8.78
N SER C 268 10.79 8.51 -8.56
CA SER C 268 11.20 8.05 -7.23
C SER C 268 11.66 9.19 -6.32
N MSE C 269 11.09 9.26 -5.13
CA MSE C 269 11.42 10.28 -4.14
C MSE C 269 12.70 9.98 -3.37
O MSE C 269 13.27 10.86 -2.72
CB MSE C 269 10.27 10.44 -3.14
CG MSE C 269 8.99 10.99 -3.73
SE MSE C 269 9.21 12.84 -4.23
CE MSE C 269 9.69 13.59 -2.52
N HIS C 270 13.14 8.73 -3.42
CA HIS C 270 14.35 8.30 -2.71
C HIS C 270 14.62 6.83 -3.10
N GLY C 271 13.64 5.98 -2.81
CA GLY C 271 13.74 4.57 -3.16
C GLY C 271 14.93 3.78 -2.65
N GLN C 272 15.31 3.98 -1.40
CA GLN C 272 16.41 3.21 -0.84
C GLN C 272 15.77 2.02 -0.15
N LYS C 273 16.05 0.83 -0.66
CA LYS C 273 15.47 -0.37 -0.10
C LYS C 273 16.48 -1.49 -0.01
N ILE C 274 16.24 -2.39 0.94
CA ILE C 274 17.08 -3.57 1.09
C ILE C 274 16.19 -4.75 1.42
N ARG C 275 16.37 -5.83 0.67
CA ARG C 275 15.59 -7.04 0.90
C ARG C 275 16.59 -8.17 1.13
N VAL C 276 16.49 -8.82 2.28
CA VAL C 276 17.38 -9.93 2.59
C VAL C 276 16.54 -11.19 2.46
N ILE C 277 16.96 -12.07 1.55
CA ILE C 277 16.23 -13.29 1.29
C ILE C 277 16.92 -14.56 1.80
N GLY C 278 16.23 -15.28 2.69
CA GLY C 278 16.78 -16.52 3.22
C GLY C 278 16.01 -17.73 2.72
N SER C 279 16.48 -18.93 3.08
CA SER C 279 15.81 -20.16 2.67
C SER C 279 14.45 -20.32 3.36
N ARG C 280 14.28 -19.68 4.52
CA ARG C 280 13.03 -19.77 5.26
C ARG C 280 12.13 -18.54 5.13
N ALA C 281 12.72 -17.36 5.05
CA ALA C 281 11.92 -16.16 4.94
C ALA C 281 12.75 -14.98 4.45
N SER C 282 12.07 -13.86 4.22
CA SER C 282 12.71 -12.64 3.77
C SER C 282 12.29 -11.47 4.65
N LEU C 283 13.08 -10.40 4.62
CA LEU C 283 12.73 -9.19 5.34
C LEU C 283 13.09 -8.06 4.39
N GLU C 284 12.37 -6.94 4.48
CA GLU C 284 12.59 -5.81 3.60
C GLU C 284 12.30 -4.50 4.32
N TRP C 285 13.17 -3.52 4.07
CA TRP C 285 13.07 -2.19 4.67
C TRP C 285 13.20 -1.13 3.57
N TRP C 286 12.41 -0.07 3.67
CA TRP C 286 12.40 1.02 2.70
C TRP C 286 12.59 2.32 3.47
N ASP C 287 13.60 3.11 3.11
CA ASP C 287 13.87 4.35 3.84
C ASP C 287 12.76 5.40 3.91
N GLU C 288 11.80 5.34 2.99
CA GLU C 288 10.70 6.30 3.03
C GLU C 288 9.60 5.89 4.02
N ARG C 289 9.70 4.68 4.55
CA ARG C 289 8.75 4.14 5.54
C ARG C 289 9.67 3.49 6.57
N PRO C 290 10.55 4.28 7.18
CA PRO C 290 11.52 3.81 8.17
C PRO C 290 11.00 3.08 9.39
N ASN C 291 9.76 3.34 9.76
CA ASN C 291 9.15 2.76 10.95
C ASN C 291 8.49 1.38 10.80
N GLN C 292 8.57 0.80 9.61
CA GLN C 292 8.02 -0.53 9.35
C GLN C 292 9.07 -1.45 8.73
N LEU C 293 9.01 -2.74 9.09
CA LEU C 293 9.94 -3.73 8.56
C LEU C 293 9.14 -4.95 8.13
N SER C 294 9.21 -5.28 6.85
CA SER C 294 8.49 -6.43 6.33
C SER C 294 9.21 -7.74 6.68
N PHE C 295 8.44 -8.71 7.16
CA PHE C 295 8.96 -10.03 7.50
C PHE C 295 8.07 -11.04 6.81
N GLU C 296 8.63 -11.71 5.79
CA GLU C 296 7.88 -12.64 4.98
C GLU C 296 8.31 -14.11 5.05
N VAL C 297 7.67 -14.88 5.91
CA VAL C 297 8.01 -16.30 6.04
C VAL C 297 7.27 -17.09 4.97
N GLN C 298 8.03 -17.79 4.12
CA GLN C 298 7.43 -18.56 3.05
C GLN C 298 6.38 -19.52 3.57
N GLY C 299 5.22 -19.53 2.93
CA GLY C 299 4.16 -20.42 3.36
C GLY C 299 3.36 -19.92 4.55
N GLN C 300 3.66 -18.69 4.98
CA GLN C 300 2.98 -18.06 6.11
C GLN C 300 2.48 -16.66 5.76
N PRO C 301 1.56 -16.10 6.57
CA PRO C 301 1.09 -14.76 6.25
C PRO C 301 2.22 -13.75 6.41
N ALA C 302 2.31 -12.79 5.50
CA ALA C 302 3.33 -11.77 5.57
C ALA C 302 3.09 -10.94 6.83
N GLN C 303 4.17 -10.44 7.44
CA GLN C 303 4.04 -9.63 8.65
C GLN C 303 4.74 -8.30 8.51
N ILE C 304 4.20 -7.30 9.21
CA ILE C 304 4.79 -5.97 9.23
C ILE C 304 5.19 -5.67 10.68
N LEU C 305 6.48 -5.47 10.90
CA LEU C 305 6.98 -5.15 12.23
C LEU C 305 7.02 -3.64 12.38
N GLU C 306 6.51 -3.16 13.51
CA GLU C 306 6.46 -1.72 13.80
C GLU C 306 7.46 -1.27 14.86
N ARG C 307 8.13 -0.14 14.59
CA ARG C 307 9.08 0.41 15.54
C ARG C 307 8.37 0.60 16.89
N GLY C 308 9.11 0.39 17.98
CA GLY C 308 8.55 0.59 19.29
C GLY C 308 7.65 -0.48 19.88
N MSE C 309 7.42 -1.58 19.18
CA MSE C 309 6.55 -2.63 19.72
C MSE C 309 7.28 -3.61 20.62
O MSE C 309 8.47 -3.91 20.41
CB MSE C 309 5.83 -3.36 18.59
CG MSE C 309 4.78 -2.49 17.91
SE MSE C 309 3.54 -1.76 19.23
CE MSE C 309 2.18 -3.14 19.22
N GLY C 310 6.57 -4.12 21.60
CA GLY C 310 7.15 -5.05 22.57
C GLY C 310 7.69 -6.37 22.09
N TYR C 311 7.36 -6.74 20.85
CA TYR C 311 7.87 -8.00 20.30
C TYR C 311 9.25 -7.85 19.66
N LEU C 312 9.72 -6.61 19.57
CA LEU C 312 11.05 -6.35 18.99
C LEU C 312 12.14 -6.77 19.96
N HIS C 313 13.32 -7.06 19.43
CA HIS C 313 14.45 -7.45 20.25
C HIS C 313 14.84 -6.22 21.07
N PRO C 314 15.28 -6.42 22.32
CA PRO C 314 15.68 -5.31 23.20
C PRO C 314 16.59 -4.28 22.53
N ASN C 315 17.55 -4.73 21.73
CA ASN C 315 18.47 -3.83 21.07
C ASN C 315 17.79 -2.88 20.11
N ALA C 316 16.65 -3.29 19.57
CA ALA C 316 15.91 -2.46 18.64
C ALA C 316 15.00 -1.47 19.36
N LEU C 317 14.87 -1.61 20.68
CA LEU C 317 14.01 -0.71 21.45
C LEU C 317 14.73 0.36 22.25
N ILE C 318 16.00 0.12 22.58
CA ILE C 318 16.77 1.05 23.38
C ILE C 318 16.74 2.50 22.92
N ASP C 319 16.82 2.74 21.62
CA ASP C 319 16.84 4.10 21.10
C ASP C 319 15.49 4.79 20.87
N ASP C 320 14.38 4.15 21.24
CA ASP C 320 13.09 4.78 21.05
C ASP C 320 13.01 6.12 21.79
N ARG C 321 12.51 7.15 21.11
CA ARG C 321 12.40 8.45 21.75
C ARG C 321 10.95 8.84 21.97
N ILE C 322 10.04 7.99 21.47
CA ILE C 322 8.61 8.23 21.60
C ILE C 322 7.88 6.92 21.31
N GLY C 323 6.66 6.78 21.83
CA GLY C 323 5.89 5.56 21.63
C GLY C 323 5.59 5.13 20.20
N GLY C 324 5.48 3.82 19.99
CA GLY C 324 5.17 3.30 18.68
C GLY C 324 3.88 3.93 18.16
N GLY C 325 3.76 4.05 16.85
CA GLY C 325 2.55 4.68 16.30
C GLY C 325 2.86 6.11 15.94
N HIS C 326 3.69 6.78 16.75
CA HIS C 326 4.09 8.15 16.46
C HIS C 326 5.27 7.95 15.50
N PRO C 327 5.23 8.57 14.32
CA PRO C 327 6.34 8.38 13.38
C PRO C 327 7.64 9.14 13.65
N GLU C 328 8.73 8.41 13.88
CA GLU C 328 10.03 9.04 14.07
C GLU C 328 10.60 9.22 12.66
N GLY C 329 11.71 9.94 12.52
CA GLY C 329 12.26 10.15 11.19
C GLY C 329 13.78 10.08 11.09
N LEU C 330 14.32 10.50 9.95
CA LEU C 330 15.77 10.48 9.73
C LEU C 330 16.54 11.27 10.78
N PHE C 331 15.94 12.34 11.29
CA PHE C 331 16.61 13.12 12.33
C PHE C 331 16.84 12.26 13.58
N GLU C 332 15.90 11.36 13.89
CA GLU C 332 16.05 10.49 15.04
C GLU C 332 17.17 9.47 14.79
N ALA C 333 17.20 8.90 13.58
CA ALA C 333 18.22 7.93 13.22
C ALA C 333 19.61 8.53 13.36
N TRP C 334 19.77 9.78 12.89
CA TRP C 334 21.05 10.44 12.97
C TRP C 334 21.43 10.72 14.41
N ALA C 335 20.43 11.05 15.23
CA ALA C 335 20.68 11.34 16.63
C ALA C 335 21.24 10.07 17.25
N ASN C 336 20.61 8.94 16.94
CA ASN C 336 21.05 7.66 17.47
C ASN C 336 22.46 7.35 16.97
N LEU C 337 22.76 7.73 15.73
CA LEU C 337 24.08 7.49 15.16
C LEU C 337 25.12 8.30 15.90
N TYR C 338 24.85 9.58 16.08
CA TYR C 338 25.80 10.45 16.77
C TYR C 338 26.01 10.02 18.21
N TYR C 339 24.98 9.46 18.85
CA TYR C 339 25.16 9.01 20.22
C TYR C 339 26.17 7.88 20.22
N ARG C 340 26.10 7.02 19.21
CA ARG C 340 27.04 5.92 19.13
C ARG C 340 28.45 6.45 18.89
N PHE C 341 28.57 7.51 18.09
CA PHE C 341 29.88 8.11 17.82
C PHE C 341 30.43 8.60 19.16
N ALA C 342 29.60 9.29 19.93
CA ALA C 342 29.99 9.81 21.23
C ALA C 342 30.46 8.68 22.14
N LEU C 343 29.71 7.58 22.14
CA LEU C 343 30.06 6.42 22.97
C LEU C 343 31.41 5.83 22.58
N ALA C 344 31.70 5.80 21.29
CA ALA C 344 32.96 5.25 20.82
C ALA C 344 34.10 6.18 21.20
N MSE C 345 33.88 7.48 21.04
CA MSE C 345 34.89 8.48 21.38
C MSE C 345 35.23 8.42 22.86
O MSE C 345 36.40 8.48 23.24
CB MSE C 345 34.38 9.88 21.07
CG MSE C 345 34.26 10.20 19.60
SE MSE C 345 33.45 11.95 19.32
CE MSE C 345 33.13 11.79 17.43
N ASP C 346 34.20 8.30 23.69
CA ASP C 346 34.37 8.25 25.14
C ASP C 346 35.19 7.02 25.52
N ALA C 347 34.70 5.85 25.11
CA ALA C 347 35.38 4.58 25.40
C ALA C 347 36.82 4.59 24.93
N THR C 348 37.09 5.32 23.86
CA THR C 348 38.44 5.40 23.34
C THR C 348 39.23 6.34 24.24
N ASP C 349 38.57 7.40 24.71
CA ASP C 349 39.23 8.34 25.60
C ASP C 349 39.52 7.71 26.96
N ARG C 350 38.49 7.17 27.62
CA ARG C 350 38.69 6.54 28.92
C ARG C 350 39.50 5.28 28.72
N SER C 351 39.75 4.95 27.46
CA SER C 351 40.52 3.79 27.11
C SER C 351 40.03 2.56 27.87
N ASP C 352 39.07 1.84 27.29
CA ASP C 352 38.55 0.64 27.93
C ASP C 352 37.78 -0.24 26.96
N ALA C 355 34.22 -1.66 26.45
CA ALA C 355 33.20 -0.65 26.22
C ALA C 355 33.13 -0.28 24.74
N LEU C 356 34.30 -0.10 24.13
CA LEU C 356 34.38 0.23 22.71
C LEU C 356 33.89 -0.96 21.90
N SER C 357 34.04 -2.14 22.47
CA SER C 357 33.62 -3.37 21.80
C SER C 357 32.11 -3.53 21.76
N ALA C 358 31.42 -2.96 22.75
CA ALA C 358 29.98 -3.06 22.83
C ALA C 358 29.25 -1.96 22.04
N VAL C 359 30.01 -1.14 21.33
CA VAL C 359 29.42 -0.06 20.55
C VAL C 359 29.67 -0.29 19.06
N ARG C 360 28.59 -0.47 18.29
CA ARG C 360 28.72 -0.66 16.86
C ARG C 360 28.40 0.66 16.18
N TYR C 361 29.20 1.04 15.20
CA TYR C 361 29.00 2.29 14.50
C TYR C 361 29.81 2.33 13.22
N PRO C 362 29.38 3.14 12.24
CA PRO C 362 30.13 3.23 10.99
C PRO C 362 31.44 3.99 11.28
N GLY C 363 32.53 3.24 11.46
CA GLY C 363 33.82 3.85 11.74
C GLY C 363 34.77 3.83 10.56
N ILE C 364 36.07 3.89 10.88
CA ILE C 364 37.10 3.91 9.86
C ILE C 364 37.03 2.71 8.92
N ASP C 365 36.83 1.50 9.47
CA ASP C 365 36.75 0.32 8.63
C ASP C 365 35.59 0.45 7.64
N ALA C 366 34.44 0.91 8.13
CA ALA C 366 33.29 1.08 7.26
C ALA C 366 33.62 2.10 6.17
N GLY C 367 34.35 3.14 6.55
CA GLY C 367 34.72 4.18 5.61
C GLY C 367 35.62 3.61 4.53
N VAL C 368 36.60 2.83 4.95
CA VAL C 368 37.52 2.21 4.02
C VAL C 368 36.77 1.31 3.05
N GLU C 369 35.94 0.41 3.58
CA GLU C 369 35.20 -0.50 2.72
C GLU C 369 34.32 0.26 1.73
N GLY C 370 33.73 1.36 2.18
CA GLY C 370 32.89 2.16 1.30
C GLY C 370 33.71 2.63 0.11
N VAL C 371 34.94 3.06 0.37
CA VAL C 371 35.84 3.53 -0.67
C VAL C 371 36.23 2.37 -1.62
N ARG C 372 36.55 1.21 -1.04
CA ARG C 372 36.97 0.06 -1.84
C ARG C 372 35.86 -0.47 -2.76
N TRP C 373 34.63 -0.52 -2.25
CA TRP C 373 33.52 -1.01 -3.04
C TRP C 373 33.37 -0.15 -4.29
N VAL C 374 33.45 1.17 -4.12
CA VAL C 374 33.33 2.08 -5.23
C VAL C 374 34.48 1.87 -6.21
N GLU C 375 35.69 1.73 -5.67
CA GLU C 375 36.87 1.54 -6.50
C GLU C 375 36.77 0.25 -7.31
N ARG C 376 36.35 -0.82 -6.67
CA ARG C 376 36.19 -2.10 -7.34
C ARG C 376 35.12 -2.02 -8.42
N CYS C 377 34.01 -1.35 -8.11
CA CYS C 377 32.91 -1.20 -9.06
C CYS C 377 33.33 -0.42 -10.30
N VAL C 378 34.08 0.66 -10.09
CA VAL C 378 34.56 1.49 -11.19
C VAL C 378 35.53 0.69 -12.07
N LEU C 379 36.41 -0.06 -11.42
CA LEU C 379 37.38 -0.88 -12.15
C LEU C 379 36.65 -1.83 -13.09
N SER C 380 35.67 -2.54 -12.54
CA SER C 380 34.88 -3.48 -13.34
C SER C 380 34.19 -2.77 -14.49
N ALA C 381 33.48 -1.69 -14.16
CA ALA C 381 32.73 -0.92 -15.14
C ALA C 381 33.61 -0.34 -16.24
N ASP C 382 34.79 0.17 -15.87
CA ASP C 382 35.68 0.74 -16.86
C ASP C 382 36.25 -0.35 -17.76
N ASN C 383 36.08 -1.60 -17.37
CA ASN C 383 36.58 -2.73 -18.17
C ASN C 383 35.48 -3.62 -18.70
N ASP C 384 34.36 -2.99 -19.04
CA ASP C 384 33.19 -3.67 -19.59
C ASP C 384 32.56 -4.72 -18.71
N SER C 385 32.49 -4.45 -17.41
CA SER C 385 31.86 -5.35 -16.46
C SER C 385 32.47 -6.73 -16.22
N ILE C 386 33.80 -6.81 -16.24
CA ILE C 386 34.44 -8.09 -15.97
C ILE C 386 34.34 -8.32 -14.47
N TRP C 387 34.54 -9.55 -14.03
CA TRP C 387 34.52 -9.82 -12.60
C TRP C 387 35.83 -9.30 -12.05
N VAL C 388 35.79 -8.80 -10.82
CA VAL C 388 36.99 -8.31 -10.16
C VAL C 388 36.97 -8.85 -8.73
N ALA C 389 38.12 -9.29 -8.23
CA ALA C 389 38.21 -9.80 -6.87
C ALA C 389 37.99 -8.60 -5.97
N TYR C 390 37.28 -8.79 -4.86
CA TYR C 390 37.02 -7.68 -3.95
C TYR C 390 38.28 -7.12 -3.29
N GLU C 391 39.19 -8.00 -2.88
CA GLU C 391 40.42 -7.56 -2.25
C GLU C 391 41.65 -8.12 -2.95
N ARG D 7 -19.42 -11.28 -32.94
CA ARG D 7 -19.64 -10.63 -34.27
C ARG D 7 -18.50 -10.94 -35.24
N ARG D 8 -17.26 -10.86 -34.74
CA ARG D 8 -16.08 -11.12 -35.56
C ARG D 8 -15.69 -12.60 -35.60
N ILE D 9 -16.31 -13.39 -34.73
CA ILE D 9 -16.07 -14.83 -34.68
C ILE D 9 -17.48 -15.39 -34.75
N PRO D 10 -18.15 -15.23 -35.92
CA PRO D 10 -19.51 -15.68 -36.17
C PRO D 10 -19.80 -17.10 -35.71
N GLN D 11 -18.87 -18.01 -35.99
CA GLN D 11 -19.04 -19.40 -35.59
C GLN D 11 -17.89 -19.83 -34.69
N PRO D 12 -18.20 -20.47 -33.54
CA PRO D 12 -17.14 -20.90 -32.62
C PRO D 12 -16.09 -21.72 -33.37
N ILE D 13 -14.82 -21.42 -33.12
CA ILE D 13 -13.74 -22.14 -33.76
C ILE D 13 -13.64 -23.58 -33.22
N ARG D 14 -13.73 -24.57 -34.11
CA ARG D 14 -13.64 -25.97 -33.69
C ARG D 14 -12.27 -26.16 -33.07
N TRP D 15 -12.27 -26.42 -31.76
CA TRP D 15 -11.06 -26.52 -30.97
C TRP D 15 -10.83 -27.86 -30.28
N ALA D 16 -9.57 -28.10 -29.90
CA ALA D 16 -9.17 -29.31 -29.21
C ALA D 16 -7.97 -29.03 -28.32
N MSE D 17 -7.74 -29.91 -27.35
CA MSE D 17 -6.59 -29.79 -26.47
C MSE D 17 -5.79 -31.08 -26.46
O MSE D 17 -6.35 -32.17 -26.64
CB MSE D 17 -7.02 -29.48 -25.02
CG MSE D 17 -7.63 -28.11 -24.78
SE MSE D 17 -7.41 -27.55 -22.92
CE MSE D 17 -8.55 -28.84 -22.05
N VAL D 18 -4.50 -30.96 -26.25
CA VAL D 18 -3.60 -32.09 -26.12
C VAL D 18 -3.18 -31.92 -24.68
N GLY D 19 -3.53 -32.89 -23.84
CA GLY D 19 -3.22 -32.78 -22.42
C GLY D 19 -4.33 -31.99 -21.76
N GLY D 20 -4.05 -31.38 -20.62
CA GLY D 20 -5.07 -30.60 -19.94
C GLY D 20 -6.19 -31.49 -19.42
N GLY D 21 -5.84 -32.72 -19.07
CA GLY D 21 -6.83 -33.67 -18.56
C GLY D 21 -7.17 -33.44 -17.10
N SER D 22 -7.79 -34.43 -16.47
CA SER D 22 -8.19 -34.32 -15.06
C SER D 22 -7.00 -34.10 -14.13
N GLN D 23 -5.83 -34.56 -14.54
CA GLN D 23 -4.62 -34.43 -13.72
C GLN D 23 -3.81 -33.16 -14.01
N SER D 24 -4.23 -32.40 -15.01
CA SER D 24 -3.53 -31.18 -15.37
C SER D 24 -3.93 -29.97 -14.54
N GLN D 25 -2.96 -29.12 -14.22
CA GLN D 25 -3.25 -27.92 -13.44
C GLN D 25 -3.26 -26.65 -14.27
N ILE D 26 -3.35 -26.80 -15.59
CA ILE D 26 -3.40 -25.65 -16.48
C ILE D 26 -4.51 -25.82 -17.50
N GLY D 27 -5.10 -27.01 -17.52
CA GLY D 27 -6.19 -27.28 -18.45
C GLY D 27 -7.41 -26.41 -18.20
N TYR D 28 -7.71 -26.15 -16.94
CA TYR D 28 -8.88 -25.34 -16.60
C TYR D 28 -8.80 -23.92 -17.14
N ILE D 29 -7.72 -23.20 -16.87
CA ILE D 29 -7.66 -21.82 -17.38
C ILE D 29 -7.71 -21.78 -18.91
N HIS D 30 -7.11 -22.78 -19.56
CA HIS D 30 -7.16 -22.84 -21.01
C HIS D 30 -8.62 -22.95 -21.47
N ARG D 31 -9.38 -23.87 -20.87
CA ARG D 31 -10.78 -24.05 -21.25
C ARG D 31 -11.65 -22.83 -20.94
N CYS D 32 -11.51 -22.27 -19.74
CA CYS D 32 -12.29 -21.10 -19.36
C CYS D 32 -12.02 -19.96 -20.34
N ALA D 33 -10.74 -19.76 -20.67
CA ALA D 33 -10.37 -18.68 -21.57
C ALA D 33 -10.93 -18.90 -22.98
N ALA D 34 -10.67 -20.09 -23.51
CA ALA D 34 -11.11 -20.44 -24.87
C ALA D 34 -12.63 -20.50 -25.06
N LEU D 35 -13.34 -21.10 -24.12
CA LEU D 35 -14.78 -21.25 -24.25
C LEU D 35 -15.58 -20.00 -23.88
N ARG D 36 -14.93 -19.03 -23.27
CA ARG D 36 -15.68 -17.83 -22.90
C ARG D 36 -16.21 -17.12 -24.15
N ASP D 37 -17.43 -16.61 -24.05
CA ASP D 37 -18.07 -15.91 -25.16
C ASP D 37 -18.20 -16.80 -26.41
N ASN D 38 -18.00 -18.10 -26.23
CA ASN D 38 -18.09 -19.07 -27.31
C ASN D 38 -17.17 -18.76 -28.49
N THR D 39 -15.98 -18.28 -28.18
CA THR D 39 -14.98 -17.97 -29.20
C THR D 39 -14.51 -19.28 -29.81
N PHE D 40 -14.36 -20.29 -28.95
CA PHE D 40 -13.95 -21.63 -29.36
C PHE D 40 -14.98 -22.63 -28.84
N VAL D 41 -14.97 -23.83 -29.41
CA VAL D 41 -15.85 -24.89 -28.98
C VAL D 41 -15.02 -26.17 -28.97
N LEU D 42 -14.97 -26.81 -27.81
CA LEU D 42 -14.20 -28.04 -27.63
C LEU D 42 -14.95 -29.23 -28.21
N VAL D 43 -14.42 -29.81 -29.29
CA VAL D 43 -15.06 -30.94 -29.95
C VAL D 43 -14.19 -32.19 -30.02
N ALA D 44 -12.94 -32.09 -29.57
CA ALA D 44 -12.05 -33.25 -29.59
C ALA D 44 -10.88 -33.03 -28.65
N GLY D 45 -10.14 -34.11 -28.38
CA GLY D 45 -9.00 -34.01 -27.51
C GLY D 45 -8.19 -35.27 -27.30
N ALA D 46 -6.95 -35.09 -26.89
CA ALA D 46 -6.03 -36.17 -26.56
C ALA D 46 -5.65 -35.76 -25.15
N PHE D 47 -6.64 -35.89 -24.25
CA PHE D 47 -6.52 -35.48 -22.85
C PHE D 47 -5.64 -36.24 -21.86
N ASP D 48 -5.35 -37.52 -22.12
CA ASP D 48 -4.56 -38.28 -21.16
C ASP D 48 -3.81 -39.44 -21.84
N ILE D 49 -2.64 -39.80 -21.31
CA ILE D 49 -1.91 -40.92 -21.89
C ILE D 49 -2.66 -42.19 -21.50
N ASP D 50 -3.53 -42.05 -20.51
CA ASP D 50 -4.37 -43.14 -20.03
C ASP D 50 -5.71 -42.96 -20.74
N PRO D 51 -5.93 -43.69 -21.84
CA PRO D 51 -7.17 -43.60 -22.63
C PRO D 51 -8.48 -43.69 -21.86
N ILE D 52 -8.53 -44.54 -20.85
CA ILE D 52 -9.75 -44.68 -20.06
C ILE D 52 -10.08 -43.40 -19.31
N ARG D 53 -9.08 -42.81 -18.66
CA ARG D 53 -9.30 -41.57 -17.93
C ARG D 53 -9.48 -40.41 -18.89
N GLY D 54 -8.83 -40.47 -20.05
CA GLY D 54 -8.98 -39.41 -21.03
C GLY D 54 -10.40 -39.39 -21.55
N SER D 55 -10.92 -40.58 -21.87
CA SER D 55 -12.27 -40.69 -22.38
C SER D 55 -13.30 -40.22 -21.35
N ALA D 56 -13.14 -40.67 -20.12
CA ALA D 56 -14.06 -40.28 -19.04
C ALA D 56 -14.07 -38.76 -18.93
N PHE D 57 -12.89 -38.19 -18.77
CA PHE D 57 -12.71 -36.75 -18.65
C PHE D 57 -13.36 -36.03 -19.83
N GLY D 58 -12.90 -36.34 -21.04
CA GLY D 58 -13.43 -35.71 -22.23
C GLY D 58 -14.95 -35.74 -22.33
N GLU D 59 -15.54 -36.89 -22.00
CA GLU D 59 -16.99 -37.03 -22.04
C GLU D 59 -17.68 -36.10 -21.06
N GLN D 60 -17.03 -35.84 -19.93
CA GLN D 60 -17.57 -34.94 -18.91
C GLN D 60 -17.58 -33.51 -19.43
N LEU D 61 -16.94 -33.29 -20.58
CA LEU D 61 -16.88 -31.97 -21.19
C LEU D 61 -17.77 -31.88 -22.43
N GLY D 62 -18.47 -32.97 -22.73
CA GLY D 62 -19.37 -32.98 -23.88
C GLY D 62 -18.71 -33.38 -25.18
N VAL D 63 -17.50 -33.93 -25.10
CA VAL D 63 -16.77 -34.36 -26.29
C VAL D 63 -17.16 -35.78 -26.66
N ASP D 64 -17.52 -36.01 -27.93
CA ASP D 64 -17.90 -37.35 -28.38
C ASP D 64 -16.83 -38.36 -28.02
N SER D 65 -17.26 -39.53 -27.55
CA SER D 65 -16.32 -40.57 -27.17
C SER D 65 -15.35 -40.89 -28.30
N GLU D 66 -15.84 -40.86 -29.54
CA GLU D 66 -15.00 -41.18 -30.69
C GLU D 66 -13.94 -40.10 -30.97
N ARG D 67 -14.13 -38.91 -30.40
CA ARG D 67 -13.18 -37.84 -30.61
C ARG D 67 -12.28 -37.62 -29.40
N CYS D 68 -12.26 -38.61 -28.51
CA CYS D 68 -11.39 -38.58 -27.33
C CYS D 68 -10.27 -39.52 -27.71
N TYR D 69 -9.33 -39.00 -28.49
CA TYR D 69 -8.19 -39.77 -29.00
C TYR D 69 -7.17 -40.19 -27.95
N ALA D 70 -6.49 -41.30 -28.23
CA ALA D 70 -5.49 -41.85 -27.35
C ALA D 70 -4.16 -41.09 -27.37
N ASP D 71 -3.93 -40.34 -28.45
CA ASP D 71 -2.70 -39.58 -28.60
C ASP D 71 -2.87 -38.49 -29.66
N TYR D 72 -2.04 -37.45 -29.59
CA TYR D 72 -2.12 -36.34 -30.54
C TYR D 72 -2.00 -36.74 -32.00
N LEU D 73 -1.17 -37.74 -32.28
CA LEU D 73 -0.99 -38.20 -33.66
C LEU D 73 -2.32 -38.67 -34.24
N SER D 74 -2.96 -39.62 -33.57
CA SER D 74 -4.23 -40.15 -34.02
C SER D 74 -5.22 -39.02 -34.26
N MSE D 75 -5.37 -38.15 -33.27
CA MSE D 75 -6.29 -37.04 -33.39
C MSE D 75 -6.07 -36.22 -34.64
O MSE D 75 -6.99 -36.01 -35.44
CB MSE D 75 -6.20 -36.13 -32.17
CG MSE D 75 -7.05 -34.87 -32.30
SE MSE D 75 -7.49 -34.10 -30.60
CE MSE D 75 -5.77 -33.32 -30.09
N PHE D 76 -4.83 -35.77 -34.82
CA PHE D 76 -4.49 -34.95 -35.99
C PHE D 76 -4.80 -35.68 -37.29
N GLU D 77 -4.49 -36.98 -37.35
CA GLU D 77 -4.73 -37.76 -38.56
C GLU D 77 -6.21 -37.98 -38.83
N GLN D 78 -6.95 -38.46 -37.83
CA GLN D 78 -8.37 -38.71 -37.98
C GLN D 78 -9.17 -37.41 -38.16
N GLU D 79 -8.89 -36.41 -37.34
CA GLU D 79 -9.61 -35.14 -37.43
C GLU D 79 -9.41 -34.47 -38.78
N ALA D 80 -8.22 -34.62 -39.36
CA ALA D 80 -7.94 -34.03 -40.67
C ALA D 80 -8.84 -34.64 -41.75
N ARG D 81 -9.36 -35.82 -41.48
CA ARG D 81 -10.22 -36.52 -42.42
C ARG D 81 -11.71 -36.20 -42.22
N ARG D 82 -12.00 -35.36 -41.23
CA ARG D 82 -13.38 -35.00 -40.92
C ARG D 82 -13.75 -33.60 -41.40
N ALA D 83 -14.90 -33.48 -42.07
CA ALA D 83 -15.36 -32.20 -42.58
C ALA D 83 -15.61 -31.24 -41.41
N ASP D 84 -15.96 -31.79 -40.25
CA ASP D 84 -16.22 -30.97 -39.07
C ASP D 84 -15.04 -31.12 -38.11
N GLY D 85 -13.85 -31.32 -38.68
CA GLY D 85 -12.65 -31.50 -37.89
C GLY D 85 -12.12 -30.24 -37.22
N ILE D 86 -11.37 -30.41 -36.14
CA ILE D 86 -10.83 -29.28 -35.42
C ILE D 86 -10.06 -28.34 -36.34
N GLN D 87 -10.07 -27.06 -35.98
CA GLN D 87 -9.41 -26.01 -36.75
C GLN D 87 -8.19 -25.53 -35.97
N ALA D 88 -8.24 -25.70 -34.65
CA ALA D 88 -7.16 -25.26 -33.79
C ALA D 88 -6.95 -26.22 -32.63
N VAL D 89 -5.75 -26.19 -32.06
CA VAL D 89 -5.41 -27.06 -30.95
C VAL D 89 -4.50 -26.37 -29.95
N SER D 90 -4.83 -26.55 -28.67
CA SER D 90 -4.02 -25.98 -27.60
C SER D 90 -3.24 -27.13 -26.97
N ILE D 91 -1.93 -26.93 -26.84
CA ILE D 91 -1.04 -27.94 -26.30
C ILE D 91 -0.71 -27.60 -24.86
N ALA D 92 -1.10 -28.46 -23.92
CA ALA D 92 -0.83 -28.21 -22.52
C ALA D 92 -0.05 -29.36 -21.88
N THR D 93 0.67 -30.11 -22.71
CA THR D 93 1.46 -31.23 -22.24
C THR D 93 2.81 -30.75 -21.73
N PRO D 94 3.61 -31.65 -21.12
CA PRO D 94 4.93 -31.26 -20.60
C PRO D 94 5.78 -30.50 -21.63
N ASN D 95 6.56 -29.54 -21.15
CA ASN D 95 7.40 -28.70 -22.00
C ASN D 95 8.22 -29.44 -23.08
N GLY D 96 8.75 -30.60 -22.73
CA GLY D 96 9.55 -31.35 -23.69
C GLY D 96 8.78 -31.82 -24.92
N THR D 97 7.46 -31.85 -24.86
CA THR D 97 6.66 -32.32 -25.99
C THR D 97 6.13 -31.21 -26.90
N HIS D 98 6.25 -29.97 -26.45
CA HIS D 98 5.75 -28.84 -27.22
C HIS D 98 6.26 -28.80 -28.66
N TYR D 99 7.56 -29.00 -28.84
CA TYR D 99 8.11 -28.95 -30.18
C TYR D 99 7.48 -29.93 -31.16
N SER D 100 7.53 -31.23 -30.86
CA SER D 100 6.99 -32.23 -31.77
C SER D 100 5.49 -32.14 -32.00
N ILE D 101 4.73 -31.79 -30.97
CA ILE D 101 3.29 -31.70 -31.14
C ILE D 101 2.94 -30.47 -32.01
N THR D 102 3.56 -29.33 -31.71
CA THR D 102 3.32 -28.12 -32.49
C THR D 102 3.66 -28.40 -33.97
N LYS D 103 4.77 -29.09 -34.19
CA LYS D 103 5.21 -29.43 -35.54
C LYS D 103 4.16 -30.27 -36.26
N ALA D 104 3.69 -31.32 -35.60
CA ALA D 104 2.69 -32.20 -36.18
C ALA D 104 1.38 -31.46 -36.44
N ALA D 105 0.94 -30.63 -35.51
CA ALA D 105 -0.29 -29.88 -35.69
C ALA D 105 -0.18 -28.97 -36.91
N LEU D 106 0.93 -28.25 -37.03
CA LEU D 106 1.13 -27.35 -38.17
C LEU D 106 1.14 -28.12 -39.49
N GLU D 107 1.79 -29.28 -39.50
CA GLU D 107 1.86 -30.09 -40.72
C GLU D 107 0.48 -30.62 -41.04
N ALA D 108 -0.38 -30.70 -40.02
CA ALA D 108 -1.73 -31.19 -40.21
C ALA D 108 -2.69 -30.03 -40.48
N GLY D 109 -2.13 -28.87 -40.84
CA GLY D 109 -2.95 -27.70 -41.13
C GLY D 109 -3.76 -27.14 -39.99
N LEU D 110 -3.23 -27.24 -38.78
CA LEU D 110 -3.95 -26.72 -37.62
C LEU D 110 -3.33 -25.48 -37.00
N HIS D 111 -4.16 -24.52 -36.60
CA HIS D 111 -3.67 -23.34 -35.91
C HIS D 111 -3.32 -23.88 -34.53
N VAL D 112 -2.28 -23.32 -33.93
CA VAL D 112 -1.82 -23.77 -32.62
C VAL D 112 -1.76 -22.70 -31.54
N VAL D 113 -1.96 -23.14 -30.30
CA VAL D 113 -1.83 -22.29 -29.14
C VAL D 113 -1.03 -23.19 -28.23
N CYS D 114 0.23 -22.83 -28.03
CA CYS D 114 1.13 -23.63 -27.23
C CYS D 114 1.43 -23.01 -25.89
N GLU D 115 1.30 -23.82 -24.84
CA GLU D 115 1.62 -23.37 -23.49
C GLU D 115 3.12 -23.09 -23.61
N LYS D 116 3.59 -22.00 -23.01
CA LYS D 116 5.01 -21.70 -23.09
C LYS D 116 5.80 -22.71 -22.25
N PRO D 117 7.06 -22.97 -22.62
CA PRO D 117 7.73 -22.35 -23.76
C PRO D 117 7.33 -23.07 -25.03
N LEU D 118 7.61 -22.44 -26.17
CA LEU D 118 7.30 -23.04 -27.46
C LEU D 118 8.14 -24.31 -27.66
N CYS D 119 9.39 -24.26 -27.22
CA CYS D 119 10.32 -25.38 -27.33
C CYS D 119 11.59 -25.05 -26.53
N PHE D 120 12.62 -25.88 -26.66
CA PHE D 120 13.86 -25.66 -25.91
C PHE D 120 15.03 -25.01 -26.65
N THR D 121 15.10 -25.17 -27.97
CA THR D 121 16.19 -24.59 -28.74
C THR D 121 15.75 -23.62 -29.84
N VAL D 122 16.63 -22.67 -30.16
CA VAL D 122 16.33 -21.70 -31.20
C VAL D 122 16.14 -22.39 -32.55
N GLU D 123 17.00 -23.37 -32.84
CA GLU D 123 16.91 -24.10 -34.11
C GLU D 123 15.51 -24.69 -34.27
N GLN D 124 14.98 -25.29 -33.20
CA GLN D 124 13.64 -25.88 -33.25
C GLN D 124 12.62 -24.76 -33.46
N ALA D 125 12.76 -23.68 -32.68
CA ALA D 125 11.85 -22.55 -32.80
C ALA D 125 11.82 -22.00 -34.22
N GLU D 126 12.97 -21.98 -34.88
CA GLU D 126 13.03 -21.47 -36.23
C GLU D 126 12.30 -22.45 -37.17
N ASN D 127 12.38 -23.74 -36.86
CA ASN D 127 11.70 -24.75 -37.67
C ASN D 127 10.19 -24.54 -37.59
N LEU D 128 9.69 -24.30 -36.38
CA LEU D 128 8.27 -24.08 -36.18
C LEU D 128 7.82 -22.82 -36.90
N ARG D 129 8.65 -21.78 -36.87
CA ARG D 129 8.34 -20.53 -37.55
C ARG D 129 8.24 -20.79 -39.06
N GLU D 130 9.19 -21.55 -39.59
CA GLU D 130 9.19 -21.90 -41.01
C GLU D 130 7.91 -22.66 -41.36
N LEU D 131 7.57 -23.65 -40.57
CA LEU D 131 6.36 -24.44 -40.82
C LEU D 131 5.11 -23.57 -40.74
N SER D 132 5.11 -22.68 -39.76
CA SER D 132 4.00 -21.77 -39.54
C SER D 132 3.71 -20.96 -40.80
N HIS D 133 4.74 -20.40 -41.41
CA HIS D 133 4.57 -19.61 -42.63
C HIS D 133 4.18 -20.51 -43.80
N LYS D 134 4.81 -21.68 -43.88
CA LYS D 134 4.54 -22.61 -44.96
C LYS D 134 3.06 -23.01 -45.01
N HIS D 135 2.56 -23.46 -43.86
CA HIS D 135 1.17 -23.91 -43.76
C HIS D 135 0.22 -22.77 -43.44
N ASN D 136 0.75 -21.56 -43.35
CA ASN D 136 -0.07 -20.40 -43.05
C ASN D 136 -1.03 -20.65 -41.87
N ARG D 137 -0.46 -20.99 -40.72
CA ARG D 137 -1.24 -21.24 -39.52
C ARG D 137 -0.52 -20.51 -38.39
N ILE D 138 -1.28 -19.96 -37.45
CA ILE D 138 -0.66 -19.24 -36.36
C ILE D 138 -0.18 -20.16 -35.25
N VAL D 139 0.68 -19.61 -34.40
CA VAL D 139 1.21 -20.32 -33.24
C VAL D 139 1.24 -19.34 -32.08
N GLY D 140 0.17 -19.31 -31.31
CA GLY D 140 0.12 -18.43 -30.17
C GLY D 140 0.82 -19.08 -29.00
N VAL D 141 1.41 -18.27 -28.13
CA VAL D 141 2.11 -18.75 -26.95
C VAL D 141 1.46 -18.06 -25.76
N THR D 142 1.16 -18.84 -24.72
CA THR D 142 0.48 -18.34 -23.54
C THR D 142 1.18 -17.40 -22.55
N TYR D 143 1.59 -16.23 -23.03
CA TYR D 143 2.19 -15.22 -22.16
C TYR D 143 0.91 -14.46 -21.77
N GLY D 144 0.08 -15.12 -20.97
CA GLY D 144 -1.21 -14.59 -20.58
C GLY D 144 -1.33 -13.28 -19.84
N TYR D 145 -0.27 -12.88 -19.13
CA TYR D 145 -0.33 -11.63 -18.38
C TYR D 145 -0.52 -10.43 -19.28
N ALA D 146 -0.17 -10.59 -20.56
CA ALA D 146 -0.33 -9.51 -21.52
C ALA D 146 -1.81 -9.27 -21.83
N GLY D 147 -2.66 -10.11 -21.26
CA GLY D 147 -4.10 -9.98 -21.47
C GLY D 147 -4.72 -8.90 -20.60
N HIS D 148 -3.97 -8.44 -19.61
CA HIS D 148 -4.46 -7.38 -18.72
C HIS D 148 -4.45 -6.04 -19.45
N GLN D 149 -5.60 -5.37 -19.45
CA GLN D 149 -5.79 -4.08 -20.13
C GLN D 149 -4.72 -3.02 -19.90
N LEU D 150 -4.31 -2.83 -18.65
CA LEU D 150 -3.31 -1.82 -18.35
C LEU D 150 -1.96 -2.01 -19.02
N ILE D 151 -1.71 -3.20 -19.56
CA ILE D 151 -0.46 -3.43 -20.27
C ILE D 151 -0.56 -2.66 -21.59
N GLU D 152 -1.76 -2.61 -22.17
CA GLU D 152 -2.00 -1.89 -23.43
C GLU D 152 -1.91 -0.39 -23.17
N GLN D 153 -2.40 0.02 -22.01
CA GLN D 153 -2.36 1.42 -21.64
C GLN D 153 -0.90 1.88 -21.58
N ALA D 154 -0.07 1.09 -20.92
CA ALA D 154 1.36 1.40 -20.81
C ALA D 154 2.00 1.51 -22.19
N ARG D 155 1.63 0.60 -23.09
CA ARG D 155 2.18 0.64 -24.45
C ARG D 155 1.81 1.96 -25.13
N GLU D 156 0.55 2.36 -25.00
CA GLU D 156 0.05 3.60 -25.59
C GLU D 156 0.76 4.82 -25.00
N MSE D 157 0.94 4.82 -23.68
CA MSE D 157 1.60 5.94 -23.03
C MSE D 157 3.05 6.09 -23.49
O MSE D 157 3.51 7.19 -23.80
CB MSE D 157 1.54 5.75 -21.51
CG MSE D 157 0.12 5.85 -20.95
SE MSE D 157 0.02 5.44 -19.08
CE MSE D 157 0.63 7.11 -18.31
N ILE D 158 3.76 4.97 -23.56
CA ILE D 158 5.15 4.97 -23.97
C ILE D 158 5.26 5.48 -25.41
N ALA D 159 4.37 5.00 -26.28
CA ALA D 159 4.36 5.40 -27.69
C ALA D 159 3.97 6.88 -27.86
N ALA D 160 3.26 7.42 -26.88
CA ALA D 160 2.84 8.81 -26.94
C ALA D 160 3.91 9.71 -26.32
N GLY D 161 5.00 9.10 -25.85
CA GLY D 161 6.10 9.86 -25.26
C GLY D 161 5.91 10.32 -23.83
N GLU D 162 5.00 9.70 -23.09
CA GLU D 162 4.74 10.08 -21.70
C GLU D 162 5.98 9.91 -20.81
N LEU D 163 6.85 8.97 -21.17
CA LEU D 163 8.05 8.71 -20.40
C LEU D 163 9.28 9.42 -20.94
N GLY D 164 9.12 10.08 -22.10
CA GLY D 164 10.26 10.73 -22.72
C GLY D 164 11.08 9.62 -23.37
N ASP D 165 12.40 9.70 -23.26
CA ASP D 165 13.25 8.66 -23.83
C ASP D 165 13.40 7.53 -22.83
N VAL D 166 13.11 6.30 -23.25
CA VAL D 166 13.23 5.15 -22.36
C VAL D 166 14.68 4.90 -22.01
N ARG D 167 14.97 4.75 -20.71
CA ARG D 167 16.33 4.53 -20.24
C ARG D 167 16.57 3.17 -19.61
N MSE D 168 15.57 2.68 -18.87
CA MSE D 168 15.69 1.38 -18.22
C MSE D 168 14.39 0.59 -18.20
O MSE D 168 13.29 1.16 -18.11
CB MSE D 168 16.20 1.53 -16.79
CG MSE D 168 17.66 1.95 -16.68
SE MSE D 168 17.98 2.57 -14.89
CE MSE D 168 17.32 4.37 -15.11
N VAL D 169 14.53 -0.72 -18.30
CA VAL D 169 13.39 -1.62 -18.27
C VAL D 169 13.74 -2.64 -17.21
N HIS D 170 13.12 -2.51 -16.04
CA HIS D 170 13.38 -3.43 -14.94
C HIS D 170 12.26 -4.43 -14.80
N MSE D 171 12.60 -5.70 -14.94
CA MSE D 171 11.63 -6.77 -14.86
C MSE D 171 11.98 -7.80 -13.79
O MSE D 171 13.13 -7.99 -13.44
CB MSE D 171 11.52 -7.48 -16.20
CG MSE D 171 10.95 -6.62 -17.30
SE MSE D 171 11.58 -7.19 -19.02
CE MSE D 171 13.36 -6.40 -18.99
N GLN D 172 10.94 -8.45 -13.29
CA GLN D 172 11.12 -9.49 -12.30
C GLN D 172 9.89 -10.37 -12.23
N PHE D 173 10.13 -11.61 -11.87
CA PHE D 173 9.07 -12.57 -11.65
C PHE D 173 9.77 -13.48 -10.66
N ALA D 174 9.61 -13.16 -9.38
CA ALA D 174 10.26 -13.89 -8.31
C ALA D 174 9.31 -14.22 -7.17
N HIS D 175 8.93 -15.48 -7.10
CA HIS D 175 8.04 -15.97 -6.05
C HIS D 175 8.90 -16.87 -5.18
N GLY D 176 8.35 -17.34 -4.06
CA GLY D 176 9.14 -18.19 -3.19
C GLY D 176 8.58 -19.58 -2.93
N PHE D 177 7.68 -20.03 -3.78
CA PHE D 177 7.07 -21.34 -3.60
C PHE D 177 8.04 -22.50 -3.60
N HIS D 178 9.21 -22.32 -4.22
CA HIS D 178 10.17 -23.40 -4.25
C HIS D 178 11.42 -23.10 -3.44
N SER D 179 11.24 -22.35 -2.37
CA SER D 179 12.35 -22.00 -1.49
C SER D 179 12.86 -23.23 -0.77
N ALA D 180 11.97 -24.22 -0.57
CA ALA D 180 12.32 -25.47 0.13
C ALA D 180 12.63 -26.58 -0.87
N GLY D 199 14.54 -29.35 -20.26
CA GLY D 199 15.06 -28.22 -21.03
C GLY D 199 16.35 -27.66 -20.45
N PRO D 200 16.89 -26.57 -21.05
CA PRO D 200 18.14 -25.99 -20.54
C PRO D 200 18.01 -25.14 -19.28
N SER D 201 16.78 -24.85 -18.84
CA SER D 201 16.64 -24.04 -17.64
C SER D 201 15.34 -24.27 -16.90
N TYR D 202 15.20 -23.57 -15.79
CA TYR D 202 13.98 -23.65 -15.01
C TYR D 202 13.32 -22.27 -14.90
N VAL D 203 13.70 -21.45 -13.92
CA VAL D 203 13.04 -20.15 -13.78
C VAL D 203 13.14 -19.18 -14.96
N LEU D 204 14.25 -19.23 -15.70
CA LEU D 204 14.41 -18.32 -16.84
C LEU D 204 13.26 -18.49 -17.84
N GLY D 205 12.97 -19.73 -18.21
CA GLY D 205 11.90 -19.97 -19.14
C GLY D 205 10.55 -20.02 -18.46
N ASP D 206 10.51 -20.54 -17.24
CA ASP D 206 9.25 -20.68 -16.50
C ASP D 206 8.58 -19.37 -16.09
N VAL D 207 9.35 -18.44 -15.52
CA VAL D 207 8.77 -17.18 -15.11
C VAL D 207 9.47 -16.00 -15.75
N GLY D 208 10.77 -16.13 -15.98
CA GLY D 208 11.52 -15.03 -16.57
C GLY D 208 10.94 -14.47 -17.86
N THR D 209 10.50 -15.34 -18.76
CA THR D 209 9.96 -14.90 -20.03
C THR D 209 8.61 -14.18 -19.98
N HIS D 210 7.88 -14.27 -18.87
CA HIS D 210 6.60 -13.58 -18.79
C HIS D 210 6.75 -12.07 -18.84
N PRO D 211 7.47 -11.46 -17.88
CA PRO D 211 7.63 -10.00 -17.93
C PRO D 211 8.40 -9.58 -19.19
N LEU D 212 9.24 -10.49 -19.69
CA LEU D 212 9.99 -10.20 -20.90
C LEU D 212 9.00 -9.92 -22.03
N TYR D 213 7.94 -10.73 -22.13
CA TYR D 213 6.96 -10.48 -23.19
C TYR D 213 6.17 -9.22 -22.89
N LEU D 214 5.98 -8.92 -21.60
CA LEU D 214 5.27 -7.71 -21.25
C LEU D 214 6.04 -6.51 -21.82
N SER D 215 7.37 -6.55 -21.72
CA SER D 215 8.18 -5.44 -22.22
C SER D 215 8.10 -5.38 -23.75
N GLU D 216 7.97 -6.54 -24.39
CA GLU D 216 7.85 -6.62 -25.84
C GLU D 216 6.59 -5.87 -26.29
N VAL D 217 5.52 -6.02 -25.52
CA VAL D 217 4.26 -5.36 -25.83
C VAL D 217 4.38 -3.85 -25.61
N MSE D 218 5.00 -3.46 -24.50
CA MSE D 218 5.14 -2.05 -24.18
C MSE D 218 6.18 -1.31 -25.02
O MSE D 218 6.03 -0.13 -25.30
CB MSE D 218 5.53 -1.88 -22.72
CG MSE D 218 4.59 -2.52 -21.72
SE MSE D 218 5.16 -2.05 -19.95
CE MSE D 218 3.73 -2.92 -18.94
N LEU D 219 7.23 -2.03 -25.41
CA LEU D 219 8.33 -1.44 -26.14
C LEU D 219 8.69 -2.29 -27.36
N PRO D 220 7.77 -2.40 -28.33
CA PRO D 220 8.03 -3.20 -29.53
C PRO D 220 9.28 -2.84 -30.34
N ASP D 221 9.70 -1.58 -30.30
CA ASP D 221 10.85 -1.16 -31.07
C ASP D 221 12.20 -1.33 -30.39
N LEU D 222 12.19 -1.69 -29.10
CA LEU D 222 13.42 -1.89 -28.37
C LEU D 222 14.04 -3.20 -28.85
N LYS D 223 15.35 -3.18 -29.13
CA LYS D 223 16.05 -4.37 -29.58
C LYS D 223 17.23 -4.66 -28.68
N ILE D 224 17.34 -5.91 -28.23
CA ILE D 224 18.42 -6.31 -27.36
C ILE D 224 19.71 -6.43 -28.18
N LYS D 225 20.78 -5.80 -27.70
CA LYS D 225 22.07 -5.87 -28.39
C LYS D 225 22.89 -7.01 -27.79
N ARG D 226 23.02 -7.01 -26.47
CA ARG D 226 23.75 -8.06 -25.80
C ARG D 226 23.27 -8.18 -24.37
N LEU D 227 23.56 -9.31 -23.74
CA LEU D 227 23.14 -9.55 -22.38
C LEU D 227 24.10 -10.48 -21.66
N MSE D 228 24.00 -10.48 -20.33
CA MSE D 228 24.77 -11.36 -19.50
C MSE D 228 23.81 -11.90 -18.46
O MSE D 228 22.87 -11.21 -18.05
CB MSE D 228 25.96 -10.65 -18.83
CG MSE D 228 25.63 -9.42 -18.05
SE MSE D 228 27.18 -8.87 -17.01
CE MSE D 228 28.55 -8.77 -18.34
N CYS D 229 24.05 -13.12 -18.04
CA CYS D 229 23.19 -13.76 -17.06
C CYS D 229 24.01 -14.52 -16.03
N SER D 230 23.56 -14.43 -14.79
CA SER D 230 24.17 -15.13 -13.68
C SER D 230 23.06 -15.98 -13.08
N ARG D 231 23.24 -17.29 -13.05
CA ARG D 231 22.18 -18.13 -12.48
C ARG D 231 22.69 -19.04 -11.38
N GLN D 232 21.81 -19.36 -10.43
CA GLN D 232 22.17 -20.22 -9.32
C GLN D 232 21.13 -21.31 -9.07
N SER D 233 21.57 -22.36 -8.40
CA SER D 233 20.69 -23.46 -8.00
C SER D 233 20.85 -23.47 -6.49
N PHE D 234 20.05 -22.67 -5.78
CA PHE D 234 20.14 -22.62 -4.32
C PHE D 234 19.78 -23.96 -3.68
N VAL D 235 18.84 -24.68 -4.30
CA VAL D 235 18.48 -26.00 -3.83
C VAL D 235 19.38 -26.83 -4.75
N ALA D 236 20.62 -27.06 -4.29
CA ALA D 236 21.64 -27.80 -5.05
C ALA D 236 21.18 -28.93 -5.95
N SER D 237 20.27 -29.76 -5.45
CA SER D 237 19.76 -30.90 -6.22
C SER D 237 19.23 -30.50 -7.60
N ARG D 238 18.82 -29.25 -7.74
CA ARG D 238 18.26 -28.78 -9.00
C ARG D 238 19.28 -28.52 -10.12
N ALA D 239 20.50 -28.16 -9.74
CA ALA D 239 21.55 -27.90 -10.72
C ALA D 239 21.59 -28.99 -11.79
N PRO D 240 21.98 -28.63 -13.03
CA PRO D 240 22.33 -27.28 -13.46
C PRO D 240 21.16 -26.33 -13.69
N LEU D 241 19.93 -26.82 -13.47
CA LEU D 241 18.75 -25.98 -13.65
C LEU D 241 18.69 -24.98 -12.52
N GLU D 242 18.55 -23.71 -12.88
CA GLU D 242 18.53 -22.63 -11.90
C GLU D 242 17.18 -22.30 -11.28
N ASP D 243 17.19 -21.95 -9.99
CA ASP D 243 15.96 -21.55 -9.32
C ASP D 243 16.04 -20.05 -9.02
N ASN D 244 17.10 -19.43 -9.54
CA ASN D 244 17.32 -17.98 -9.42
C ASN D 244 18.27 -17.49 -10.49
N ALA D 245 17.99 -16.32 -11.05
CA ALA D 245 18.87 -15.77 -12.07
C ALA D 245 18.73 -14.27 -12.23
N TYR D 246 19.83 -13.65 -12.63
CA TYR D 246 19.88 -12.22 -12.88
C TYR D 246 20.31 -12.07 -14.33
N THR D 247 19.61 -11.24 -15.08
CA THR D 247 19.96 -10.99 -16.46
C THR D 247 20.09 -9.49 -16.67
N LEU D 248 21.26 -9.06 -17.13
CA LEU D 248 21.53 -7.64 -17.41
C LEU D 248 21.64 -7.51 -18.92
N MSE D 249 20.93 -6.54 -19.49
CA MSE D 249 20.91 -6.37 -20.94
C MSE D 249 21.15 -4.96 -21.43
O MSE D 249 20.77 -3.98 -20.79
CB MSE D 249 19.56 -6.82 -21.47
CG MSE D 249 19.07 -8.12 -20.86
SE MSE D 249 17.29 -8.58 -21.48
CE MSE D 249 16.28 -7.32 -20.45
N GLU D 250 21.80 -4.86 -22.59
CA GLU D 250 22.04 -3.57 -23.22
C GLU D 250 21.15 -3.58 -24.45
N TYR D 251 20.28 -2.59 -24.55
CA TYR D 251 19.39 -2.46 -25.70
C TYR D 251 20.12 -1.59 -26.71
N GLU D 252 19.76 -1.72 -27.99
CA GLU D 252 20.37 -0.89 -29.01
C GLU D 252 19.84 0.51 -28.71
N GLY D 253 20.71 1.50 -28.70
CA GLY D 253 20.26 2.85 -28.40
C GLY D 253 20.73 3.31 -27.05
N GLY D 254 21.23 2.39 -26.23
CA GLY D 254 21.73 2.78 -24.92
C GLY D 254 20.93 2.42 -23.68
N ALA D 255 19.63 2.15 -23.83
CA ALA D 255 18.82 1.81 -22.67
C ALA D 255 19.29 0.49 -22.08
N MSE D 256 19.04 0.30 -20.79
CA MSE D 256 19.45 -0.92 -20.09
C MSE D 256 18.23 -1.73 -19.65
O MSE D 256 17.14 -1.20 -19.47
CB MSE D 256 20.30 -0.58 -18.88
CG MSE D 256 21.52 0.28 -19.18
SE MSE D 256 22.83 -0.65 -20.25
CE MSE D 256 23.18 -2.16 -19.09
N GLY D 257 18.43 -3.03 -19.48
CA GLY D 257 17.34 -3.89 -19.06
C GLY D 257 17.82 -4.90 -18.04
N MSE D 258 16.98 -5.22 -17.07
CA MSE D 258 17.33 -6.17 -16.03
C MSE D 258 16.14 -7.09 -15.76
O MSE D 258 15.00 -6.63 -15.68
CB MSE D 258 17.75 -5.45 -14.75
CG MSE D 258 18.03 -6.39 -13.60
SE MSE D 258 18.84 -5.51 -12.08
CE MSE D 258 17.21 -5.11 -11.07
N VAL D 259 16.42 -8.38 -15.60
CA VAL D 259 15.38 -9.34 -15.30
C VAL D 259 15.84 -10.25 -14.16
N TRP D 260 15.03 -10.31 -13.11
CA TRP D 260 15.32 -11.16 -11.98
C TRP D 260 14.30 -12.28 -11.98
N SER D 261 14.76 -13.50 -12.25
CA SER D 261 13.87 -14.66 -12.28
C SER D 261 14.13 -15.49 -11.04
N SER D 262 13.08 -15.88 -10.32
CA SER D 262 13.30 -16.65 -9.10
C SER D 262 12.10 -17.45 -8.60
N ALA D 263 12.40 -18.61 -8.04
CA ALA D 263 11.38 -19.48 -7.47
C ALA D 263 11.72 -19.60 -5.98
N VAL D 264 12.75 -18.87 -5.54
CA VAL D 264 13.17 -18.92 -4.15
C VAL D 264 13.15 -17.58 -3.44
N ASN D 265 12.26 -16.68 -3.88
CA ASN D 265 12.12 -15.37 -3.25
C ASN D 265 11.13 -15.56 -2.09
N ALA D 266 11.64 -16.18 -1.02
CA ALA D 266 10.86 -16.51 0.18
C ALA D 266 9.87 -15.43 0.62
N GLY D 267 8.60 -15.83 0.75
CA GLY D 267 7.59 -14.90 1.16
C GLY D 267 6.83 -14.23 0.04
N SER D 268 7.36 -14.28 -1.18
CA SER D 268 6.66 -13.66 -2.30
C SER D 268 5.64 -14.61 -2.89
N MSE D 269 4.42 -14.12 -3.05
CA MSE D 269 3.31 -14.92 -3.61
C MSE D 269 3.39 -15.09 -5.13
O MSE D 269 2.84 -16.04 -5.68
CB MSE D 269 1.97 -14.26 -3.25
CG MSE D 269 1.64 -14.23 -1.78
SE MSE D 269 1.27 -16.02 -1.19
CE MSE D 269 -0.18 -16.43 -2.40
N HIS D 270 4.04 -14.13 -5.80
CA HIS D 270 4.18 -14.17 -7.24
C HIS D 270 5.31 -13.22 -7.61
N GLY D 271 5.13 -11.94 -7.27
CA GLY D 271 6.16 -10.96 -7.54
C GLY D 271 6.56 -10.68 -8.98
N GLN D 272 5.59 -10.65 -9.90
CA GLN D 272 5.93 -10.31 -11.27
C GLN D 272 5.71 -8.81 -11.42
N LYS D 273 6.78 -8.10 -11.76
CA LYS D 273 6.70 -6.65 -11.91
C LYS D 273 7.54 -6.16 -13.07
N ILE D 274 7.13 -5.03 -13.62
CA ILE D 274 7.88 -4.40 -14.70
C ILE D 274 7.79 -2.89 -14.51
N ARG D 275 8.96 -2.25 -14.46
CA ARG D 275 9.01 -0.81 -14.31
C ARG D 275 9.79 -0.28 -15.51
N VAL D 276 9.19 0.66 -16.23
CA VAL D 276 9.84 1.27 -17.38
C VAL D 276 10.23 2.68 -16.95
N ILE D 277 11.53 2.97 -16.99
CA ILE D 277 12.04 4.27 -16.57
C ILE D 277 12.50 5.14 -17.75
N GLY D 278 11.84 6.28 -17.91
CA GLY D 278 12.18 7.19 -18.99
C GLY D 278 12.80 8.47 -18.46
N SER D 279 13.27 9.32 -19.37
CA SER D 279 13.90 10.56 -18.95
C SER D 279 12.93 11.51 -18.27
N ARG D 280 11.64 11.36 -18.57
CA ARG D 280 10.59 12.23 -18.01
C ARG D 280 9.79 11.60 -16.88
N ALA D 281 9.51 10.31 -16.99
CA ALA D 281 8.70 9.64 -16.00
C ALA D 281 8.88 8.13 -16.06
N SER D 282 8.28 7.44 -15.09
CA SER D 282 8.34 5.99 -15.03
C SER D 282 6.93 5.45 -14.88
N LEU D 283 6.76 4.18 -15.19
CA LEU D 283 5.49 3.49 -15.01
C LEU D 283 5.81 2.10 -14.47
N GLU D 284 4.91 1.55 -13.66
CA GLU D 284 5.15 0.25 -13.05
C GLU D 284 3.86 -0.54 -12.87
N TRP D 285 3.94 -1.85 -13.15
CA TRP D 285 2.79 -2.73 -13.06
C TRP D 285 3.23 -4.01 -12.31
N TRP D 286 2.33 -4.52 -11.47
CA TRP D 286 2.57 -5.70 -10.65
C TRP D 286 1.40 -6.67 -10.86
N ASP D 287 1.69 -7.89 -11.33
CA ASP D 287 0.62 -8.85 -11.62
C ASP D 287 -0.34 -9.17 -10.48
N GLU D 288 0.10 -8.99 -9.24
CA GLU D 288 -0.77 -9.25 -8.09
C GLU D 288 -1.77 -8.12 -7.86
N ARG D 289 -1.59 -7.01 -8.57
CA ARG D 289 -2.48 -5.84 -8.51
C ARG D 289 -2.60 -5.44 -9.97
N PRO D 290 -3.14 -6.34 -10.80
CA PRO D 290 -3.29 -6.10 -12.24
C PRO D 290 -4.16 -4.95 -12.70
N ASN D 291 -5.05 -4.45 -11.84
CA ASN D 291 -5.96 -3.38 -12.22
C ASN D 291 -5.44 -1.96 -11.98
N GLN D 292 -4.21 -1.83 -11.50
CA GLN D 292 -3.63 -0.52 -11.29
C GLN D 292 -2.29 -0.42 -12.04
N LEU D 293 -1.93 0.81 -12.41
CA LEU D 293 -0.69 1.09 -13.10
C LEU D 293 -0.13 2.37 -12.48
N SER D 294 1.09 2.30 -11.99
CA SER D 294 1.72 3.48 -11.39
C SER D 294 2.35 4.35 -12.46
N PHE D 295 2.09 5.65 -12.41
CA PHE D 295 2.64 6.59 -13.38
C PHE D 295 3.31 7.71 -12.59
N GLU D 296 4.64 7.71 -12.60
CA GLU D 296 5.40 8.67 -11.84
C GLU D 296 6.24 9.64 -12.67
N VAL D 297 5.69 10.83 -12.90
CA VAL D 297 6.38 11.87 -13.65
C VAL D 297 7.31 12.56 -12.67
N GLN D 298 8.61 12.58 -12.97
CA GLN D 298 9.58 13.21 -12.08
C GLN D 298 9.19 14.65 -11.80
N GLY D 299 9.16 15.01 -10.51
CA GLY D 299 8.81 16.37 -10.15
C GLY D 299 7.32 16.65 -10.05
N GLN D 300 6.51 15.63 -10.28
CA GLN D 300 5.05 15.77 -10.20
C GLN D 300 4.50 14.71 -9.24
N PRO D 301 3.26 14.89 -8.79
CA PRO D 301 2.65 13.91 -7.87
C PRO D 301 2.55 12.55 -8.56
N ALA D 302 2.88 11.49 -7.83
CA ALA D 302 2.78 10.13 -8.35
C ALA D 302 1.32 9.90 -8.70
N GLN D 303 1.08 9.12 -9.74
CA GLN D 303 -0.27 8.83 -10.19
C GLN D 303 -0.56 7.34 -10.27
N ILE D 304 -1.80 6.98 -10.00
CA ILE D 304 -2.23 5.60 -10.08
C ILE D 304 -3.39 5.53 -11.07
N LEU D 305 -3.21 4.83 -12.18
CA LEU D 305 -4.27 4.67 -13.18
C LEU D 305 -5.01 3.37 -12.91
N GLU D 306 -6.32 3.39 -13.10
CA GLU D 306 -7.17 2.23 -12.85
C GLU D 306 -7.81 1.67 -14.10
N ARG D 307 -7.90 0.35 -14.16
CA ARG D 307 -8.53 -0.32 -15.29
C ARG D 307 -9.96 0.20 -15.43
N GLY D 308 -10.40 0.38 -16.67
CA GLY D 308 -11.76 0.83 -16.93
C GLY D 308 -12.13 2.30 -16.81
N MSE D 309 -11.17 3.18 -16.59
CA MSE D 309 -11.51 4.59 -16.47
C MSE D 309 -11.49 5.29 -17.83
O MSE D 309 -10.74 4.92 -18.73
CB MSE D 309 -10.57 5.28 -15.50
CG MSE D 309 -10.81 4.90 -14.05
SE MSE D 309 -12.65 5.30 -13.48
CE MSE D 309 -12.51 7.22 -13.22
N GLY D 310 -12.31 6.33 -17.95
CA GLY D 310 -12.42 7.09 -19.19
C GLY D 310 -11.15 7.79 -19.69
N TYR D 311 -10.17 7.98 -18.82
CA TYR D 311 -8.94 8.64 -19.25
C TYR D 311 -7.97 7.67 -19.92
N LEU D 312 -8.34 6.39 -19.97
CA LEU D 312 -7.49 5.39 -20.60
C LEU D 312 -7.67 5.43 -22.12
N HIS D 313 -6.72 4.89 -22.85
CA HIS D 313 -6.80 4.84 -24.31
C HIS D 313 -7.86 3.77 -24.67
N PRO D 314 -8.66 4.02 -25.72
CA PRO D 314 -9.67 3.02 -26.09
C PRO D 314 -9.13 1.60 -26.32
N ASN D 315 -7.86 1.49 -26.74
CA ASN D 315 -7.28 0.16 -26.95
C ASN D 315 -7.11 -0.54 -25.62
N ALA D 316 -7.12 0.23 -24.54
CA ALA D 316 -6.97 -0.32 -23.21
C ALA D 316 -8.33 -0.44 -22.53
N LEU D 317 -9.39 -0.04 -23.23
CA LEU D 317 -10.75 -0.12 -22.69
C LEU D 317 -11.59 -1.17 -23.39
N ILE D 318 -11.26 -1.45 -24.64
CA ILE D 318 -12.02 -2.40 -25.44
C ILE D 318 -12.18 -3.80 -24.85
N ASP D 319 -11.21 -4.26 -24.06
CA ASP D 319 -11.33 -5.60 -23.45
C ASP D 319 -12.11 -5.62 -22.13
N ASP D 320 -12.46 -4.46 -21.59
CA ASP D 320 -13.18 -4.44 -20.32
C ASP D 320 -14.42 -5.33 -20.38
N ARG D 321 -14.62 -6.14 -19.35
CA ARG D 321 -15.77 -7.02 -19.30
C ARG D 321 -16.73 -6.57 -18.20
N ILE D 322 -16.31 -5.57 -17.43
CA ILE D 322 -17.14 -5.01 -16.36
C ILE D 322 -16.57 -3.64 -16.00
N GLY D 323 -17.39 -2.80 -15.38
CA GLY D 323 -16.94 -1.46 -15.03
C GLY D 323 -15.77 -1.39 -14.06
N GLY D 324 -14.95 -0.35 -14.21
CA GLY D 324 -13.81 -0.16 -13.34
C GLY D 324 -14.26 -0.15 -11.89
N GLY D 325 -13.36 -0.44 -10.96
CA GLY D 325 -13.77 -0.47 -9.57
C GLY D 325 -14.01 -1.90 -9.17
N HIS D 326 -14.60 -2.68 -10.08
CA HIS D 326 -14.83 -4.10 -9.84
C HIS D 326 -13.52 -4.74 -10.28
N PRO D 327 -12.95 -5.61 -9.46
CA PRO D 327 -11.68 -6.22 -9.90
C PRO D 327 -11.80 -7.35 -10.91
N GLU D 328 -11.02 -7.25 -11.98
CA GLU D 328 -10.97 -8.30 -12.98
C GLU D 328 -9.72 -9.09 -12.60
N GLY D 329 -9.59 -10.33 -13.06
CA GLY D 329 -8.43 -11.14 -12.72
C GLY D 329 -7.74 -11.85 -13.88
N LEU D 330 -6.81 -12.75 -13.57
CA LEU D 330 -6.08 -13.45 -14.62
C LEU D 330 -6.95 -14.21 -15.62
N PHE D 331 -8.12 -14.69 -15.19
CA PHE D 331 -9.00 -15.40 -16.12
C PHE D 331 -9.49 -14.46 -17.24
N GLU D 332 -9.73 -13.20 -16.92
CA GLU D 332 -10.15 -12.23 -17.93
C GLU D 332 -9.00 -12.00 -18.91
N ALA D 333 -7.79 -11.86 -18.36
CA ALA D 333 -6.61 -11.64 -19.20
C ALA D 333 -6.46 -12.78 -20.20
N TRP D 334 -6.61 -14.00 -19.72
CA TRP D 334 -6.49 -15.18 -20.56
C TRP D 334 -7.59 -15.23 -21.61
N ALA D 335 -8.80 -14.84 -21.24
CA ALA D 335 -9.90 -14.83 -22.19
C ALA D 335 -9.57 -13.77 -23.24
N ASN D 336 -9.03 -12.64 -22.81
CA ASN D 336 -8.67 -11.57 -23.74
C ASN D 336 -7.61 -12.09 -24.71
N LEU D 337 -6.68 -12.86 -24.17
CA LEU D 337 -5.61 -13.43 -24.96
C LEU D 337 -6.19 -14.39 -26.00
N TYR D 338 -6.99 -15.34 -25.54
CA TYR D 338 -7.58 -16.31 -26.46
C TYR D 338 -8.41 -15.65 -27.55
N TYR D 339 -9.07 -14.54 -27.21
CA TYR D 339 -9.87 -13.84 -28.19
C TYR D 339 -8.96 -13.35 -29.31
N ARG D 340 -7.80 -12.82 -28.92
CA ARG D 340 -6.84 -12.33 -29.91
C ARG D 340 -6.30 -13.47 -30.77
N PHE D 341 -6.10 -14.63 -30.16
CA PHE D 341 -5.63 -15.79 -30.92
C PHE D 341 -6.70 -16.06 -31.98
N ALA D 342 -7.96 -15.99 -31.59
CA ALA D 342 -9.08 -16.23 -32.50
C ALA D 342 -9.04 -15.24 -33.67
N LEU D 343 -8.89 -13.95 -33.33
CA LEU D 343 -8.84 -12.90 -34.33
C LEU D 343 -7.66 -13.13 -35.29
N ALA D 344 -6.52 -13.56 -34.74
CA ALA D 344 -5.35 -13.82 -35.57
C ALA D 344 -5.62 -14.98 -36.54
N MSE D 345 -6.29 -16.01 -36.03
CA MSE D 345 -6.61 -17.16 -36.85
C MSE D 345 -7.51 -16.77 -38.02
O MSE D 345 -7.27 -17.15 -39.17
CB MSE D 345 -7.31 -18.23 -36.01
CG MSE D 345 -6.40 -18.90 -35.00
SE MSE D 345 -7.40 -20.09 -33.88
CE MSE D 345 -6.19 -20.21 -32.37
N ASP D 346 -8.56 -16.01 -37.72
CA ASP D 346 -9.51 -15.58 -38.73
C ASP D 346 -8.86 -14.69 -39.79
N ALA D 347 -8.02 -13.76 -39.36
CA ALA D 347 -7.36 -12.87 -40.29
C ALA D 347 -6.47 -13.70 -41.22
N THR D 348 -5.78 -14.67 -40.63
CA THR D 348 -4.90 -15.55 -41.37
C THR D 348 -5.71 -16.38 -42.37
N ASP D 349 -6.87 -16.86 -41.94
CA ASP D 349 -7.71 -17.67 -42.83
C ASP D 349 -8.23 -16.84 -44.00
N ARG D 350 -8.39 -15.53 -43.79
CA ARG D 350 -8.86 -14.62 -44.85
C ARG D 350 -7.68 -14.19 -45.70
N SER D 351 -6.47 -14.51 -45.26
CA SER D 351 -5.25 -14.12 -45.96
C SER D 351 -5.14 -12.59 -45.97
N ASP D 352 -5.51 -11.99 -44.85
CA ASP D 352 -5.48 -10.54 -44.69
C ASP D 352 -4.29 -10.13 -43.81
N THR D 353 -3.14 -9.94 -44.43
CA THR D 353 -1.92 -9.56 -43.71
C THR D 353 -2.07 -8.28 -42.88
N GLN D 354 -2.62 -7.24 -43.49
CA GLN D 354 -2.80 -5.97 -42.80
C GLN D 354 -3.69 -6.13 -41.57
N ALA D 355 -4.76 -6.91 -41.71
CA ALA D 355 -5.64 -7.14 -40.58
C ALA D 355 -4.88 -7.89 -39.49
N LEU D 356 -4.10 -8.89 -39.92
CA LEU D 356 -3.34 -9.70 -38.98
C LEU D 356 -2.34 -8.87 -38.18
N SER D 357 -1.76 -7.85 -38.82
CA SER D 357 -0.78 -7.00 -38.15
C SER D 357 -1.42 -6.12 -37.09
N ALA D 358 -2.72 -5.89 -37.20
CA ALA D 358 -3.43 -5.06 -36.22
C ALA D 358 -3.72 -5.89 -34.96
N VAL D 359 -3.64 -7.21 -35.07
CA VAL D 359 -3.88 -8.05 -33.90
C VAL D 359 -2.60 -8.17 -33.10
N ARG D 360 -2.60 -7.55 -31.92
CA ARG D 360 -1.44 -7.56 -31.03
C ARG D 360 -1.53 -8.79 -30.12
N TYR D 361 -0.79 -9.84 -30.46
CA TYR D 361 -0.83 -11.06 -29.66
C TYR D 361 0.51 -11.76 -29.67
N PRO D 362 0.78 -12.60 -28.64
CA PRO D 362 2.04 -13.33 -28.55
C PRO D 362 1.98 -14.48 -29.56
N GLY D 363 2.54 -14.25 -30.74
CA GLY D 363 2.53 -15.25 -31.79
C GLY D 363 3.87 -15.97 -31.94
N ILE D 364 4.09 -16.57 -33.10
CA ILE D 364 5.32 -17.32 -33.35
C ILE D 364 6.59 -16.52 -33.09
N ASP D 365 6.61 -15.25 -33.48
CA ASP D 365 7.81 -14.45 -33.25
C ASP D 365 8.11 -14.31 -31.75
N ALA D 366 7.09 -13.98 -30.98
CA ALA D 366 7.25 -13.85 -29.54
C ALA D 366 7.70 -15.21 -29.00
N GLY D 367 7.20 -16.26 -29.64
CA GLY D 367 7.55 -17.61 -29.24
C GLY D 367 9.03 -17.85 -29.47
N VAL D 368 9.50 -17.53 -30.67
CA VAL D 368 10.90 -17.70 -30.99
C VAL D 368 11.76 -16.86 -30.04
N GLU D 369 11.40 -15.59 -29.89
CA GLU D 369 12.19 -14.72 -29.02
C GLU D 369 12.23 -15.19 -27.57
N GLY D 370 11.14 -15.82 -27.11
CA GLY D 370 11.12 -16.31 -25.74
C GLY D 370 12.15 -17.42 -25.58
N VAL D 371 12.24 -18.25 -26.61
CA VAL D 371 13.18 -19.37 -26.62
C VAL D 371 14.61 -18.84 -26.76
N ARG D 372 14.80 -17.85 -27.63
CA ARG D 372 16.13 -17.28 -27.84
C ARG D 372 16.68 -16.66 -26.57
N TRP D 373 15.86 -15.84 -25.90
CA TRP D 373 16.29 -15.18 -24.67
C TRP D 373 16.85 -16.20 -23.68
N VAL D 374 16.11 -17.27 -23.47
CA VAL D 374 16.53 -18.31 -22.53
C VAL D 374 17.87 -18.91 -22.99
N GLU D 375 17.96 -19.23 -24.27
CA GLU D 375 19.17 -19.82 -24.82
C GLU D 375 20.38 -18.91 -24.62
N ARG D 376 20.20 -17.61 -24.86
CA ARG D 376 21.30 -16.66 -24.69
C ARG D 376 21.70 -16.53 -23.20
N CYS D 377 20.73 -16.45 -22.31
CA CYS D 377 21.02 -16.34 -20.88
C CYS D 377 21.78 -17.57 -20.39
N VAL D 378 21.33 -18.75 -20.82
CA VAL D 378 21.99 -19.99 -20.43
C VAL D 378 23.42 -20.02 -20.96
N LEU D 379 23.62 -19.56 -22.19
CA LEU D 379 24.96 -19.54 -22.78
C LEU D 379 25.87 -18.66 -21.93
N SER D 380 25.38 -17.48 -21.57
CA SER D 380 26.16 -16.56 -20.75
C SER D 380 26.44 -17.11 -19.34
N ALA D 381 25.38 -17.56 -18.68
CA ALA D 381 25.49 -18.10 -17.32
C ALA D 381 26.44 -19.30 -17.28
N ASP D 382 26.38 -20.15 -18.29
CA ASP D 382 27.25 -21.32 -18.37
C ASP D 382 28.70 -20.88 -18.58
N ASN D 383 28.90 -19.66 -19.03
CA ASN D 383 30.24 -19.16 -19.27
C ASN D 383 30.58 -17.99 -18.36
N ASP D 384 30.24 -18.16 -17.09
CA ASP D 384 30.49 -17.21 -16.02
C ASP D 384 30.04 -15.77 -16.25
N SER D 385 28.88 -15.61 -16.87
CA SER D 385 28.29 -14.30 -17.11
C SER D 385 28.99 -13.36 -18.07
N ILE D 386 29.61 -13.91 -19.11
CA ILE D 386 30.27 -13.09 -20.12
C ILE D 386 29.16 -12.46 -20.94
N TRP D 387 29.46 -11.36 -21.62
CA TRP D 387 28.47 -10.73 -22.48
C TRP D 387 28.32 -11.60 -23.71
N VAL D 388 27.08 -11.80 -24.15
CA VAL D 388 26.83 -12.57 -25.35
C VAL D 388 25.92 -11.74 -26.25
N ALA D 389 26.21 -11.75 -27.56
CA ALA D 389 25.42 -11.01 -28.51
C ALA D 389 24.03 -11.64 -28.50
N TYR D 390 22.99 -10.82 -28.55
CA TYR D 390 21.64 -11.38 -28.53
C TYR D 390 21.42 -12.11 -29.83
N GLU D 391 21.80 -11.47 -30.93
CA GLU D 391 21.68 -12.03 -32.26
C GLU D 391 23.10 -12.36 -32.74
N GLY D 392 23.23 -13.41 -33.54
CA GLY D 392 24.55 -13.79 -34.04
C GLY D 392 25.26 -14.84 -33.22
N HIS D 393 26.46 -15.22 -33.65
CA HIS D 393 27.25 -16.25 -32.97
C HIS D 393 28.26 -15.70 -31.96
N HIS D 394 28.24 -16.27 -30.76
CA HIS D 394 29.17 -15.86 -29.71
C HIS D 394 30.38 -16.80 -29.70
N HIS D 395 31.58 -16.24 -29.57
CA HIS D 395 32.81 -17.04 -29.59
C HIS D 395 33.79 -16.77 -28.45
N HIS D 396 34.50 -17.82 -28.04
CA HIS D 396 35.51 -17.69 -26.99
C HIS D 396 36.68 -16.90 -27.60
N HIS D 397 37.07 -17.30 -28.80
CA HIS D 397 38.18 -16.67 -29.53
C HIS D 397 37.80 -16.55 -30.99
N HIS D 398 38.13 -15.42 -31.62
CA HIS D 398 37.78 -15.24 -33.02
C HIS D 398 38.46 -14.02 -33.59
MG MG E . -30.29 16.19 6.34
MG MG F . -48.46 -9.72 2.97
MG MG G . 27.35 -19.57 -9.55
MG MG H . 16.00 -26.37 -38.78
#